data_1IE5
#
_entry.id   1IE5
#
_cell.length_a   ?
_cell.length_b   ?
_cell.length_c   ?
_cell.angle_alpha   ?
_cell.angle_beta   ?
_cell.angle_gamma   ?
#
_entity_poly.entity_id   1
_entity_poly.type   'polypeptide(L)'
_entity_poly.pdbx_seq_one_letter_code
;GKDIQVIVNVPPSVRARQSTMNATANLSQSVTLACDADGFPEPTMTWTKDGEPIEQEDNEEKYSFNYDGSELIIKKVDKS
DEAEYICIAENKAGEQDATIHLKVFAK
;
_entity_poly.pdbx_strand_id   A
#
# COMPACT_ATOMS: atom_id res chain seq x y z
N GLY A 1 -21.20 9.15 -13.60
CA GLY A 1 -20.70 8.31 -12.50
C GLY A 1 -21.79 7.48 -11.85
N LYS A 2 -21.42 6.36 -11.21
CA LYS A 2 -22.36 5.42 -10.57
C LYS A 2 -21.70 4.50 -9.52
N ASP A 3 -22.52 3.90 -8.67
CA ASP A 3 -22.11 2.93 -7.66
C ASP A 3 -21.93 1.53 -8.28
N ILE A 4 -23.01 1.02 -8.92
CA ILE A 4 -23.08 -0.21 -9.74
C ILE A 4 -24.20 -0.07 -10.78
N GLN A 5 -25.39 0.34 -10.32
CA GLN A 5 -26.60 0.62 -11.14
C GLN A 5 -27.46 1.76 -10.57
N VAL A 6 -26.80 2.70 -9.88
CA VAL A 6 -27.40 3.84 -9.17
C VAL A 6 -26.45 5.03 -9.26
N ILE A 7 -26.96 6.24 -9.52
CA ILE A 7 -26.15 7.44 -9.75
C ILE A 7 -25.72 7.99 -8.38
N VAL A 8 -24.53 7.58 -7.94
CA VAL A 8 -23.82 8.02 -6.73
C VAL A 8 -22.32 8.02 -7.04
N ASN A 9 -21.57 8.93 -6.46
CA ASN A 9 -20.11 8.98 -6.53
C ASN A 9 -19.54 9.10 -5.09
N VAL A 10 -18.89 8.01 -4.68
CA VAL A 10 -18.40 7.76 -3.31
C VAL A 10 -16.89 8.11 -3.24
N PRO A 11 -16.48 9.09 -2.41
CA PRO A 11 -15.07 9.43 -2.15
C PRO A 11 -14.25 8.20 -1.70
N PRO A 12 -12.90 8.19 -1.91
CA PRO A 12 -12.10 7.01 -1.63
C PRO A 12 -11.81 6.88 -0.14
N SER A 13 -11.45 5.68 0.26
CA SER A 13 -11.11 5.31 1.63
C SER A 13 -9.91 4.38 1.57
N VAL A 14 -8.72 4.89 1.88
CA VAL A 14 -7.50 4.09 2.07
C VAL A 14 -7.18 4.01 3.56
N ARG A 15 -6.65 2.88 4.05
CA ARG A 15 -6.21 2.70 5.44
C ARG A 15 -5.06 1.71 5.61
N ALA A 16 -4.24 1.92 6.65
CA ALA A 16 -3.05 1.12 6.93
C ALA A 16 -3.45 -0.14 7.70
N ARG A 17 -3.63 -1.24 6.95
CA ARG A 17 -4.21 -2.55 7.36
C ARG A 17 -3.96 -3.00 8.81
N GLN A 18 -2.75 -2.83 9.35
CA GLN A 18 -2.46 -3.03 10.79
C GLN A 18 -1.51 -1.99 11.43
N SER A 19 -1.17 -0.90 10.73
CA SER A 19 -0.44 0.30 11.21
C SER A 19 1.07 0.07 11.42
N THR A 20 1.48 -1.07 11.98
CA THR A 20 2.88 -1.43 12.25
C THR A 20 3.11 -2.92 11.95
N MET A 21 3.99 -3.17 10.99
CA MET A 21 4.55 -4.48 10.67
C MET A 21 5.91 -4.69 11.38
N ASN A 22 6.41 -5.92 11.38
CA ASN A 22 7.76 -6.24 11.82
C ASN A 22 8.30 -7.48 11.07
N ALA A 23 9.63 -7.64 11.02
CA ALA A 23 10.25 -8.77 10.32
C ALA A 23 11.66 -9.08 10.80
N THR A 24 12.03 -10.36 10.75
CA THR A 24 13.38 -10.84 11.09
C THR A 24 14.25 -10.79 9.84
N ALA A 25 15.35 -10.05 9.90
CA ALA A 25 16.26 -9.85 8.79
C ALA A 25 17.33 -10.95 8.65
N ASN A 26 18.11 -10.92 7.56
CA ASN A 26 19.20 -11.84 7.20
C ASN A 26 18.72 -13.29 6.91
N LEU A 27 17.41 -13.55 6.85
CA LEU A 27 16.85 -14.88 6.61
C LEU A 27 16.46 -15.13 5.14
N SER A 28 16.43 -14.09 4.30
CA SER A 28 16.00 -14.15 2.88
C SER A 28 14.55 -14.64 2.71
N GLN A 29 13.70 -14.40 3.72
CA GLN A 29 12.28 -14.79 3.72
C GLN A 29 11.39 -13.79 2.96
N SER A 30 10.16 -14.18 2.61
CA SER A 30 9.17 -13.33 1.96
C SER A 30 8.10 -12.91 2.96
N VAL A 31 7.56 -11.70 2.80
CA VAL A 31 6.67 -11.02 3.77
C VAL A 31 5.58 -10.19 3.08
N THR A 32 4.32 -10.28 3.55
CA THR A 32 3.19 -9.49 3.03
C THR A 32 2.83 -8.34 3.98
N LEU A 33 2.41 -7.21 3.40
CA LEU A 33 1.88 -6.03 4.12
C LEU A 33 1.01 -5.15 3.22
N ALA A 34 0.26 -4.19 3.74
CA ALA A 34 -0.75 -3.49 2.96
C ALA A 34 -1.30 -2.18 3.58
N CYS A 35 -1.70 -1.29 2.70
CA CYS A 35 -2.47 -0.08 2.99
C CYS A 35 -3.66 -0.09 2.02
N ASP A 36 -4.73 -0.80 2.39
CA ASP A 36 -5.84 -1.16 1.49
C ASP A 36 -6.79 0.00 1.17
N ALA A 37 -7.27 0.08 -0.08
CA ALA A 37 -8.07 1.15 -0.59
C ALA A 37 -9.40 0.69 -1.18
N ASP A 38 -10.38 1.60 -1.24
CA ASP A 38 -11.73 1.38 -1.82
C ASP A 38 -12.39 2.70 -2.28
N GLY A 39 -13.41 2.66 -3.14
CA GLY A 39 -14.20 3.81 -3.64
C GLY A 39 -15.05 3.43 -4.86
N PHE A 40 -16.03 4.28 -5.24
CA PHE A 40 -16.96 4.00 -6.34
C PHE A 40 -17.32 5.29 -7.14
N PRO A 41 -17.02 5.38 -8.45
CA PRO A 41 -16.23 4.44 -9.24
C PRO A 41 -14.80 4.21 -8.69
N GLU A 42 -14.17 3.12 -9.16
CA GLU A 42 -12.88 2.60 -8.69
C GLU A 42 -11.78 3.66 -8.49
N PRO A 43 -10.98 3.53 -7.42
CA PRO A 43 -9.92 4.50 -7.12
C PRO A 43 -8.60 4.20 -7.82
N THR A 44 -7.71 5.18 -7.74
CA THR A 44 -6.28 5.15 -8.12
C THR A 44 -5.45 5.46 -6.87
N MET A 45 -4.27 4.84 -6.72
CA MET A 45 -3.48 4.97 -5.49
C MET A 45 -2.00 4.66 -5.70
N THR A 46 -1.16 5.19 -4.80
CA THR A 46 0.31 5.00 -4.76
C THR A 46 0.82 5.18 -3.33
N TRP A 47 2.06 4.75 -3.06
CA TRP A 47 2.68 4.83 -1.74
C TRP A 47 4.20 4.85 -1.80
N THR A 48 4.86 5.31 -0.74
CA THR A 48 6.30 5.62 -0.69
C THR A 48 7.07 4.82 0.37
N LYS A 49 8.38 4.65 0.16
CA LYS A 49 9.33 4.01 1.09
C LYS A 49 10.10 5.07 1.88
N ASP A 50 9.41 5.74 2.81
CA ASP A 50 9.90 6.88 3.61
C ASP A 50 10.11 8.18 2.83
N GLY A 51 10.03 8.16 1.49
CA GLY A 51 10.15 9.34 0.63
C GLY A 51 10.11 9.07 -0.88
N GLU A 52 10.69 7.94 -1.33
CA GLU A 52 10.71 7.55 -2.74
C GLU A 52 9.51 6.63 -3.10
N PRO A 53 8.96 6.70 -4.33
CA PRO A 53 7.71 6.02 -4.65
C PRO A 53 7.89 4.51 -4.94
N ILE A 54 6.96 3.71 -4.40
CA ILE A 54 6.77 2.26 -4.61
C ILE A 54 5.68 2.06 -5.70
N GLU A 55 5.68 2.91 -6.73
CA GLU A 55 4.65 2.99 -7.75
C GLU A 55 4.46 1.69 -8.53
N GLN A 56 3.23 1.16 -8.51
CA GLN A 56 2.89 -0.18 -8.99
C GLN A 56 3.05 -0.38 -10.53
N GLU A 57 3.27 0.70 -11.28
CA GLU A 57 3.44 0.70 -12.74
C GLU A 57 4.91 0.69 -13.19
N ASP A 58 5.89 0.79 -12.28
CA ASP A 58 7.33 0.89 -12.65
C ASP A 58 8.29 0.38 -11.56
N ASN A 59 7.89 0.34 -10.29
CA ASN A 59 8.71 -0.15 -9.16
C ASN A 59 8.20 -1.52 -8.71
N GLU A 60 8.97 -2.58 -9.02
CA GLU A 60 8.53 -3.98 -8.89
C GLU A 60 9.68 -4.98 -8.64
N GLU A 61 10.88 -4.47 -8.33
CA GLU A 61 12.15 -5.23 -8.28
C GLU A 61 12.17 -6.50 -7.39
N LYS A 62 11.33 -6.56 -6.34
CA LYS A 62 11.09 -7.78 -5.53
C LYS A 62 9.74 -7.71 -4.80
N TYR A 63 8.68 -7.36 -5.52
CA TYR A 63 7.35 -7.23 -4.92
C TYR A 63 6.19 -7.19 -5.94
N SER A 64 5.01 -7.69 -5.53
CA SER A 64 3.79 -7.80 -6.33
C SER A 64 2.54 -7.98 -5.45
N PHE A 65 1.36 -7.61 -5.95
CA PHE A 65 0.10 -7.50 -5.23
C PHE A 65 -1.15 -7.85 -6.08
N ASN A 66 -2.32 -7.85 -5.42
CA ASN A 66 -3.67 -8.07 -6.02
C ASN A 66 -4.50 -6.78 -6.12
N TYR A 67 -5.49 -6.76 -7.01
CA TYR A 67 -6.51 -5.69 -7.10
C TYR A 67 -7.53 -5.77 -5.95
N ASP A 68 -8.36 -4.73 -5.78
CA ASP A 68 -9.38 -4.58 -4.71
C ASP A 68 -8.75 -4.64 -3.29
N GLY A 69 -7.49 -4.20 -3.21
CA GLY A 69 -6.62 -4.22 -2.04
C GLY A 69 -5.22 -3.72 -2.39
N SER A 70 -4.27 -3.88 -1.48
CA SER A 70 -2.92 -3.29 -1.56
C SER A 70 -1.87 -4.26 -0.99
N GLU A 71 -2.16 -5.55 -1.01
CA GLU A 71 -1.36 -6.59 -0.34
C GLU A 71 -0.07 -6.88 -1.08
N LEU A 72 0.95 -6.06 -0.83
CA LEU A 72 2.23 -6.05 -1.48
C LEU A 72 3.13 -7.09 -0.81
N ILE A 73 3.39 -8.18 -1.52
CA ILE A 73 4.19 -9.31 -1.07
C ILE A 73 5.63 -9.06 -1.52
N ILE A 74 6.49 -8.87 -0.53
CA ILE A 74 7.92 -8.47 -0.68
C ILE A 74 8.75 -9.73 -0.55
N LYS A 75 9.60 -10.02 -1.54
CA LYS A 75 10.46 -11.21 -1.47
C LYS A 75 11.79 -10.86 -0.77
N LYS A 76 12.52 -11.90 -0.38
CA LYS A 76 13.85 -11.89 0.27
C LYS A 76 14.20 -10.62 1.09
N VAL A 77 13.59 -10.52 2.27
CA VAL A 77 13.91 -9.54 3.32
C VAL A 77 15.30 -9.83 3.90
N ASP A 78 16.13 -8.78 4.03
CA ASP A 78 17.56 -8.93 4.34
C ASP A 78 18.11 -7.97 5.39
N LYS A 79 17.67 -6.71 5.41
CA LYS A 79 18.00 -5.62 6.35
C LYS A 79 17.54 -4.25 5.81
N SER A 80 17.54 -4.10 4.49
CA SER A 80 17.25 -2.84 3.79
C SER A 80 15.75 -2.56 3.61
N ASP A 81 14.91 -3.46 4.08
CA ASP A 81 13.45 -3.47 3.87
C ASP A 81 12.67 -2.54 4.81
N GLU A 82 13.32 -1.96 5.82
CA GLU A 82 12.75 -0.97 6.74
C GLU A 82 12.12 0.22 5.98
N ALA A 83 10.95 0.69 6.43
CA ALA A 83 10.15 1.68 5.70
C ALA A 83 9.09 2.37 6.56
N GLU A 84 8.70 3.57 6.08
CA GLU A 84 7.56 4.34 6.55
C GLU A 84 6.64 4.53 5.35
N TYR A 85 5.64 3.64 5.22
CA TYR A 85 4.78 3.44 4.08
C TYR A 85 3.59 4.41 4.11
N ILE A 86 3.86 5.67 3.77
CA ILE A 86 2.80 6.67 3.57
C ILE A 86 2.08 6.34 2.25
N CYS A 87 0.75 6.28 2.29
CA CYS A 87 -0.12 5.82 1.23
C CYS A 87 -1.27 6.78 0.94
N ILE A 88 -1.53 7.01 -0.35
CA ILE A 88 -2.45 8.04 -0.86
C ILE A 88 -3.37 7.40 -1.90
N ALA A 89 -4.66 7.69 -1.83
CA ALA A 89 -5.63 7.28 -2.82
C ALA A 89 -6.52 8.45 -3.28
N GLU A 90 -7.03 8.36 -4.50
CA GLU A 90 -7.82 9.38 -5.19
C GLU A 90 -8.83 8.69 -6.11
N ASN A 91 -10.02 9.27 -6.29
CA ASN A 91 -10.96 8.85 -7.31
C ASN A 91 -11.75 10.06 -7.87
N LYS A 92 -12.84 9.76 -8.57
CA LYS A 92 -13.65 10.72 -9.32
C LYS A 92 -14.57 11.57 -8.40
N ALA A 93 -14.67 11.18 -7.13
CA ALA A 93 -15.41 11.87 -6.06
C ALA A 93 -14.55 12.55 -4.97
N GLY A 94 -13.28 12.15 -4.76
CA GLY A 94 -12.46 12.67 -3.67
C GLY A 94 -11.02 12.13 -3.57
N GLU A 95 -10.39 12.26 -2.39
CA GLU A 95 -8.98 11.93 -2.10
C GLU A 95 -8.83 11.56 -0.60
N GLN A 96 -7.89 10.67 -0.25
CA GLN A 96 -7.66 10.16 1.10
C GLN A 96 -6.21 9.66 1.29
N ASP A 97 -5.77 9.43 2.55
CA ASP A 97 -4.41 8.96 2.88
C ASP A 97 -4.30 8.20 4.22
N ALA A 98 -3.25 7.38 4.39
CA ALA A 98 -2.86 6.72 5.64
C ALA A 98 -1.33 6.46 5.68
N THR A 99 -0.81 5.75 6.70
CA THR A 99 0.61 5.42 6.86
C THR A 99 0.81 4.11 7.64
N ILE A 100 1.59 3.17 7.07
CA ILE A 100 2.06 1.96 7.76
C ILE A 100 3.54 2.16 8.18
N HIS A 101 4.00 1.42 9.20
CA HIS A 101 5.41 1.32 9.59
C HIS A 101 5.89 -0.14 9.41
N LEU A 102 7.20 -0.36 9.29
CA LEU A 102 7.79 -1.69 9.22
C LEU A 102 9.18 -1.72 9.90
N LYS A 103 9.23 -2.23 11.14
CA LYS A 103 10.46 -2.39 11.94
C LYS A 103 11.17 -3.72 11.65
N VAL A 104 12.30 -3.66 10.93
CA VAL A 104 13.10 -4.81 10.49
C VAL A 104 14.33 -4.97 11.40
N PHE A 105 14.42 -6.08 12.14
CA PHE A 105 15.44 -6.32 13.15
C PHE A 105 16.41 -7.45 12.74
N ALA A 106 17.70 -7.24 13.02
CA ALA A 106 18.79 -8.13 12.58
C ALA A 106 19.15 -9.23 13.62
N LYS A 107 18.14 -9.91 14.17
CA LYS A 107 18.25 -11.03 15.12
C LYS A 107 18.93 -10.59 16.45
N GLY A 1 -17.18 15.23 -8.56
CA GLY A 1 -17.91 13.96 -8.85
C GLY A 1 -19.38 14.17 -9.16
N LYS A 2 -19.99 13.18 -9.82
CA LYS A 2 -21.41 13.11 -10.21
C LYS A 2 -21.81 11.65 -10.50
N ASP A 3 -23.05 11.30 -10.19
CA ASP A 3 -23.65 10.00 -10.58
C ASP A 3 -24.15 10.05 -12.04
N ILE A 4 -23.67 9.14 -12.89
CA ILE A 4 -23.91 9.15 -14.36
C ILE A 4 -25.03 8.17 -14.77
N GLN A 5 -25.41 7.25 -13.87
CA GLN A 5 -26.40 6.16 -14.08
C GLN A 5 -26.86 5.68 -12.68
N VAL A 6 -27.37 4.46 -12.59
CA VAL A 6 -27.67 3.73 -11.34
C VAL A 6 -26.35 3.22 -10.71
N ILE A 7 -25.40 4.15 -10.51
CA ILE A 7 -23.99 3.98 -10.12
C ILE A 7 -23.64 5.25 -9.35
N VAL A 8 -23.41 5.12 -8.05
CA VAL A 8 -23.15 6.23 -7.13
C VAL A 8 -21.65 6.55 -7.11
N ASN A 9 -21.27 7.83 -7.04
CA ASN A 9 -19.87 8.29 -6.97
C ASN A 9 -19.40 8.39 -5.50
N VAL A 10 -18.67 7.35 -5.08
CA VAL A 10 -18.18 7.11 -3.70
C VAL A 10 -16.70 7.52 -3.60
N PRO A 11 -16.30 8.44 -2.70
CA PRO A 11 -14.90 8.82 -2.46
C PRO A 11 -13.98 7.62 -2.11
N PRO A 12 -12.66 7.76 -2.27
CA PRO A 12 -11.71 6.74 -1.86
C PRO A 12 -11.71 6.52 -0.34
N SER A 13 -11.44 5.28 0.07
CA SER A 13 -11.52 4.78 1.42
C SER A 13 -10.28 3.93 1.72
N VAL A 14 -9.12 4.61 1.77
CA VAL A 14 -7.82 3.99 2.04
C VAL A 14 -7.50 3.96 3.54
N ARG A 15 -7.00 2.84 4.03
CA ARG A 15 -6.67 2.57 5.46
C ARG A 15 -5.34 1.83 5.59
N ALA A 16 -4.84 1.77 6.82
CA ALA A 16 -3.72 0.92 7.21
C ALA A 16 -4.21 -0.48 7.60
N ARG A 17 -3.57 -1.51 7.04
CA ARG A 17 -3.88 -2.94 7.31
C ARG A 17 -3.20 -3.45 8.61
N GLN A 18 -2.20 -2.71 9.10
CA GLN A 18 -1.46 -2.89 10.35
C GLN A 18 -0.74 -1.58 10.68
N SER A 19 -0.39 -1.36 11.95
CA SER A 19 0.25 -0.10 12.42
C SER A 19 1.77 -0.18 12.49
N THR A 20 2.32 -1.33 12.88
CA THR A 20 3.79 -1.54 13.05
C THR A 20 4.15 -2.99 12.73
N MET A 21 4.51 -3.23 11.47
CA MET A 21 5.08 -4.49 11.01
C MET A 21 6.55 -4.65 11.46
N ASN A 22 7.06 -5.88 11.46
CA ASN A 22 8.45 -6.21 11.83
C ASN A 22 8.86 -7.59 11.29
N ALA A 23 10.17 -7.81 11.09
CA ALA A 23 10.69 -9.03 10.48
C ALA A 23 12.22 -9.17 10.66
N THR A 24 12.68 -10.42 10.56
CA THR A 24 14.12 -10.78 10.59
C THR A 24 14.69 -10.81 9.17
N ALA A 25 15.74 -10.03 8.91
CA ALA A 25 16.44 -9.98 7.63
C ALA A 25 17.25 -11.26 7.37
N ASN A 26 17.51 -11.53 6.08
CA ASN A 26 18.42 -12.57 5.57
C ASN A 26 17.90 -14.01 5.62
N LEU A 27 16.63 -14.23 5.99
CA LEU A 27 16.02 -15.57 6.11
C LEU A 27 15.36 -16.09 4.83
N SER A 28 15.32 -15.28 3.77
CA SER A 28 14.83 -15.64 2.43
C SER A 28 13.34 -16.00 2.37
N GLN A 29 12.55 -15.44 3.31
CA GLN A 29 11.11 -15.67 3.49
C GLN A 29 10.27 -14.70 2.62
N SER A 30 8.94 -14.77 2.74
CA SER A 30 7.99 -13.80 2.19
C SER A 30 7.07 -13.23 3.27
N VAL A 31 6.75 -11.93 3.11
CA VAL A 31 6.00 -11.13 4.08
C VAL A 31 4.96 -10.24 3.37
N THR A 32 3.75 -10.10 3.91
CA THR A 32 2.69 -9.23 3.33
C THR A 32 2.32 -8.10 4.30
N LEU A 33 1.98 -6.94 3.76
CA LEU A 33 1.45 -5.75 4.46
C LEU A 33 0.71 -4.85 3.44
N ALA A 34 -0.06 -3.85 3.91
CA ALA A 34 -0.92 -3.08 3.01
C ALA A 34 -1.37 -1.72 3.55
N CYS A 35 -1.62 -0.82 2.61
CA CYS A 35 -2.27 0.47 2.79
C CYS A 35 -3.56 0.41 1.96
N ASP A 36 -4.47 -0.49 2.37
CA ASP A 36 -5.66 -0.97 1.65
C ASP A 36 -6.67 0.09 1.22
N ALA A 37 -6.82 0.24 -0.10
CA ALA A 37 -7.77 1.17 -0.73
C ALA A 37 -9.08 0.50 -1.19
N ASP A 38 -10.12 1.32 -1.38
CA ASP A 38 -11.43 0.96 -1.93
C ASP A 38 -12.17 2.25 -2.39
N GLY A 39 -13.19 2.14 -3.25
CA GLY A 39 -13.96 3.25 -3.82
C GLY A 39 -14.85 2.79 -4.99
N PHE A 40 -15.72 3.66 -5.50
CA PHE A 40 -16.65 3.31 -6.59
C PHE A 40 -17.04 4.56 -7.43
N PRO A 41 -16.61 4.65 -8.71
CA PRO A 41 -15.68 3.76 -9.40
C PRO A 41 -14.32 3.58 -8.69
N GLU A 42 -13.71 2.42 -8.88
CA GLU A 42 -12.47 1.98 -8.25
C GLU A 42 -11.37 3.05 -8.27
N PRO A 43 -10.63 3.27 -7.16
CA PRO A 43 -9.73 4.40 -7.03
C PRO A 43 -8.38 4.17 -7.70
N THR A 44 -7.67 5.29 -7.91
CA THR A 44 -6.26 5.31 -8.33
C THR A 44 -5.42 5.62 -7.09
N MET A 45 -4.25 4.98 -6.94
CA MET A 45 -3.43 5.13 -5.72
C MET A 45 -1.93 4.87 -5.95
N THR A 46 -1.10 5.43 -5.08
CA THR A 46 0.37 5.24 -5.02
C THR A 46 0.84 5.43 -3.58
N TRP A 47 2.05 4.96 -3.29
CA TRP A 47 2.63 5.02 -1.94
C TRP A 47 4.16 4.96 -1.89
N THR A 48 4.72 5.47 -0.78
CA THR A 48 6.17 5.72 -0.60
C THR A 48 6.69 5.11 0.69
N LYS A 49 8.02 4.95 0.83
CA LYS A 49 8.76 4.61 2.07
C LYS A 49 9.62 5.78 2.51
N ASP A 50 9.15 6.55 3.49
CA ASP A 50 9.80 7.75 4.06
C ASP A 50 9.81 8.99 3.11
N GLY A 51 9.90 8.78 1.80
CA GLY A 51 9.93 9.82 0.75
C GLY A 51 10.11 9.27 -0.68
N GLU A 52 10.66 8.07 -0.88
CA GLU A 52 10.82 7.46 -2.22
C GLU A 52 9.67 6.51 -2.58
N PRO A 53 9.21 6.45 -3.85
CA PRO A 53 7.98 5.74 -4.24
C PRO A 53 8.18 4.23 -4.47
N ILE A 54 7.13 3.46 -4.13
CA ILE A 54 7.07 1.99 -4.24
C ILE A 54 6.24 1.53 -5.45
N GLU A 55 5.90 2.51 -6.31
CA GLU A 55 5.13 2.44 -7.56
C GLU A 55 5.11 1.07 -8.27
N GLN A 56 4.15 0.22 -7.92
CA GLN A 56 4.08 -1.19 -8.31
C GLN A 56 3.87 -1.46 -9.81
N GLU A 57 3.75 -0.40 -10.61
CA GLU A 57 3.67 -0.45 -12.09
C GLU A 57 5.06 -0.40 -12.78
N ASP A 58 6.14 -0.17 -12.02
CA ASP A 58 7.51 -0.10 -12.56
C ASP A 58 8.60 -0.37 -11.49
N ASN A 59 8.33 -0.06 -10.23
CA ASN A 59 9.17 -0.46 -9.10
C ASN A 59 8.66 -1.77 -8.49
N GLU A 60 9.35 -2.87 -8.79
CA GLU A 60 8.96 -4.27 -8.47
C GLU A 60 10.09 -5.10 -7.82
N GLU A 61 11.22 -4.48 -7.48
CA GLU A 61 12.52 -5.06 -7.03
C GLU A 61 12.49 -6.48 -6.41
N LYS A 62 11.61 -6.70 -5.43
CA LYS A 62 11.27 -8.02 -4.85
C LYS A 62 9.86 -7.99 -4.24
N TYR A 63 8.89 -7.47 -5.00
CA TYR A 63 7.52 -7.24 -4.51
C TYR A 63 6.46 -6.90 -5.59
N SER A 64 5.19 -7.19 -5.27
CA SER A 64 3.99 -6.85 -6.07
C SER A 64 2.69 -7.09 -5.28
N PHE A 65 1.55 -6.59 -5.77
CA PHE A 65 0.25 -6.54 -5.09
C PHE A 65 -0.99 -6.80 -5.99
N ASN A 66 -2.19 -6.72 -5.41
CA ASN A 66 -3.49 -6.79 -6.11
C ASN A 66 -4.14 -5.41 -6.39
N TYR A 67 -5.29 -5.40 -7.09
CA TYR A 67 -5.93 -4.16 -7.57
C TYR A 67 -7.23 -3.75 -6.80
N ASP A 68 -7.94 -4.69 -6.20
CA ASP A 68 -9.14 -4.50 -5.37
C ASP A 68 -8.80 -4.37 -3.87
N GLY A 69 -7.59 -3.90 -3.60
CA GLY A 69 -6.91 -3.82 -2.31
C GLY A 69 -5.48 -3.30 -2.57
N SER A 70 -4.55 -3.56 -1.65
CA SER A 70 -3.20 -2.97 -1.66
C SER A 70 -2.13 -3.84 -0.99
N GLU A 71 -2.39 -5.13 -0.79
CA GLU A 71 -1.51 -6.12 -0.15
C GLU A 71 -0.21 -6.34 -0.94
N LEU A 72 0.80 -5.58 -0.56
CA LEU A 72 2.17 -5.66 -1.10
C LEU A 72 2.90 -6.87 -0.49
N ILE A 73 3.16 -7.87 -1.31
CA ILE A 73 3.87 -9.08 -0.90
C ILE A 73 5.34 -8.89 -1.26
N ILE A 74 6.20 -8.93 -0.24
CA ILE A 74 7.65 -8.75 -0.33
C ILE A 74 8.29 -10.13 -0.15
N LYS A 75 9.24 -10.50 -1.01
CA LYS A 75 10.07 -11.68 -0.85
C LYS A 75 11.51 -11.30 -0.56
N LYS A 76 12.23 -12.19 0.11
CA LYS A 76 13.69 -12.11 0.42
C LYS A 76 14.04 -10.85 1.25
N VAL A 77 13.30 -10.65 2.33
CA VAL A 77 13.36 -9.45 3.22
C VAL A 77 14.77 -9.13 3.71
N ASP A 78 15.12 -7.84 3.72
CA ASP A 78 16.42 -7.31 4.19
C ASP A 78 16.25 -5.91 4.84
N LYS A 79 17.33 -5.34 5.35
CA LYS A 79 17.40 -4.01 6.01
C LYS A 79 16.86 -2.85 5.15
N SER A 80 16.86 -3.01 3.82
CA SER A 80 16.33 -2.04 2.86
C SER A 80 14.80 -1.99 2.80
N ASP A 81 14.12 -2.98 3.38
CA ASP A 81 12.65 -2.99 3.47
C ASP A 81 12.10 -2.22 4.70
N GLU A 82 12.96 -1.82 5.64
CA GLU A 82 12.57 -0.91 6.74
C GLU A 82 11.95 0.38 6.18
N ALA A 83 10.81 0.81 6.71
CA ALA A 83 10.03 1.90 6.10
C ALA A 83 9.01 2.60 7.02
N GLU A 84 8.75 3.87 6.69
CA GLU A 84 7.66 4.67 7.21
C GLU A 84 6.73 4.90 6.00
N TYR A 85 5.81 3.95 5.78
CA TYR A 85 4.96 3.90 4.59
C TYR A 85 3.86 4.95 4.64
N ILE A 86 3.65 5.68 3.54
CA ILE A 86 2.57 6.66 3.39
C ILE A 86 1.89 6.46 2.03
N CYS A 87 0.57 6.24 2.04
CA CYS A 87 -0.24 6.06 0.84
C CYS A 87 -1.27 7.17 0.62
N ILE A 88 -1.56 7.40 -0.67
CA ILE A 88 -2.52 8.36 -1.18
C ILE A 88 -3.43 7.63 -2.19
N ALA A 89 -4.75 7.73 -1.99
CA ALA A 89 -5.75 7.30 -2.96
C ALA A 89 -6.61 8.47 -3.45
N GLU A 90 -7.06 8.40 -4.69
CA GLU A 90 -7.82 9.45 -5.37
C GLU A 90 -8.79 8.86 -6.39
N ASN A 91 -9.97 9.46 -6.58
CA ASN A 91 -10.89 9.15 -7.66
C ASN A 91 -11.73 10.39 -8.03
N LYS A 92 -12.69 10.22 -8.94
CA LYS A 92 -13.62 11.29 -9.41
C LYS A 92 -14.54 11.88 -8.33
N ALA A 93 -14.73 11.15 -7.23
CA ALA A 93 -15.54 11.55 -6.08
C ALA A 93 -14.74 12.14 -4.90
N GLY A 94 -13.44 11.89 -4.77
CA GLY A 94 -12.64 12.45 -3.66
C GLY A 94 -11.18 11.97 -3.57
N GLU A 95 -10.58 12.13 -2.39
CA GLU A 95 -9.17 11.84 -2.09
C GLU A 95 -9.02 11.37 -0.63
N GLN A 96 -8.03 10.51 -0.34
CA GLN A 96 -7.84 9.88 0.98
C GLN A 96 -6.38 9.44 1.22
N ASP A 97 -6.01 9.15 2.48
CA ASP A 97 -4.64 8.74 2.88
C ASP A 97 -4.58 7.86 4.15
N ALA A 98 -3.50 7.05 4.27
CA ALA A 98 -3.13 6.26 5.46
C ALA A 98 -1.60 5.99 5.57
N THR A 99 -1.14 5.41 6.70
CA THR A 99 0.27 5.28 7.10
C THR A 99 0.56 3.98 7.86
N ILE A 100 1.72 3.32 7.64
CA ILE A 100 2.18 2.08 8.33
C ILE A 100 3.68 2.19 8.65
N HIS A 101 4.15 1.56 9.73
CA HIS A 101 5.59 1.41 10.02
C HIS A 101 6.07 -0.03 9.78
N LEU A 102 7.32 -0.22 9.36
CA LEU A 102 7.97 -1.53 9.25
C LEU A 102 9.41 -1.43 9.77
N LYS A 103 9.69 -2.13 10.88
CA LYS A 103 11.01 -2.22 11.53
C LYS A 103 11.66 -3.59 11.23
N VAL A 104 12.63 -3.64 10.32
CA VAL A 104 13.40 -4.89 10.01
C VAL A 104 14.68 -4.91 10.85
N PHE A 105 15.06 -6.09 11.34
CA PHE A 105 16.28 -6.33 12.13
C PHE A 105 17.07 -7.56 11.67
N ALA A 106 18.38 -7.57 11.90
CA ALA A 106 19.28 -8.68 11.55
C ALA A 106 19.72 -9.47 12.81
N LYS A 107 18.74 -9.93 13.60
CA LYS A 107 18.89 -10.59 14.91
C LYS A 107 19.69 -9.73 15.91
N GLY A 1 -24.09 11.43 -15.73
CA GLY A 1 -24.19 11.61 -14.27
C GLY A 1 -23.22 12.67 -13.76
N LYS A 2 -22.97 12.65 -12.44
CA LYS A 2 -22.11 13.62 -11.74
C LYS A 2 -21.62 13.03 -10.42
N ASP A 3 -20.48 13.50 -9.94
CA ASP A 3 -19.85 13.04 -8.68
C ASP A 3 -20.37 13.78 -7.42
N ILE A 4 -21.12 14.86 -7.62
CA ILE A 4 -21.53 15.81 -6.57
C ILE A 4 -22.97 15.61 -6.06
N GLN A 5 -23.86 15.01 -6.86
CA GLN A 5 -25.32 14.96 -6.56
C GLN A 5 -26.10 13.81 -7.23
N VAL A 6 -25.42 12.68 -7.47
CA VAL A 6 -25.98 11.43 -8.03
C VAL A 6 -25.46 10.24 -7.22
N ILE A 7 -26.36 9.41 -6.71
CA ILE A 7 -26.03 8.32 -5.76
C ILE A 7 -25.56 7.04 -6.49
N VAL A 8 -24.31 7.11 -6.93
CA VAL A 8 -23.54 6.07 -7.64
C VAL A 8 -22.06 6.25 -7.35
N ASN A 9 -21.58 7.48 -7.44
CA ASN A 9 -20.21 7.87 -7.12
C ASN A 9 -19.99 8.07 -5.62
N VAL A 10 -18.78 7.74 -5.13
CA VAL A 10 -18.38 7.67 -3.72
C VAL A 10 -16.89 8.02 -3.58
N PRO A 11 -16.52 9.06 -2.80
CA PRO A 11 -15.14 9.39 -2.49
C PRO A 11 -14.35 8.18 -1.91
N PRO A 12 -13.04 8.09 -2.14
CA PRO A 12 -12.27 6.92 -1.79
C PRO A 12 -11.93 6.92 -0.29
N SER A 13 -11.44 5.77 0.21
CA SER A 13 -11.11 5.59 1.63
C SER A 13 -10.03 4.52 1.81
N VAL A 14 -8.78 4.92 1.53
CA VAL A 14 -7.59 4.07 1.77
C VAL A 14 -7.25 4.02 3.25
N ARG A 15 -6.97 2.81 3.75
CA ARG A 15 -6.82 2.55 5.19
C ARG A 15 -5.63 1.65 5.51
N ALA A 16 -5.16 1.74 6.75
CA ALA A 16 -4.04 0.93 7.24
C ALA A 16 -4.55 -0.45 7.72
N ARG A 17 -4.19 -1.51 6.99
CA ARG A 17 -4.58 -2.90 7.34
C ARG A 17 -3.77 -3.43 8.55
N GLN A 18 -2.61 -2.83 8.82
CA GLN A 18 -1.77 -3.02 10.02
C GLN A 18 -1.10 -1.70 10.42
N SER A 19 -0.84 -1.48 11.71
CA SER A 19 -0.21 -0.24 12.22
C SER A 19 1.31 -0.33 12.37
N THR A 20 1.86 -1.54 12.38
CA THR A 20 3.29 -1.88 12.51
C THR A 20 3.51 -3.35 12.13
N MET A 21 4.59 -3.61 11.39
CA MET A 21 5.04 -4.92 10.94
C MET A 21 6.51 -5.14 11.36
N ASN A 22 6.97 -6.39 11.30
CA ASN A 22 8.34 -6.80 11.61
C ASN A 22 8.70 -8.15 10.96
N ALA A 23 10.01 -8.38 10.75
CA ALA A 23 10.60 -9.53 10.08
C ALA A 23 12.13 -9.57 10.30
N THR A 24 12.78 -10.71 10.07
CA THR A 24 14.22 -10.89 10.28
C THR A 24 14.97 -10.62 8.97
N ALA A 25 15.98 -9.76 9.01
CA ALA A 25 16.84 -9.46 7.87
C ALA A 25 17.85 -10.57 7.58
N ASN A 26 18.20 -10.70 6.29
CA ASN A 26 19.28 -11.53 5.75
C ASN A 26 19.02 -13.06 5.77
N LEU A 27 17.87 -13.50 6.29
CA LEU A 27 17.40 -14.90 6.28
C LEU A 27 16.55 -15.26 5.05
N SER A 28 16.37 -14.31 4.11
CA SER A 28 15.66 -14.44 2.81
C SER A 28 14.12 -14.51 2.93
N GLN A 29 13.59 -14.11 4.11
CA GLN A 29 12.16 -14.11 4.44
C GLN A 29 11.26 -13.37 3.45
N SER A 30 9.99 -13.79 3.37
CA SER A 30 8.92 -13.15 2.61
C SER A 30 7.82 -12.67 3.55
N VAL A 31 7.25 -11.49 3.26
CA VAL A 31 6.34 -10.74 4.15
C VAL A 31 5.20 -10.12 3.32
N THR A 32 4.00 -10.01 3.91
CA THR A 32 2.87 -9.25 3.34
C THR A 32 2.38 -8.19 4.32
N LEU A 33 1.96 -7.03 3.81
CA LEU A 33 1.30 -5.94 4.53
C LEU A 33 0.48 -5.08 3.56
N ALA A 34 -0.42 -4.21 4.02
CA ALA A 34 -1.35 -3.53 3.11
C ALA A 34 -1.92 -2.20 3.59
N CYS A 35 -2.05 -1.28 2.63
CA CYS A 35 -2.77 -0.01 2.77
C CYS A 35 -3.98 -0.05 1.83
N ASP A 36 -5.00 -0.83 2.23
CA ASP A 36 -6.15 -1.22 1.41
C ASP A 36 -7.02 -0.03 0.96
N ALA A 37 -7.19 0.13 -0.36
CA ALA A 37 -8.01 1.17 -0.97
C ALA A 37 -9.46 0.71 -1.24
N ASP A 38 -10.37 1.66 -1.40
CA ASP A 38 -11.81 1.46 -1.65
C ASP A 38 -12.42 2.77 -2.20
N GLY A 39 -13.53 2.70 -2.93
CA GLY A 39 -14.26 3.83 -3.53
C GLY A 39 -15.10 3.43 -4.74
N PHE A 40 -15.91 4.36 -5.28
CA PHE A 40 -16.69 4.12 -6.50
C PHE A 40 -16.66 5.36 -7.41
N PRO A 41 -16.06 5.30 -8.62
CA PRO A 41 -15.42 4.11 -9.20
C PRO A 41 -14.14 3.73 -8.47
N GLU A 42 -13.67 2.49 -8.67
CA GLU A 42 -12.42 1.95 -8.15
C GLU A 42 -11.27 2.98 -8.26
N PRO A 43 -10.56 3.31 -7.15
CA PRO A 43 -9.63 4.43 -7.13
C PRO A 43 -8.25 4.10 -7.72
N THR A 44 -7.49 5.18 -7.87
CA THR A 44 -6.04 5.17 -8.20
C THR A 44 -5.25 5.48 -6.92
N MET A 45 -4.04 4.94 -6.73
CA MET A 45 -3.32 5.08 -5.45
C MET A 45 -1.81 4.96 -5.61
N THR A 46 -1.08 5.53 -4.65
CA THR A 46 0.39 5.49 -4.53
C THR A 46 0.84 5.52 -3.07
N TRP A 47 2.09 5.12 -2.82
CA TRP A 47 2.71 5.02 -1.49
C TRP A 47 4.24 4.94 -1.51
N THR A 48 4.89 5.26 -0.39
CA THR A 48 6.35 5.45 -0.28
C THR A 48 7.08 4.44 0.61
N LYS A 49 8.40 4.25 0.39
CA LYS A 49 9.32 3.38 1.16
C LYS A 49 10.34 4.20 1.96
N ASP A 50 9.83 5.18 2.71
CA ASP A 50 10.59 6.18 3.51
C ASP A 50 11.60 7.04 2.69
N GLY A 51 11.42 7.14 1.36
CA GLY A 51 12.29 7.94 0.49
C GLY A 51 11.93 7.98 -1.00
N GLU A 52 11.21 6.98 -1.51
CA GLU A 52 10.80 6.90 -2.91
C GLU A 52 9.51 6.07 -3.10
N PRO A 53 8.79 6.19 -4.24
CA PRO A 53 7.52 5.48 -4.44
C PRO A 53 7.65 3.96 -4.58
N ILE A 54 6.62 3.25 -4.16
CA ILE A 54 6.44 1.78 -4.32
C ILE A 54 5.65 1.44 -5.60
N GLU A 55 5.37 2.46 -6.40
CA GLU A 55 4.69 2.50 -7.72
C GLU A 55 4.52 1.14 -8.42
N GLN A 56 3.46 0.42 -8.10
CA GLN A 56 3.26 -0.98 -8.50
C GLN A 56 3.08 -1.21 -10.01
N GLU A 57 3.09 -0.14 -10.82
CA GLU A 57 3.11 -0.17 -12.30
C GLU A 57 4.51 -0.14 -12.92
N ASP A 58 5.57 0.03 -12.11
CA ASP A 58 6.96 0.14 -12.59
C ASP A 58 8.03 -0.27 -11.57
N ASN A 59 7.77 -0.06 -10.28
CA ASN A 59 8.66 -0.49 -9.19
C ASN A 59 8.21 -1.84 -8.59
N GLU A 60 8.93 -2.92 -8.94
CA GLU A 60 8.55 -4.32 -8.63
C GLU A 60 9.74 -5.19 -8.15
N GLU A 61 10.90 -4.56 -7.90
CA GLU A 61 12.24 -5.16 -7.63
C GLU A 61 12.25 -6.52 -6.89
N LYS A 62 11.44 -6.67 -5.84
CA LYS A 62 11.16 -7.94 -5.15
C LYS A 62 9.80 -7.88 -4.46
N TYR A 63 8.77 -7.41 -5.18
CA TYR A 63 7.45 -7.13 -4.60
C TYR A 63 6.34 -6.88 -5.64
N SER A 64 5.10 -7.11 -5.22
CA SER A 64 3.85 -7.05 -6.04
C SER A 64 2.60 -7.15 -5.15
N PHE A 65 1.46 -6.64 -5.63
CA PHE A 65 0.18 -6.63 -4.92
C PHE A 65 -1.05 -6.89 -5.83
N ASN A 66 -2.25 -6.71 -5.28
CA ASN A 66 -3.54 -7.00 -5.91
C ASN A 66 -4.19 -5.75 -6.57
N TYR A 67 -5.37 -5.95 -7.17
CA TYR A 67 -6.27 -4.89 -7.66
C TYR A 67 -7.56 -4.90 -6.81
N ASP A 68 -8.18 -3.72 -6.62
CA ASP A 68 -9.30 -3.52 -5.66
C ASP A 68 -8.91 -3.95 -4.21
N GLY A 69 -7.62 -3.82 -3.91
CA GLY A 69 -6.90 -4.22 -2.70
C GLY A 69 -5.45 -3.76 -2.81
N SER A 70 -4.64 -3.91 -1.75
CA SER A 70 -3.31 -3.29 -1.69
C SER A 70 -2.27 -4.18 -0.97
N GLU A 71 -2.40 -5.51 -1.00
CA GLU A 71 -1.58 -6.40 -0.17
C GLU A 71 -0.18 -6.61 -0.81
N LEU A 72 0.72 -5.69 -0.47
CA LEU A 72 2.11 -5.62 -0.90
C LEU A 72 2.89 -6.78 -0.29
N ILE A 73 3.24 -7.75 -1.14
CA ILE A 73 4.10 -8.88 -0.77
C ILE A 73 5.53 -8.48 -1.13
N ILE A 74 6.45 -8.61 -0.17
CA ILE A 74 7.88 -8.38 -0.33
C ILE A 74 8.59 -9.69 -0.06
N LYS A 75 9.36 -10.18 -1.01
CA LYS A 75 10.26 -11.35 -0.84
C LYS A 75 11.70 -10.90 -0.60
N LYS A 76 12.49 -11.79 -0.01
CA LYS A 76 13.94 -11.68 0.23
C LYS A 76 14.31 -10.51 1.15
N VAL A 77 13.60 -10.37 2.27
CA VAL A 77 13.71 -9.22 3.18
C VAL A 77 15.10 -9.05 3.81
N ASP A 78 15.52 -7.78 3.89
CA ASP A 78 16.72 -7.30 4.59
C ASP A 78 16.44 -5.91 5.23
N LYS A 79 17.44 -5.29 5.88
CA LYS A 79 17.32 -3.95 6.50
C LYS A 79 17.03 -2.82 5.52
N SER A 80 17.19 -3.06 4.21
CA SER A 80 16.77 -2.16 3.14
C SER A 80 15.25 -2.18 2.87
N ASP A 81 14.49 -3.08 3.50
CA ASP A 81 13.03 -3.13 3.46
C ASP A 81 12.36 -2.46 4.69
N GLU A 82 13.15 -1.96 5.65
CA GLU A 82 12.63 -1.12 6.75
C GLU A 82 12.06 0.19 6.16
N ALA A 83 10.81 0.53 6.52
CA ALA A 83 10.05 1.61 5.90
C ALA A 83 8.94 2.20 6.78
N GLU A 84 8.66 3.48 6.54
CA GLU A 84 7.53 4.27 7.02
C GLU A 84 6.74 4.68 5.78
N TYR A 85 5.59 4.04 5.60
CA TYR A 85 4.76 4.13 4.41
C TYR A 85 3.70 5.21 4.59
N ILE A 86 3.71 6.22 3.73
CA ILE A 86 2.61 7.19 3.63
C ILE A 86 1.86 6.79 2.34
N CYS A 87 0.56 6.54 2.47
CA CYS A 87 -0.26 5.98 1.38
C CYS A 87 -1.49 6.84 1.10
N ILE A 88 -1.77 7.07 -0.19
CA ILE A 88 -2.76 8.02 -0.71
C ILE A 88 -3.54 7.35 -1.82
N ALA A 89 -4.86 7.56 -1.85
CA ALA A 89 -5.75 7.13 -2.93
C ALA A 89 -6.68 8.27 -3.37
N GLU A 90 -7.11 8.21 -4.63
CA GLU A 90 -7.87 9.28 -5.30
C GLU A 90 -8.80 8.69 -6.37
N ASN A 91 -9.97 9.27 -6.56
CA ASN A 91 -10.86 8.96 -7.68
C ASN A 91 -11.53 10.28 -8.16
N LYS A 92 -12.61 10.18 -8.96
CA LYS A 92 -13.29 11.33 -9.59
C LYS A 92 -14.20 12.09 -8.62
N ALA A 93 -14.53 11.47 -7.48
CA ALA A 93 -15.34 12.03 -6.41
C ALA A 93 -14.54 12.59 -5.21
N GLY A 94 -13.29 12.16 -4.98
CA GLY A 94 -12.48 12.66 -3.86
C GLY A 94 -11.09 11.99 -3.71
N GLU A 95 -10.47 12.15 -2.54
CA GLU A 95 -9.11 11.69 -2.20
C GLU A 95 -9.00 11.41 -0.69
N GLN A 96 -8.16 10.45 -0.29
CA GLN A 96 -7.91 10.11 1.13
C GLN A 96 -6.54 9.44 1.33
N ASP A 97 -6.12 9.23 2.60
CA ASP A 97 -4.79 8.75 2.97
C ASP A 97 -4.73 7.98 4.32
N ALA A 98 -3.67 7.18 4.52
CA ALA A 98 -3.31 6.46 5.74
C ALA A 98 -1.77 6.30 5.90
N THR A 99 -1.28 5.55 6.91
CA THR A 99 0.17 5.39 7.21
C THR A 99 0.46 4.04 7.90
N ILE A 100 1.62 3.43 7.62
CA ILE A 100 2.08 2.10 8.11
C ILE A 100 3.59 2.14 8.43
N HIS A 101 4.10 1.17 9.21
CA HIS A 101 5.54 0.96 9.45
C HIS A 101 5.95 -0.53 9.29
N LEU A 102 7.20 -0.77 8.87
CA LEU A 102 7.87 -2.07 8.86
C LEU A 102 9.24 -1.93 9.51
N LYS A 103 9.38 -2.49 10.72
CA LYS A 103 10.59 -2.49 11.54
C LYS A 103 11.32 -3.85 11.47
N VAL A 104 12.31 -3.94 10.60
CA VAL A 104 13.12 -5.17 10.35
C VAL A 104 14.26 -5.30 11.37
N PHE A 105 14.48 -6.49 11.92
CA PHE A 105 15.53 -6.76 12.89
C PHE A 105 16.63 -7.68 12.33
N ALA A 106 17.88 -7.39 12.65
CA ALA A 106 19.08 -8.09 12.16
C ALA A 106 19.69 -9.05 13.22
N LYS A 107 18.82 -9.88 13.84
CA LYS A 107 19.10 -10.79 14.97
C LYS A 107 19.66 -10.06 16.22
N GLY A 1 -18.42 12.04 -13.64
CA GLY A 1 -19.22 11.44 -12.55
C GLY A 1 -18.66 11.81 -11.19
N LYS A 2 -19.51 11.78 -10.14
CA LYS A 2 -19.17 12.09 -8.73
C LYS A 2 -20.25 11.58 -7.75
N ASP A 3 -19.95 11.64 -6.46
CA ASP A 3 -20.87 11.18 -5.38
C ASP A 3 -22.00 12.19 -5.07
N ILE A 4 -21.80 13.45 -5.49
CA ILE A 4 -22.67 14.57 -5.09
C ILE A 4 -23.99 14.66 -5.89
N GLN A 5 -24.00 14.18 -7.14
CA GLN A 5 -25.16 14.27 -8.04
C GLN A 5 -25.49 12.96 -8.80
N VAL A 6 -24.92 11.85 -8.36
CA VAL A 6 -25.11 10.49 -8.89
C VAL A 6 -24.89 9.49 -7.75
N ILE A 7 -25.97 8.96 -7.18
CA ILE A 7 -25.93 8.08 -6.00
C ILE A 7 -25.63 6.64 -6.42
N VAL A 8 -24.35 6.43 -6.75
CA VAL A 8 -23.70 5.21 -7.26
C VAL A 8 -22.21 5.24 -6.93
N ASN A 9 -21.60 6.42 -7.02
CA ASN A 9 -20.16 6.63 -6.77
C ASN A 9 -19.83 6.69 -5.27
N VAL A 10 -18.55 6.53 -4.92
CA VAL A 10 -18.01 6.44 -3.56
C VAL A 10 -16.58 7.02 -3.55
N PRO A 11 -16.26 8.02 -2.70
CA PRO A 11 -14.90 8.52 -2.51
C PRO A 11 -13.90 7.40 -2.10
N PRO A 12 -12.58 7.62 -2.24
CA PRO A 12 -11.57 6.65 -1.82
C PRO A 12 -11.57 6.45 -0.31
N SER A 13 -11.15 5.26 0.13
CA SER A 13 -11.20 4.82 1.52
C SER A 13 -9.94 4.03 1.91
N VAL A 14 -8.74 4.59 1.61
CA VAL A 14 -7.47 3.96 2.00
C VAL A 14 -7.25 4.13 3.49
N ARG A 15 -7.01 3.00 4.15
CA ARG A 15 -6.74 2.85 5.58
C ARG A 15 -5.44 2.07 5.78
N ALA A 16 -4.99 1.97 7.03
CA ALA A 16 -3.90 1.10 7.43
C ALA A 16 -4.47 -0.26 7.88
N ARG A 17 -4.00 -1.37 7.26
CA ARG A 17 -4.38 -2.73 7.68
C ARG A 17 -3.72 -3.13 9.02
N GLN A 18 -2.52 -2.61 9.28
CA GLN A 18 -1.78 -2.66 10.55
C GLN A 18 -0.94 -1.38 10.64
N SER A 19 -0.85 -0.72 11.80
CA SER A 19 -0.16 0.56 11.96
C SER A 19 1.37 0.42 12.07
N THR A 20 1.85 -0.74 12.49
CA THR A 20 3.28 -1.10 12.61
C THR A 20 3.43 -2.59 12.32
N MET A 21 4.43 -2.94 11.52
CA MET A 21 4.84 -4.32 11.21
C MET A 21 6.35 -4.49 11.34
N ASN A 22 6.86 -5.71 11.11
CA ASN A 22 8.26 -6.10 11.34
C ASN A 22 8.62 -7.35 10.53
N ALA A 23 9.91 -7.72 10.50
CA ALA A 23 10.44 -8.85 9.74
C ALA A 23 11.84 -9.24 10.24
N THR A 24 12.20 -10.52 10.05
CA THR A 24 13.54 -11.04 10.35
C THR A 24 14.41 -11.07 9.08
N ALA A 25 15.39 -10.18 9.01
CA ALA A 25 16.37 -10.08 7.94
C ALA A 25 17.44 -11.19 8.01
N ASN A 26 18.31 -11.31 6.98
CA ASN A 26 19.37 -12.31 6.81
C ASN A 26 18.86 -13.76 6.53
N LEU A 27 17.52 -14.00 6.61
CA LEU A 27 16.87 -15.28 6.33
C LEU A 27 16.28 -15.36 4.90
N SER A 28 16.23 -14.23 4.16
CA SER A 28 15.71 -14.14 2.78
C SER A 28 14.24 -14.58 2.66
N GLN A 29 13.42 -14.27 3.68
CA GLN A 29 11.99 -14.62 3.76
C GLN A 29 11.11 -13.66 2.93
N SER A 30 9.82 -14.01 2.82
CA SER A 30 8.78 -13.16 2.25
C SER A 30 7.80 -12.66 3.32
N VAL A 31 7.21 -11.49 3.08
CA VAL A 31 6.29 -10.82 4.03
C VAL A 31 5.18 -10.09 3.26
N THR A 32 3.93 -10.23 3.69
CA THR A 32 2.77 -9.47 3.16
C THR A 32 2.39 -8.36 4.13
N LEU A 33 2.01 -7.19 3.61
CA LEU A 33 1.63 -5.98 4.36
C LEU A 33 0.72 -5.11 3.48
N ALA A 34 -0.03 -4.16 4.05
CA ALA A 34 -1.07 -3.51 3.25
C ALA A 34 -1.67 -2.19 3.76
N CYS A 35 -2.03 -1.34 2.80
CA CYS A 35 -2.85 -0.13 2.99
C CYS A 35 -4.18 -0.40 2.26
N ASP A 36 -5.23 -0.74 2.99
CA ASP A 36 -6.49 -1.25 2.46
C ASP A 36 -7.36 -0.17 1.77
N ALA A 37 -6.98 0.15 0.54
CA ALA A 37 -7.72 1.05 -0.36
C ALA A 37 -8.96 0.39 -0.96
N ASP A 38 -9.97 1.24 -1.22
CA ASP A 38 -11.23 0.91 -1.89
C ASP A 38 -11.92 2.22 -2.34
N GLY A 39 -12.91 2.13 -3.24
CA GLY A 39 -13.67 3.26 -3.79
C GLY A 39 -14.58 2.84 -4.95
N PHE A 40 -15.37 3.77 -5.50
CA PHE A 40 -16.17 3.53 -6.71
C PHE A 40 -16.32 4.80 -7.58
N PRO A 41 -15.78 4.82 -8.83
CA PRO A 41 -14.97 3.76 -9.43
C PRO A 41 -13.66 3.50 -8.63
N GLU A 42 -13.09 2.32 -8.83
CA GLU A 42 -11.81 1.87 -8.24
C GLU A 42 -10.75 2.99 -8.13
N PRO A 43 -10.08 3.16 -6.98
CA PRO A 43 -9.24 4.32 -6.74
C PRO A 43 -7.88 4.26 -7.47
N THR A 44 -7.32 5.45 -7.67
CA THR A 44 -5.94 5.67 -8.14
C THR A 44 -5.09 5.90 -6.90
N MET A 45 -4.27 4.90 -6.50
CA MET A 45 -3.50 4.95 -5.24
C MET A 45 -2.00 4.65 -5.46
N THR A 46 -1.17 5.29 -4.63
CA THR A 46 0.28 5.10 -4.55
C THR A 46 0.80 5.34 -3.12
N TRP A 47 2.05 4.96 -2.86
CA TRP A 47 2.66 5.02 -1.52
C TRP A 47 4.18 5.15 -1.59
N THR A 48 4.81 5.62 -0.49
CA THR A 48 6.24 5.98 -0.46
C THR A 48 7.05 5.14 0.52
N LYS A 49 8.30 4.83 0.14
CA LYS A 49 9.29 4.08 0.94
C LYS A 49 10.16 5.08 1.68
N ASP A 50 9.57 5.77 2.66
CA ASP A 50 10.12 6.93 3.40
C ASP A 50 10.20 8.24 2.56
N GLY A 51 10.15 8.16 1.23
CA GLY A 51 10.11 9.30 0.32
C GLY A 51 10.02 8.95 -1.17
N GLU A 52 10.54 7.81 -1.61
CA GLU A 52 10.53 7.40 -3.04
C GLU A 52 9.33 6.47 -3.34
N PRO A 53 8.79 6.43 -4.57
CA PRO A 53 7.52 5.73 -4.84
C PRO A 53 7.60 4.20 -4.82
N ILE A 54 6.51 3.59 -4.34
CA ILE A 54 6.17 2.16 -4.35
C ILE A 54 5.11 1.92 -5.47
N GLU A 55 5.36 2.57 -6.62
CA GLU A 55 4.48 2.64 -7.79
C GLU A 55 4.07 1.27 -8.37
N GLN A 56 2.77 1.04 -8.53
CA GLN A 56 2.18 -0.16 -9.12
C GLN A 56 2.68 -0.46 -10.56
N GLU A 57 3.20 0.55 -11.26
CA GLU A 57 3.55 0.47 -12.69
C GLU A 57 5.05 0.17 -12.97
N ASP A 58 5.90 0.12 -11.92
CA ASP A 58 7.37 -0.08 -12.08
C ASP A 58 8.08 -0.60 -10.83
N ASN A 59 7.50 -0.44 -9.62
CA ASN A 59 8.07 -0.98 -8.38
C ASN A 59 7.76 -2.49 -8.21
N GLU A 60 8.48 -3.30 -8.98
CA GLU A 60 8.29 -4.75 -9.15
C GLU A 60 9.56 -5.58 -8.85
N GLU A 61 10.64 -4.96 -8.39
CA GLU A 61 11.98 -5.59 -8.25
C GLU A 61 12.04 -6.77 -7.28
N LYS A 62 11.21 -6.76 -6.22
CA LYS A 62 10.97 -7.89 -5.30
C LYS A 62 9.63 -7.77 -4.59
N TYR A 63 8.58 -7.51 -5.37
CA TYR A 63 7.25 -7.22 -4.83
C TYR A 63 6.11 -7.56 -5.82
N SER A 64 4.94 -7.93 -5.29
CA SER A 64 3.75 -8.38 -6.03
C SER A 64 2.49 -8.08 -5.23
N PHE A 65 1.39 -7.68 -5.85
CA PHE A 65 0.21 -7.16 -5.17
C PHE A 65 -1.15 -7.48 -5.83
N ASN A 66 -2.23 -7.19 -5.10
CA ASN A 66 -3.62 -7.56 -5.45
C ASN A 66 -4.33 -6.57 -6.39
N TYR A 67 -5.63 -6.82 -6.66
CA TYR A 67 -6.42 -6.02 -7.62
C TYR A 67 -6.94 -4.67 -7.06
N ASP A 68 -6.86 -4.44 -5.75
CA ASP A 68 -7.16 -3.16 -5.08
C ASP A 68 -5.90 -2.27 -4.96
N GLY A 69 -4.71 -2.83 -5.21
CA GLY A 69 -3.43 -2.16 -5.00
C GLY A 69 -2.98 -2.16 -3.54
N SER A 70 -3.72 -2.82 -2.63
CA SER A 70 -3.56 -2.72 -1.18
C SER A 70 -2.59 -3.72 -0.58
N GLU A 71 -2.80 -5.02 -0.81
CA GLU A 71 -1.95 -6.07 -0.26
C GLU A 71 -0.65 -6.20 -1.07
N LEU A 72 0.43 -5.63 -0.55
CA LEU A 72 1.77 -5.71 -1.12
C LEU A 72 2.55 -6.84 -0.43
N ILE A 73 2.86 -7.87 -1.22
CA ILE A 73 3.72 -8.98 -0.85
C ILE A 73 5.12 -8.58 -1.27
N ILE A 74 6.06 -8.60 -0.33
CA ILE A 74 7.48 -8.35 -0.56
C ILE A 74 8.21 -9.66 -0.37
N LYS A 75 9.23 -9.94 -1.20
CA LYS A 75 10.05 -11.17 -1.13
C LYS A 75 11.52 -10.86 -0.90
N LYS A 76 12.26 -11.86 -0.43
CA LYS A 76 13.68 -11.81 -0.07
C LYS A 76 14.02 -10.58 0.78
N VAL A 77 13.32 -10.46 1.91
CA VAL A 77 13.34 -9.28 2.80
C VAL A 77 14.63 -9.22 3.61
N ASP A 78 15.16 -8.01 3.77
CA ASP A 78 16.36 -7.71 4.58
C ASP A 78 16.30 -6.30 5.20
N LYS A 79 17.36 -5.87 5.91
CA LYS A 79 17.44 -4.58 6.62
C LYS A 79 17.33 -3.36 5.70
N SER A 80 17.48 -3.53 4.38
CA SER A 80 17.22 -2.51 3.37
C SER A 80 15.73 -2.25 3.11
N ASP A 81 14.81 -3.10 3.56
CA ASP A 81 13.36 -2.94 3.39
C ASP A 81 12.68 -2.03 4.44
N GLU A 82 13.38 -1.69 5.52
CA GLU A 82 12.91 -0.79 6.58
C GLU A 82 12.32 0.51 5.97
N ALA A 83 11.05 0.84 6.30
CA ALA A 83 10.32 1.92 5.65
C ALA A 83 9.26 2.59 6.57
N GLU A 84 8.98 3.86 6.28
CA GLU A 84 7.87 4.62 6.85
C GLU A 84 6.91 4.92 5.70
N TYR A 85 5.88 4.09 5.59
CA TYR A 85 4.94 4.07 4.47
C TYR A 85 3.82 5.11 4.62
N ILE A 86 3.80 6.13 3.76
CA ILE A 86 2.65 7.04 3.64
C ILE A 86 1.93 6.65 2.36
N CYS A 87 0.64 6.33 2.47
CA CYS A 87 -0.18 5.79 1.39
C CYS A 87 -1.39 6.68 1.11
N ILE A 88 -1.61 7.02 -0.16
CA ILE A 88 -2.56 8.00 -0.63
C ILE A 88 -3.46 7.37 -1.72
N ALA A 89 -4.75 7.70 -1.71
CA ALA A 89 -5.70 7.30 -2.75
C ALA A 89 -6.59 8.47 -3.22
N GLU A 90 -6.98 8.43 -4.48
CA GLU A 90 -7.70 9.51 -5.18
C GLU A 90 -8.64 8.92 -6.24
N ASN A 91 -9.81 9.53 -6.45
CA ASN A 91 -10.72 9.18 -7.55
C ASN A 91 -11.62 10.37 -7.96
N LYS A 92 -12.68 10.14 -8.72
CA LYS A 92 -13.56 11.19 -9.27
C LYS A 92 -14.47 11.82 -8.19
N ALA A 93 -14.73 11.08 -7.12
CA ALA A 93 -15.58 11.47 -6.00
C ALA A 93 -14.82 12.02 -4.76
N GLY A 94 -13.51 11.82 -4.62
CA GLY A 94 -12.72 12.35 -3.50
C GLY A 94 -11.26 11.92 -3.42
N GLU A 95 -10.70 11.92 -2.20
CA GLU A 95 -9.29 11.70 -1.88
C GLU A 95 -9.15 11.23 -0.40
N GLN A 96 -8.11 10.43 -0.10
CA GLN A 96 -7.89 9.80 1.21
C GLN A 96 -6.44 9.41 1.45
N ASP A 97 -6.02 9.13 2.70
CA ASP A 97 -4.65 8.68 3.04
C ASP A 97 -4.52 7.96 4.41
N ALA A 98 -3.45 7.16 4.57
CA ALA A 98 -3.06 6.46 5.80
C ALA A 98 -1.53 6.27 5.90
N THR A 99 -1.06 5.68 7.01
CA THR A 99 0.37 5.58 7.39
C THR A 99 0.69 4.25 8.10
N ILE A 100 1.85 3.64 7.82
CA ILE A 100 2.33 2.37 8.42
C ILE A 100 3.87 2.40 8.64
N HIS A 101 4.38 1.77 9.69
CA HIS A 101 5.83 1.55 9.91
C HIS A 101 6.24 0.10 9.63
N LEU A 102 7.44 -0.15 9.11
CA LEU A 102 8.02 -1.48 8.92
C LEU A 102 9.39 -1.57 9.63
N LYS A 103 9.38 -2.11 10.85
CA LYS A 103 10.53 -2.16 11.78
C LYS A 103 11.30 -3.49 11.67
N VAL A 104 12.12 -3.64 10.63
CA VAL A 104 12.90 -4.85 10.32
C VAL A 104 14.05 -5.00 11.33
N PHE A 105 14.35 -6.22 11.78
CA PHE A 105 15.44 -6.55 12.68
C PHE A 105 16.25 -7.76 12.17
N ALA A 106 17.46 -7.93 12.70
CA ALA A 106 18.45 -8.92 12.21
C ALA A 106 18.73 -10.09 13.16
N LYS A 107 17.68 -10.56 13.84
CA LYS A 107 17.71 -11.62 14.89
C LYS A 107 16.33 -12.20 15.17
N GLY A 1 -14.05 9.20 -16.47
CA GLY A 1 -14.81 9.10 -15.20
C GLY A 1 -15.86 10.20 -15.09
N LYS A 2 -16.86 9.99 -14.21
CA LYS A 2 -18.00 10.92 -13.98
C LYS A 2 -18.67 10.73 -12.59
N ASP A 3 -19.53 11.68 -12.23
CA ASP A 3 -20.45 11.67 -11.08
C ASP A 3 -21.85 11.23 -11.53
N ILE A 4 -22.62 10.62 -10.63
CA ILE A 4 -23.90 9.93 -10.95
C ILE A 4 -25.02 10.35 -9.97
N GLN A 5 -26.28 10.36 -10.42
CA GLN A 5 -27.46 10.74 -9.60
C GLN A 5 -27.99 9.57 -8.72
N VAL A 6 -27.06 8.69 -8.31
CA VAL A 6 -27.25 7.42 -7.61
C VAL A 6 -25.96 7.12 -6.83
N ILE A 7 -26.04 6.42 -5.69
CA ILE A 7 -24.89 6.14 -4.82
C ILE A 7 -24.00 5.03 -5.42
N VAL A 8 -23.09 5.48 -6.30
CA VAL A 8 -22.20 4.66 -7.14
C VAL A 8 -20.78 5.23 -7.23
N ASN A 9 -20.62 6.54 -7.14
CA ASN A 9 -19.34 7.27 -7.24
C ASN A 9 -18.59 7.33 -5.89
N VAL A 10 -18.31 6.16 -5.30
CA VAL A 10 -17.78 6.00 -3.93
C VAL A 10 -16.33 6.51 -3.81
N PRO A 11 -16.03 7.50 -2.92
CA PRO A 11 -14.67 8.04 -2.67
C PRO A 11 -13.61 6.97 -2.33
N PRO A 12 -12.30 7.30 -2.51
CA PRO A 12 -11.16 6.39 -2.34
C PRO A 12 -10.64 6.37 -0.88
N SER A 13 -11.41 5.76 0.03
CA SER A 13 -11.19 5.84 1.48
C SER A 13 -10.10 4.86 1.93
N VAL A 14 -8.84 5.15 1.59
CA VAL A 14 -7.70 4.30 1.99
C VAL A 14 -7.45 4.35 3.48
N ARG A 15 -7.12 3.19 4.05
CA ARG A 15 -6.76 2.99 5.45
C ARG A 15 -5.49 2.15 5.53
N ALA A 16 -4.93 2.05 6.73
CA ALA A 16 -3.83 1.12 7.01
C ALA A 16 -4.42 -0.17 7.62
N ARG A 17 -4.10 -1.34 7.03
CA ARG A 17 -4.62 -2.65 7.48
C ARG A 17 -4.07 -3.07 8.84
N GLN A 18 -3.01 -2.39 9.28
CA GLN A 18 -2.21 -2.58 10.50
C GLN A 18 -1.41 -1.30 10.76
N SER A 19 -1.03 -1.04 12.01
CA SER A 19 -0.30 0.20 12.38
C SER A 19 1.23 0.10 12.26
N THR A 20 1.78 -1.10 12.44
CA THR A 20 3.22 -1.39 12.52
C THR A 20 3.47 -2.82 12.05
N MET A 21 4.47 -2.98 11.20
CA MET A 21 4.99 -4.27 10.70
C MET A 21 6.46 -4.47 11.11
N ASN A 22 6.96 -5.70 10.93
CA ASN A 22 8.30 -6.15 11.30
C ASN A 22 8.68 -7.40 10.49
N ALA A 23 9.97 -7.77 10.46
CA ALA A 23 10.49 -8.88 9.67
C ALA A 23 11.92 -9.26 10.09
N THR A 24 12.29 -10.53 9.85
CA THR A 24 13.62 -11.06 10.15
C THR A 24 14.49 -10.99 8.88
N ALA A 25 15.45 -10.08 8.86
CA ALA A 25 16.30 -9.80 7.72
C ALA A 25 17.33 -10.91 7.44
N ASN A 26 17.77 -10.97 6.18
CA ASN A 26 18.90 -11.77 5.66
C ASN A 26 18.67 -13.29 5.58
N LEU A 27 17.51 -13.76 6.03
CA LEU A 27 17.01 -15.15 5.87
C LEU A 27 16.31 -15.41 4.51
N SER A 28 16.20 -14.37 3.67
CA SER A 28 15.55 -14.38 2.35
C SER A 28 14.03 -14.71 2.41
N GLN A 29 13.41 -14.45 3.56
CA GLN A 29 11.98 -14.73 3.80
C GLN A 29 11.06 -13.70 3.13
N SER A 30 9.75 -13.97 3.15
CA SER A 30 8.72 -13.16 2.48
C SER A 30 7.67 -12.68 3.48
N VAL A 31 7.09 -11.51 3.22
CA VAL A 31 6.18 -10.81 4.16
C VAL A 31 5.13 -9.97 3.40
N THR A 32 3.87 -10.01 3.85
CA THR A 32 2.77 -9.21 3.28
C THR A 32 2.35 -8.10 4.24
N LEU A 33 2.02 -6.92 3.69
CA LEU A 33 1.44 -5.78 4.41
C LEU A 33 0.54 -4.94 3.48
N ALA A 34 -0.22 -3.97 4.00
CA ALA A 34 -1.24 -3.30 3.19
C ALA A 34 -1.74 -1.92 3.67
N CYS A 35 -2.04 -1.07 2.68
CA CYS A 35 -2.74 0.20 2.77
C CYS A 35 -4.01 0.06 1.91
N ASP A 36 -5.05 -0.57 2.48
CA ASP A 36 -6.23 -1.00 1.75
C ASP A 36 -7.13 0.18 1.35
N ALA A 37 -7.17 0.42 0.03
CA ALA A 37 -8.06 1.39 -0.59
C ALA A 37 -9.36 0.73 -1.03
N ASP A 38 -10.47 1.44 -0.89
CA ASP A 38 -11.82 1.01 -1.30
C ASP A 38 -12.58 2.21 -1.89
N GLY A 39 -13.36 1.96 -2.95
CA GLY A 39 -14.13 2.95 -3.71
C GLY A 39 -14.72 2.34 -4.98
N PHE A 40 -15.31 3.16 -5.86
CA PHE A 40 -15.80 2.70 -7.16
C PHE A 40 -15.78 3.83 -8.21
N PRO A 41 -15.12 3.64 -9.37
CA PRO A 41 -14.37 2.44 -9.74
C PRO A 41 -13.08 2.30 -8.92
N GLU A 42 -12.49 1.10 -8.90
CA GLU A 42 -11.20 0.76 -8.25
C GLU A 42 -10.23 1.96 -8.16
N PRO A 43 -9.98 2.54 -6.96
CA PRO A 43 -9.20 3.77 -6.81
C PRO A 43 -7.79 3.78 -7.43
N THR A 44 -7.31 4.98 -7.76
CA THR A 44 -5.89 5.22 -8.15
C THR A 44 -5.10 5.50 -6.88
N MET A 45 -4.10 4.67 -6.56
CA MET A 45 -3.37 4.77 -5.28
C MET A 45 -1.85 4.59 -5.45
N THR A 46 -1.10 5.22 -4.55
CA THR A 46 0.38 5.21 -4.52
C THR A 46 0.89 5.36 -3.09
N TRP A 47 2.17 5.04 -2.87
CA TRP A 47 2.78 5.01 -1.54
C TRP A 47 4.32 5.03 -1.60
N THR A 48 4.99 5.23 -0.47
CA THR A 48 6.44 5.49 -0.41
C THR A 48 7.19 4.63 0.63
N LYS A 49 8.49 4.43 0.37
CA LYS A 49 9.46 3.63 1.13
C LYS A 49 10.34 4.53 2.00
N ASP A 50 9.69 5.40 2.79
CA ASP A 50 10.30 6.53 3.56
C ASP A 50 10.66 7.76 2.68
N GLY A 51 10.46 7.69 1.37
CA GLY A 51 10.67 8.84 0.48
C GLY A 51 10.63 8.52 -1.02
N GLU A 52 11.00 7.32 -1.45
CA GLU A 52 10.95 6.84 -2.85
C GLU A 52 9.67 6.02 -3.10
N PRO A 53 9.14 5.95 -4.34
CA PRO A 53 7.81 5.37 -4.58
C PRO A 53 7.76 3.83 -4.66
N ILE A 54 6.67 3.29 -4.11
CA ILE A 54 6.19 1.91 -4.18
C ILE A 54 4.96 1.87 -5.12
N GLU A 55 5.01 2.62 -6.22
CA GLU A 55 3.86 2.80 -7.11
C GLU A 55 3.62 1.55 -8.01
N GLN A 56 2.32 1.22 -8.19
CA GLN A 56 1.85 -0.01 -8.79
C GLN A 56 2.07 -0.11 -10.32
N GLU A 57 2.68 0.89 -10.92
CA GLU A 57 2.92 0.99 -12.38
C GLU A 57 4.40 0.98 -12.79
N ASP A 58 5.34 1.05 -11.83
CA ASP A 58 6.76 1.23 -12.15
C ASP A 58 7.77 0.67 -11.11
N ASN A 59 7.29 0.14 -9.98
CA ASN A 59 8.15 -0.36 -8.90
C ASN A 59 7.68 -1.78 -8.49
N GLU A 60 8.57 -2.76 -8.59
CA GLU A 60 8.27 -4.20 -8.50
C GLU A 60 9.52 -5.08 -8.21
N GLU A 61 10.65 -4.47 -7.82
CA GLU A 61 12.00 -5.09 -7.71
C GLU A 61 12.10 -6.41 -6.92
N LYS A 62 11.25 -6.62 -5.92
CA LYS A 62 11.05 -7.90 -5.20
C LYS A 62 9.68 -7.99 -4.53
N TYR A 63 8.63 -7.66 -5.28
CA TYR A 63 7.29 -7.52 -4.70
C TYR A 63 6.14 -7.55 -5.73
N SER A 64 4.95 -7.89 -5.23
CA SER A 64 3.69 -8.03 -6.00
C SER A 64 2.46 -7.65 -5.16
N PHE A 65 1.40 -7.15 -5.81
CA PHE A 65 0.24 -6.52 -5.17
C PHE A 65 -1.07 -6.61 -5.99
N ASN A 66 -2.11 -5.88 -5.57
CA ASN A 66 -3.43 -5.86 -6.24
C ASN A 66 -4.17 -4.49 -6.13
N TYR A 67 -5.29 -4.34 -6.83
CA TYR A 67 -6.02 -3.08 -6.99
C TYR A 67 -7.34 -2.99 -6.18
N ASP A 68 -7.78 -4.06 -5.51
CA ASP A 68 -9.02 -4.17 -4.72
C ASP A 68 -8.77 -4.00 -3.19
N GLY A 69 -7.59 -3.49 -2.84
CA GLY A 69 -7.10 -3.17 -1.51
C GLY A 69 -5.70 -2.57 -1.64
N SER A 70 -4.70 -3.44 -1.65
CA SER A 70 -3.28 -3.17 -1.98
C SER A 70 -2.45 -4.46 -1.86
N GLU A 71 -2.68 -5.23 -0.78
CA GLU A 71 -1.96 -6.43 -0.28
C GLU A 71 -0.57 -6.62 -0.93
N LEU A 72 0.38 -5.78 -0.53
CA LEU A 72 1.75 -5.75 -1.03
C LEU A 72 2.59 -6.84 -0.34
N ILE A 73 2.99 -7.82 -1.14
CA ILE A 73 3.81 -8.96 -0.76
C ILE A 73 5.23 -8.67 -1.18
N ILE A 74 6.17 -8.74 -0.25
CA ILE A 74 7.59 -8.50 -0.46
C ILE A 74 8.35 -9.80 -0.21
N LYS A 75 9.07 -10.30 -1.22
CA LYS A 75 9.96 -11.44 -1.06
C LYS A 75 11.40 -10.98 -0.81
N LYS A 76 12.20 -11.84 -0.19
CA LYS A 76 13.65 -11.66 0.08
C LYS A 76 13.93 -10.38 0.89
N VAL A 77 13.33 -10.30 2.08
CA VAL A 77 13.40 -9.11 2.95
C VAL A 77 14.77 -9.00 3.66
N ASP A 78 15.27 -7.77 3.81
CA ASP A 78 16.46 -7.41 4.60
C ASP A 78 16.26 -6.05 5.31
N LYS A 79 17.21 -5.54 6.09
CA LYS A 79 17.11 -4.22 6.77
C LYS A 79 17.12 -3.04 5.77
N SER A 80 17.39 -3.30 4.48
CA SER A 80 17.22 -2.32 3.40
C SER A 80 15.72 -2.08 3.08
N ASP A 81 14.81 -2.90 3.64
CA ASP A 81 13.36 -2.70 3.58
C ASP A 81 12.77 -1.84 4.72
N GLU A 82 13.56 -1.50 5.75
CA GLU A 82 13.14 -0.61 6.85
C GLU A 82 12.63 0.73 6.30
N ALA A 83 11.36 1.06 6.53
CA ALA A 83 10.68 2.18 5.87
C ALA A 83 9.45 2.68 6.63
N GLU A 84 9.04 3.91 6.35
CA GLU A 84 7.77 4.50 6.78
C GLU A 84 6.83 4.57 5.57
N TYR A 85 5.79 3.73 5.58
CA TYR A 85 4.87 3.47 4.48
C TYR A 85 3.70 4.47 4.52
N ILE A 86 3.96 5.71 4.10
CA ILE A 86 2.88 6.70 3.89
C ILE A 86 2.23 6.35 2.54
N CYS A 87 0.89 6.39 2.49
CA CYS A 87 0.09 5.92 1.38
C CYS A 87 -1.13 6.79 1.11
N ILE A 88 -1.46 6.98 -0.16
CA ILE A 88 -2.46 7.95 -0.66
C ILE A 88 -3.32 7.26 -1.72
N ALA A 89 -4.59 7.61 -1.77
CA ALA A 89 -5.54 7.19 -2.81
C ALA A 89 -6.40 8.36 -3.34
N GLU A 90 -6.89 8.22 -4.55
CA GLU A 90 -7.54 9.29 -5.31
C GLU A 90 -8.56 8.67 -6.32
N ASN A 91 -9.62 9.43 -6.64
CA ASN A 91 -10.66 9.04 -7.61
C ASN A 91 -11.32 10.30 -8.17
N LYS A 92 -12.22 10.13 -9.15
CA LYS A 92 -13.07 11.24 -9.66
C LYS A 92 -13.95 11.93 -8.58
N ALA A 93 -14.27 11.20 -7.52
CA ALA A 93 -15.16 11.61 -6.43
C ALA A 93 -14.47 12.06 -5.13
N GLY A 94 -13.15 11.90 -4.98
CA GLY A 94 -12.49 12.18 -3.69
C GLY A 94 -11.01 11.83 -3.64
N GLU A 95 -10.47 11.79 -2.42
CA GLU A 95 -9.05 11.63 -2.10
C GLU A 95 -8.88 11.26 -0.61
N GLN A 96 -7.90 10.45 -0.24
CA GLN A 96 -7.62 10.05 1.17
C GLN A 96 -6.18 9.54 1.37
N ASP A 97 -5.79 9.24 2.61
CA ASP A 97 -4.43 8.79 2.98
C ASP A 97 -4.34 8.02 4.33
N ALA A 98 -3.30 7.18 4.48
CA ALA A 98 -2.94 6.44 5.71
C ALA A 98 -1.40 6.26 5.84
N THR A 99 -0.93 5.61 6.92
CA THR A 99 0.50 5.40 7.24
C THR A 99 0.76 4.07 7.99
N ILE A 100 1.89 3.41 7.69
CA ILE A 100 2.46 2.24 8.40
C ILE A 100 3.96 2.49 8.67
N HIS A 101 4.62 1.61 9.41
CA HIS A 101 6.08 1.58 9.57
C HIS A 101 6.56 0.12 9.67
N LEU A 102 7.65 -0.18 8.98
CA LEU A 102 8.25 -1.52 8.83
C LEU A 102 9.55 -1.60 9.64
N LYS A 103 9.48 -2.13 10.86
CA LYS A 103 10.58 -2.26 11.84
C LYS A 103 11.33 -3.59 11.67
N VAL A 104 12.29 -3.64 10.75
CA VAL A 104 13.06 -4.87 10.42
C VAL A 104 14.23 -5.06 11.40
N PHE A 105 14.44 -6.29 11.87
CA PHE A 105 15.55 -6.71 12.71
C PHE A 105 16.31 -7.90 12.08
N ALA A 106 17.59 -8.07 12.41
CA ALA A 106 18.48 -9.06 11.77
C ALA A 106 18.87 -10.23 12.69
N LYS A 107 17.95 -10.66 13.56
CA LYS A 107 18.10 -11.69 14.61
C LYS A 107 16.76 -12.10 15.23
N GLY A 1 -26.42 2.38 -17.04
CA GLY A 1 -26.50 3.70 -16.37
C GLY A 1 -25.13 4.29 -16.15
N LYS A 2 -24.89 4.88 -14.98
CA LYS A 2 -23.64 5.56 -14.54
C LYS A 2 -23.57 5.73 -13.02
N ASP A 3 -22.37 5.88 -12.49
CA ASP A 3 -22.11 6.06 -11.05
C ASP A 3 -21.99 7.53 -10.62
N ILE A 4 -21.77 8.46 -11.58
CA ILE A 4 -21.41 9.86 -11.27
C ILE A 4 -22.61 10.82 -11.30
N GLN A 5 -23.54 10.65 -12.23
CA GLN A 5 -24.78 11.44 -12.39
C GLN A 5 -26.00 10.83 -11.67
N VAL A 6 -25.71 10.00 -10.67
CA VAL A 6 -26.62 9.25 -9.81
C VAL A 6 -25.93 9.08 -8.46
N ILE A 7 -26.70 8.97 -7.38
CA ILE A 7 -26.16 8.75 -6.02
C ILE A 7 -25.73 7.28 -5.83
N VAL A 8 -24.51 6.97 -6.28
CA VAL A 8 -23.90 5.61 -6.26
C VAL A 8 -22.39 5.67 -6.05
N ASN A 9 -21.75 6.77 -6.48
CA ASN A 9 -20.30 6.95 -6.25
C ASN A 9 -19.92 7.15 -4.78
N VAL A 10 -18.67 6.80 -4.48
CA VAL A 10 -18.04 6.78 -3.16
C VAL A 10 -16.59 7.29 -3.28
N PRO A 11 -16.15 8.27 -2.46
CA PRO A 11 -14.75 8.69 -2.37
C PRO A 11 -13.77 7.54 -2.11
N PRO A 12 -12.47 7.71 -2.39
CA PRO A 12 -11.47 6.72 -2.01
C PRO A 12 -11.33 6.66 -0.47
N SER A 13 -11.02 5.49 0.03
CA SER A 13 -11.00 5.14 1.46
C SER A 13 -9.70 4.42 1.83
N VAL A 14 -8.56 5.03 1.46
CA VAL A 14 -7.25 4.44 1.73
C VAL A 14 -6.95 4.47 3.22
N ARG A 15 -6.62 3.32 3.78
CA ARG A 15 -6.48 3.06 5.23
C ARG A 15 -5.32 2.11 5.53
N ALA A 16 -4.87 2.17 6.77
CA ALA A 16 -3.86 1.27 7.29
C ALA A 16 -4.48 -0.08 7.67
N ARG A 17 -4.16 -1.16 6.92
CA ARG A 17 -4.61 -2.54 7.22
C ARG A 17 -3.94 -3.10 8.49
N GLN A 18 -2.83 -2.47 8.89
CA GLN A 18 -2.11 -2.63 10.16
C GLN A 18 -1.19 -1.41 10.30
N SER A 19 -1.00 -0.89 11.52
CA SER A 19 -0.22 0.34 11.78
C SER A 19 1.30 0.10 11.90
N THR A 20 1.70 -1.10 12.31
CA THR A 20 3.09 -1.45 12.62
C THR A 20 3.34 -2.93 12.29
N MET A 21 4.15 -3.17 11.28
CA MET A 21 4.59 -4.48 10.82
C MET A 21 6.00 -4.78 11.32
N ASN A 22 6.45 -6.03 11.13
CA ASN A 22 7.81 -6.47 11.42
C ASN A 22 8.28 -7.59 10.46
N ALA A 23 9.59 -7.85 10.39
CA ALA A 23 10.17 -8.90 9.55
C ALA A 23 11.58 -9.32 9.99
N THR A 24 11.99 -10.54 9.62
CA THR A 24 13.30 -11.12 9.93
C THR A 24 14.25 -11.02 8.74
N ALA A 25 15.36 -10.34 8.92
CA ALA A 25 16.47 -10.22 7.96
C ALA A 25 17.59 -11.26 8.25
N ASN A 26 18.57 -11.33 7.36
CA ASN A 26 19.74 -12.24 7.45
C ASN A 26 19.32 -13.71 7.35
N LEU A 27 18.25 -14.00 6.58
CA LEU A 27 17.75 -15.34 6.23
C LEU A 27 16.81 -15.40 5.01
N SER A 28 16.63 -14.30 4.26
CA SER A 28 15.91 -14.29 2.97
C SER A 28 14.41 -14.60 3.10
N GLN A 29 13.73 -13.97 4.05
CA GLN A 29 12.29 -14.14 4.32
C GLN A 29 11.40 -13.53 3.21
N SER A 30 10.11 -13.89 3.22
CA SER A 30 9.04 -13.29 2.40
C SER A 30 7.87 -12.87 3.30
N VAL A 31 7.31 -11.67 3.07
CA VAL A 31 6.35 -11.02 3.99
C VAL A 31 5.27 -10.23 3.23
N THR A 32 4.01 -10.29 3.69
CA THR A 32 2.89 -9.49 3.17
C THR A 32 2.55 -8.36 4.14
N LEU A 33 2.19 -7.19 3.62
CA LEU A 33 1.70 -6.01 4.34
C LEU A 33 0.83 -5.14 3.43
N ALA A 34 0.07 -4.19 3.98
CA ALA A 34 -0.95 -3.48 3.16
C ALA A 34 -1.52 -2.17 3.73
N CYS A 35 -1.83 -1.27 2.78
CA CYS A 35 -2.59 -0.04 2.99
C CYS A 35 -3.81 -0.07 2.05
N ASP A 36 -4.95 -0.63 2.53
CA ASP A 36 -6.14 -0.96 1.73
C ASP A 36 -6.78 0.28 1.13
N ALA A 37 -7.05 0.28 -0.19
CA ALA A 37 -7.65 1.40 -0.91
C ALA A 37 -8.92 1.02 -1.67
N ASP A 38 -10.06 1.17 -0.99
CA ASP A 38 -11.40 0.89 -1.54
C ASP A 38 -12.07 2.18 -2.07
N GLY A 39 -13.03 2.07 -2.99
CA GLY A 39 -13.80 3.21 -3.53
C GLY A 39 -14.69 2.82 -4.73
N PHE A 40 -15.59 3.72 -5.17
CA PHE A 40 -16.51 3.48 -6.30
C PHE A 40 -16.78 4.73 -7.18
N PRO A 41 -16.49 4.70 -8.50
CA PRO A 41 -15.72 3.67 -9.20
C PRO A 41 -14.31 3.48 -8.64
N GLU A 42 -13.72 2.31 -8.92
CA GLU A 42 -12.40 1.84 -8.45
C GLU A 42 -11.35 2.97 -8.37
N PRO A 43 -10.69 3.17 -7.21
CA PRO A 43 -9.83 4.34 -7.00
C PRO A 43 -8.43 4.19 -7.61
N THR A 44 -7.75 5.34 -7.73
CA THR A 44 -6.32 5.43 -8.09
C THR A 44 -5.50 5.68 -6.81
N MET A 45 -4.33 5.06 -6.66
CA MET A 45 -3.50 5.19 -5.44
C MET A 45 -2.01 4.94 -5.70
N THR A 46 -1.16 5.51 -4.83
CA THR A 46 0.29 5.26 -4.78
C THR A 46 0.79 5.38 -3.34
N TRP A 47 2.02 4.94 -3.11
CA TRP A 47 2.65 4.98 -1.79
C TRP A 47 4.17 5.06 -1.87
N THR A 48 4.80 5.43 -0.75
CA THR A 48 6.23 5.78 -0.68
C THR A 48 6.91 5.14 0.53
N LYS A 49 8.22 4.92 0.44
CA LYS A 49 9.07 4.25 1.43
C LYS A 49 9.74 5.30 2.36
N ASP A 50 8.90 6.11 3.02
CA ASP A 50 9.30 7.29 3.80
C ASP A 50 9.89 8.43 2.93
N GLY A 51 9.85 8.31 1.59
CA GLY A 51 10.24 9.40 0.68
C GLY A 51 10.25 9.03 -0.81
N GLU A 52 10.66 7.80 -1.15
CA GLU A 52 10.80 7.32 -2.54
C GLU A 52 9.61 6.42 -2.98
N PRO A 53 9.21 6.39 -4.27
CA PRO A 53 7.96 5.74 -4.69
C PRO A 53 7.98 4.20 -4.70
N ILE A 54 6.90 3.60 -4.22
CA ILE A 54 6.51 2.18 -4.26
C ILE A 54 5.37 2.08 -5.31
N GLU A 55 5.55 2.74 -6.45
CA GLU A 55 4.59 2.79 -7.57
C GLU A 55 4.26 1.41 -8.18
N GLN A 56 3.11 0.87 -7.78
CA GLN A 56 2.61 -0.46 -8.16
C GLN A 56 2.45 -0.69 -9.68
N GLU A 57 2.52 0.35 -10.52
CA GLU A 57 2.40 0.29 -11.98
C GLU A 57 3.74 0.19 -12.73
N ASP A 58 4.89 0.29 -12.06
CA ASP A 58 6.21 0.28 -12.71
C ASP A 58 7.37 -0.15 -11.80
N ASN A 59 7.24 0.01 -10.47
CA ASN A 59 8.23 -0.51 -9.51
C ASN A 59 7.74 -1.87 -8.94
N GLU A 60 8.58 -2.90 -9.02
CA GLU A 60 8.26 -4.31 -8.71
C GLU A 60 9.50 -5.17 -8.32
N GLU A 61 10.65 -4.53 -8.07
CA GLU A 61 12.00 -5.13 -7.89
C GLU A 61 12.12 -6.44 -7.08
N LYS A 62 11.26 -6.66 -6.09
CA LYS A 62 11.08 -7.93 -5.36
C LYS A 62 9.70 -8.05 -4.70
N TYR A 63 8.64 -7.76 -5.46
CA TYR A 63 7.28 -7.73 -4.92
C TYR A 63 6.14 -7.79 -5.95
N SER A 64 4.93 -8.10 -5.47
CA SER A 64 3.69 -8.33 -6.23
C SER A 64 2.47 -8.19 -5.29
N PHE A 65 1.29 -7.90 -5.84
CA PHE A 65 0.11 -7.52 -5.05
C PHE A 65 -1.26 -7.96 -5.60
N ASN A 66 -2.34 -7.55 -4.92
CA ASN A 66 -3.74 -7.99 -5.12
C ASN A 66 -4.60 -7.07 -6.02
N TYR A 67 -5.91 -7.36 -6.14
CA TYR A 67 -6.88 -6.58 -6.93
C TYR A 67 -7.28 -5.22 -6.32
N ASP A 68 -7.07 -5.03 -5.02
CA ASP A 68 -7.28 -3.76 -4.29
C ASP A 68 -6.10 -2.77 -4.45
N GLY A 69 -4.92 -3.27 -4.87
CA GLY A 69 -3.68 -2.51 -5.05
C GLY A 69 -2.83 -2.37 -3.78
N SER A 70 -3.23 -3.04 -2.70
CA SER A 70 -2.70 -2.86 -1.34
C SER A 70 -1.88 -4.01 -0.75
N GLU A 71 -2.21 -5.28 -1.00
CA GLU A 71 -1.54 -6.41 -0.33
C GLU A 71 -0.17 -6.71 -0.95
N LEU A 72 0.81 -5.87 -0.60
CA LEU A 72 2.17 -5.85 -1.10
C LEU A 72 2.96 -7.00 -0.48
N ILE A 73 3.19 -8.05 -1.26
CA ILE A 73 4.01 -9.21 -0.87
C ILE A 73 5.44 -8.93 -1.31
N ILE A 74 6.36 -8.84 -0.37
CA ILE A 74 7.77 -8.57 -0.58
C ILE A 74 8.55 -9.87 -0.32
N LYS A 75 9.26 -10.36 -1.33
CA LYS A 75 10.19 -11.51 -1.21
C LYS A 75 11.62 -11.02 -0.99
N LYS A 76 12.46 -11.88 -0.40
CA LYS A 76 13.88 -11.64 -0.09
C LYS A 76 14.07 -10.38 0.75
N VAL A 77 13.38 -10.34 1.89
CA VAL A 77 13.40 -9.23 2.85
C VAL A 77 14.73 -9.19 3.61
N ASP A 78 15.28 -8.00 3.78
CA ASP A 78 16.46 -7.69 4.62
C ASP A 78 16.33 -6.28 5.23
N LYS A 79 17.31 -5.85 6.06
CA LYS A 79 17.20 -4.58 6.84
C LYS A 79 17.06 -3.32 5.97
N SER A 80 17.40 -3.39 4.68
CA SER A 80 17.16 -2.34 3.68
C SER A 80 15.69 -2.09 3.36
N ASP A 81 14.78 -2.98 3.76
CA ASP A 81 13.33 -2.86 3.55
C ASP A 81 12.59 -2.11 4.66
N GLU A 82 13.26 -1.73 5.77
CA GLU A 82 12.73 -0.83 6.80
C GLU A 82 12.10 0.43 6.18
N ALA A 83 10.91 0.82 6.67
CA ALA A 83 10.10 1.89 6.05
C ALA A 83 9.10 2.53 7.04
N GLU A 84 8.63 3.73 6.71
CA GLU A 84 7.54 4.45 7.40
C GLU A 84 6.54 4.90 6.31
N TYR A 85 5.93 3.89 5.67
CA TYR A 85 5.04 3.99 4.53
C TYR A 85 4.00 5.10 4.62
N ILE A 86 3.92 5.93 3.58
CA ILE A 86 2.83 6.91 3.40
C ILE A 86 2.09 6.53 2.12
N CYS A 87 0.77 6.38 2.21
CA CYS A 87 -0.12 5.96 1.16
C CYS A 87 -1.23 6.98 0.90
N ILE A 88 -1.52 7.22 -0.39
CA ILE A 88 -2.37 8.30 -0.88
C ILE A 88 -3.26 7.75 -2.01
N ALA A 89 -4.51 8.21 -2.06
CA ALA A 89 -5.50 7.77 -3.07
C ALA A 89 -6.43 8.90 -3.51
N GLU A 90 -7.01 8.74 -4.70
CA GLU A 90 -7.82 9.74 -5.41
C GLU A 90 -8.77 9.04 -6.39
N ASN A 91 -9.97 9.57 -6.59
CA ASN A 91 -10.92 9.16 -7.63
C ASN A 91 -11.84 10.36 -8.03
N LYS A 92 -12.82 10.10 -8.91
CA LYS A 92 -13.82 11.08 -9.40
C LYS A 92 -14.69 11.71 -8.29
N ALA A 93 -14.84 11.05 -7.16
CA ALA A 93 -15.63 11.47 -6.01
C ALA A 93 -14.83 12.14 -4.85
N GLY A 94 -13.51 11.93 -4.76
CA GLY A 94 -12.70 12.50 -3.66
C GLY A 94 -11.22 12.07 -3.62
N GLU A 95 -10.59 12.23 -2.45
CA GLU A 95 -9.14 12.05 -2.21
C GLU A 95 -8.88 11.70 -0.73
N GLN A 96 -7.82 10.93 -0.44
CA GLN A 96 -7.59 10.34 0.90
C GLN A 96 -6.11 9.93 1.14
N ASP A 97 -5.72 9.64 2.40
CA ASP A 97 -4.37 9.17 2.76
C ASP A 97 -4.33 8.36 4.09
N ALA A 98 -3.25 7.56 4.26
CA ALA A 98 -2.95 6.77 5.47
C ALA A 98 -1.41 6.56 5.65
N THR A 99 -1.01 5.91 6.75
CA THR A 99 0.40 5.75 7.20
C THR A 99 0.63 4.42 7.96
N ILE A 100 1.79 3.77 7.77
CA ILE A 100 2.21 2.49 8.36
C ILE A 100 3.73 2.53 8.67
N HIS A 101 4.23 1.68 9.58
CA HIS A 101 5.66 1.48 9.82
C HIS A 101 6.04 -0.01 9.74
N LEU A 102 7.31 -0.31 9.43
CA LEU A 102 7.87 -1.66 9.36
C LEU A 102 9.23 -1.73 10.08
N LYS A 103 9.27 -2.52 11.15
CA LYS A 103 10.47 -2.82 11.96
C LYS A 103 11.17 -4.11 11.53
N VAL A 104 12.27 -4.02 10.78
CA VAL A 104 13.04 -5.20 10.33
C VAL A 104 14.25 -5.46 11.25
N PHE A 105 14.42 -6.70 11.71
CA PHE A 105 15.53 -7.11 12.58
C PHE A 105 16.33 -8.30 12.00
N ALA A 106 17.67 -8.31 12.15
CA ALA A 106 18.55 -9.35 11.65
C ALA A 106 18.81 -10.48 12.68
N LYS A 107 17.74 -10.95 13.34
CA LYS A 107 17.73 -11.91 14.48
C LYS A 107 18.42 -11.33 15.72
N GLY A 1 -21.53 14.20 -11.51
CA GLY A 1 -21.63 12.72 -11.71
C GLY A 1 -22.43 12.06 -10.59
N LYS A 2 -22.82 10.80 -10.78
CA LYS A 2 -23.53 9.96 -9.78
C LYS A 2 -23.35 8.45 -10.10
N ASP A 3 -24.05 7.59 -9.35
CA ASP A 3 -24.11 6.13 -9.58
C ASP A 3 -25.18 5.79 -10.65
N ILE A 4 -25.50 4.52 -10.86
CA ILE A 4 -26.60 4.07 -11.74
C ILE A 4 -27.93 4.18 -10.96
N GLN A 5 -27.90 3.93 -9.65
CA GLN A 5 -29.04 4.13 -8.73
C GLN A 5 -29.18 5.62 -8.33
N VAL A 6 -30.07 5.91 -7.37
CA VAL A 6 -30.23 7.23 -6.73
C VAL A 6 -29.21 7.34 -5.57
N ILE A 7 -27.93 7.24 -5.93
CA ILE A 7 -26.73 7.19 -5.11
C ILE A 7 -25.64 8.00 -5.82
N VAL A 8 -24.64 8.52 -5.09
CA VAL A 8 -23.59 9.39 -5.61
C VAL A 8 -22.20 8.75 -5.39
N ASN A 9 -21.26 9.01 -6.32
CA ASN A 9 -19.90 8.48 -6.32
C ASN A 9 -19.18 8.64 -4.96
N VAL A 10 -18.60 7.54 -4.49
CA VAL A 10 -17.99 7.39 -3.15
C VAL A 10 -16.48 7.72 -3.25
N PRO A 11 -15.95 8.66 -2.43
CA PRO A 11 -14.51 8.96 -2.32
C PRO A 11 -13.63 7.74 -1.99
N PRO A 12 -12.30 7.81 -2.18
CA PRO A 12 -11.40 6.73 -1.80
C PRO A 12 -11.41 6.49 -0.28
N SER A 13 -11.47 5.23 0.13
CA SER A 13 -11.51 4.79 1.53
C SER A 13 -10.23 4.02 1.86
N VAL A 14 -9.07 4.61 1.52
CA VAL A 14 -7.75 3.97 1.73
C VAL A 14 -7.41 3.91 3.22
N ARG A 15 -6.95 2.76 3.71
CA ARG A 15 -6.79 2.47 5.15
C ARG A 15 -5.52 1.70 5.43
N ALA A 16 -5.08 1.71 6.68
CA ALA A 16 -4.00 0.84 7.15
C ALA A 16 -4.56 -0.54 7.57
N ARG A 17 -4.18 -1.61 6.85
CA ARG A 17 -4.62 -3.00 7.20
C ARG A 17 -3.97 -3.45 8.52
N GLN A 18 -2.80 -2.90 8.86
CA GLN A 18 -2.07 -2.97 10.11
C GLN A 18 -1.08 -1.80 10.11
N SER A 19 -0.97 -1.05 11.23
CA SER A 19 -0.25 0.22 11.29
C SER A 19 1.24 0.13 11.66
N THR A 20 1.71 -1.03 12.10
CA THR A 20 3.12 -1.34 12.42
C THR A 20 3.38 -2.81 12.11
N MET A 21 4.30 -3.02 11.15
CA MET A 21 4.85 -4.31 10.74
C MET A 21 6.31 -4.45 11.21
N ASN A 22 6.80 -5.68 11.33
CA ASN A 22 8.19 -6.01 11.63
C ASN A 22 8.60 -7.35 10.98
N ALA A 23 9.88 -7.55 10.68
CA ALA A 23 10.34 -8.68 9.87
C ALA A 23 11.85 -8.97 10.04
N THR A 24 12.22 -10.22 9.72
CA THR A 24 13.56 -10.76 9.99
C THR A 24 14.46 -10.68 8.75
N ALA A 25 15.61 -10.03 8.89
CA ALA A 25 16.65 -9.94 7.85
C ALA A 25 17.63 -11.14 7.92
N ASN A 26 18.48 -11.29 6.90
CA ASN A 26 19.53 -12.32 6.73
C ASN A 26 19.03 -13.74 6.43
N LEU A 27 17.75 -14.04 6.67
CA LEU A 27 17.10 -15.35 6.44
C LEU A 27 16.41 -15.48 5.08
N SER A 28 16.32 -14.39 4.30
CA SER A 28 15.73 -14.37 2.94
C SER A 28 14.22 -14.67 2.94
N GLN A 29 13.51 -14.31 4.02
CA GLN A 29 12.10 -14.62 4.20
C GLN A 29 11.15 -13.75 3.35
N SER A 30 9.87 -14.11 3.29
CA SER A 30 8.82 -13.40 2.55
C SER A 30 7.70 -12.94 3.49
N VAL A 31 7.12 -11.78 3.21
CA VAL A 31 6.18 -11.08 4.11
C VAL A 31 5.15 -10.26 3.32
N THR A 32 3.89 -10.29 3.73
CA THR A 32 2.79 -9.44 3.17
C THR A 32 2.37 -8.35 4.15
N LEU A 33 1.93 -7.21 3.61
CA LEU A 33 1.37 -6.06 4.31
C LEU A 33 0.51 -5.22 3.35
N ALA A 34 -0.30 -4.29 3.84
CA ALA A 34 -1.21 -3.57 2.95
C ALA A 34 -1.77 -2.25 3.49
N CYS A 35 -1.92 -1.29 2.56
CA CYS A 35 -2.64 -0.04 2.76
C CYS A 35 -3.89 -0.08 1.87
N ASP A 36 -4.87 -0.91 2.28
CA ASP A 36 -6.05 -1.30 1.48
C ASP A 36 -6.91 -0.12 0.99
N ALA A 37 -7.02 0.02 -0.33
CA ALA A 37 -7.85 1.02 -0.99
C ALA A 37 -9.19 0.44 -1.49
N ASP A 38 -10.19 1.32 -1.61
CA ASP A 38 -11.57 1.02 -2.04
C ASP A 38 -12.28 2.33 -2.45
N GLY A 39 -13.35 2.26 -3.24
CA GLY A 39 -14.13 3.41 -3.72
C GLY A 39 -15.11 3.03 -4.82
N PHE A 40 -16.00 3.95 -5.22
CA PHE A 40 -16.98 3.76 -6.29
C PHE A 40 -17.16 5.05 -7.12
N PRO A 41 -16.43 5.22 -8.24
CA PRO A 41 -15.59 4.21 -8.90
C PRO A 41 -14.27 3.93 -8.15
N GLU A 42 -13.75 2.72 -8.41
CA GLU A 42 -12.44 2.22 -7.94
C GLU A 42 -11.33 3.31 -8.02
N PRO A 43 -10.53 3.50 -6.97
CA PRO A 43 -9.61 4.64 -6.89
C PRO A 43 -8.26 4.38 -7.57
N THR A 44 -7.56 5.48 -7.85
CA THR A 44 -6.16 5.50 -8.30
C THR A 44 -5.29 5.73 -7.05
N MET A 45 -4.07 5.16 -6.98
CA MET A 45 -3.28 5.19 -5.74
C MET A 45 -1.76 5.09 -5.96
N THR A 46 -0.99 5.55 -4.97
CA THR A 46 0.47 5.42 -4.86
C THR A 46 0.89 5.49 -3.37
N TRP A 47 2.16 5.18 -3.09
CA TRP A 47 2.72 5.21 -1.74
C TRP A 47 4.23 5.42 -1.73
N THR A 48 4.81 5.76 -0.57
CA THR A 48 6.24 6.14 -0.47
C THR A 48 6.95 5.46 0.70
N LYS A 49 8.26 5.21 0.52
CA LYS A 49 9.15 4.49 1.45
C LYS A 49 9.88 5.48 2.36
N ASP A 50 9.09 6.36 2.99
CA ASP A 50 9.54 7.54 3.76
C ASP A 50 10.16 8.66 2.88
N GLY A 51 10.09 8.54 1.54
CA GLY A 51 10.58 9.58 0.60
C GLY A 51 10.56 9.20 -0.89
N GLU A 52 10.84 7.94 -1.22
CA GLU A 52 10.89 7.43 -2.61
C GLU A 52 9.62 6.63 -2.99
N PRO A 53 9.20 6.61 -4.27
CA PRO A 53 7.91 6.07 -4.66
C PRO A 53 7.89 4.53 -4.74
N ILE A 54 6.84 3.96 -4.17
CA ILE A 54 6.41 2.55 -4.22
C ILE A 54 5.31 2.45 -5.27
N GLU A 55 5.59 2.93 -6.48
CA GLU A 55 4.76 2.78 -7.67
C GLU A 55 4.73 1.32 -8.16
N GLN A 56 3.88 0.50 -7.54
CA GLN A 56 3.80 -0.98 -7.67
C GLN A 56 3.67 -1.54 -9.11
N GLU A 57 3.36 -0.69 -10.09
CA GLU A 57 3.21 -1.02 -11.51
C GLU A 57 4.53 -0.89 -12.30
N ASP A 58 5.61 -0.40 -11.68
CA ASP A 58 6.96 -0.25 -12.26
C ASP A 58 8.10 -0.52 -11.25
N ASN A 59 7.89 -0.22 -9.97
CA ASN A 59 8.79 -0.59 -8.88
C ASN A 59 8.39 -1.96 -8.33
N GLU A 60 9.13 -3.00 -8.73
CA GLU A 60 8.77 -4.42 -8.54
C GLU A 60 9.97 -5.31 -8.10
N GLU A 61 11.12 -4.71 -7.76
CA GLU A 61 12.43 -5.35 -7.55
C GLU A 61 12.44 -6.66 -6.75
N LYS A 62 11.57 -6.80 -5.73
CA LYS A 62 11.33 -8.06 -4.99
C LYS A 62 9.95 -8.05 -4.32
N TYR A 63 8.93 -7.67 -5.08
CA TYR A 63 7.57 -7.44 -4.55
C TYR A 63 6.50 -7.24 -5.63
N SER A 64 5.25 -7.56 -5.28
CA SER A 64 4.05 -7.50 -6.13
C SER A 64 2.75 -7.63 -5.32
N PHE A 65 1.60 -7.31 -5.96
CA PHE A 65 0.31 -7.17 -5.29
C PHE A 65 -0.88 -7.56 -6.19
N ASN A 66 -2.10 -7.50 -5.63
CA ASN A 66 -3.38 -7.79 -6.31
C ASN A 66 -4.29 -6.54 -6.41
N TYR A 67 -5.28 -6.59 -7.31
CA TYR A 67 -6.32 -5.55 -7.45
C TYR A 67 -7.43 -5.72 -6.40
N ASP A 68 -8.36 -4.75 -6.35
CA ASP A 68 -9.44 -4.67 -5.36
C ASP A 68 -8.93 -4.66 -3.89
N GLY A 69 -7.70 -4.17 -3.72
CA GLY A 69 -6.91 -4.16 -2.49
C GLY A 69 -5.51 -3.60 -2.74
N SER A 70 -4.61 -3.75 -1.77
CA SER A 70 -3.27 -3.14 -1.78
C SER A 70 -2.23 -4.07 -1.12
N GLU A 71 -2.41 -5.38 -1.24
CA GLU A 71 -1.63 -6.37 -0.51
C GLU A 71 -0.25 -6.57 -1.15
N LEU A 72 0.70 -5.77 -0.68
CA LEU A 72 2.09 -5.73 -1.12
C LEU A 72 2.86 -6.88 -0.47
N ILE A 73 3.08 -7.92 -1.26
CA ILE A 73 3.90 -9.08 -0.88
C ILE A 73 5.34 -8.74 -1.25
N ILE A 74 6.24 -8.85 -0.28
CA ILE A 74 7.68 -8.75 -0.43
C ILE A 74 8.28 -10.14 -0.28
N LYS A 75 9.30 -10.43 -1.09
CA LYS A 75 10.13 -11.63 -0.96
C LYS A 75 11.58 -11.22 -0.73
N LYS A 76 12.35 -12.10 -0.07
CA LYS A 76 13.79 -11.93 0.21
C LYS A 76 14.07 -10.69 1.07
N VAL A 77 13.37 -10.59 2.19
CA VAL A 77 13.44 -9.44 3.10
C VAL A 77 14.83 -9.29 3.73
N ASP A 78 15.29 -8.05 3.88
CA ASP A 78 16.55 -7.69 4.53
C ASP A 78 16.49 -6.25 5.09
N LYS A 79 17.60 -5.74 5.66
CA LYS A 79 17.70 -4.40 6.28
C LYS A 79 17.32 -3.25 5.34
N SER A 80 17.38 -3.45 4.03
CA SER A 80 16.98 -2.49 2.98
C SER A 80 15.47 -2.27 2.85
N ASP A 81 14.63 -3.15 3.44
CA ASP A 81 13.17 -3.05 3.36
C ASP A 81 12.52 -2.15 4.43
N GLU A 82 13.28 -1.73 5.46
CA GLU A 82 12.78 -0.86 6.53
C GLU A 82 12.25 0.49 6.00
N ALA A 83 11.08 0.95 6.47
CA ALA A 83 10.34 2.09 5.91
C ALA A 83 9.28 2.67 6.86
N GLU A 84 8.83 3.89 6.57
CA GLU A 84 7.68 4.53 7.19
C GLU A 84 6.73 4.89 6.04
N TYR A 85 5.85 3.95 5.67
CA TYR A 85 4.97 4.04 4.53
C TYR A 85 3.92 5.14 4.72
N ILE A 86 3.76 5.98 3.70
CA ILE A 86 2.67 6.96 3.58
C ILE A 86 1.97 6.65 2.25
N CYS A 87 0.66 6.41 2.32
CA CYS A 87 -0.13 5.91 1.21
C CYS A 87 -1.34 6.79 0.91
N ILE A 88 -1.50 7.11 -0.38
CA ILE A 88 -2.44 8.09 -0.94
C ILE A 88 -3.36 7.41 -1.94
N ALA A 89 -4.63 7.82 -1.97
CA ALA A 89 -5.59 7.41 -2.98
C ALA A 89 -6.49 8.57 -3.43
N GLU A 90 -6.95 8.53 -4.69
CA GLU A 90 -7.67 9.62 -5.35
C GLU A 90 -8.66 9.05 -6.39
N ASN A 91 -9.85 9.62 -6.49
CA ASN A 91 -10.82 9.33 -7.57
C ASN A 91 -11.61 10.60 -7.96
N LYS A 92 -12.73 10.44 -8.68
CA LYS A 92 -13.54 11.54 -9.23
C LYS A 92 -14.44 12.22 -8.17
N ALA A 93 -14.64 11.56 -7.03
CA ALA A 93 -15.44 12.03 -5.90
C ALA A 93 -14.60 12.65 -4.76
N GLY A 94 -13.33 12.25 -4.61
CA GLY A 94 -12.47 12.76 -3.54
C GLY A 94 -11.05 12.17 -3.50
N GLU A 95 -10.40 12.30 -2.34
CA GLU A 95 -8.99 11.93 -2.08
C GLU A 95 -8.79 11.62 -0.60
N GLN A 96 -7.93 10.64 -0.27
CA GLN A 96 -7.71 10.17 1.11
C GLN A 96 -6.33 9.50 1.30
N ASP A 97 -5.94 9.20 2.53
CA ASP A 97 -4.60 8.70 2.91
C ASP A 97 -4.57 7.87 4.21
N ALA A 98 -3.53 7.05 4.38
CA ALA A 98 -3.17 6.32 5.61
C ALA A 98 -1.63 6.20 5.80
N THR A 99 -1.18 5.55 6.88
CA THR A 99 0.23 5.49 7.30
C THR A 99 0.54 4.15 7.97
N ILE A 100 1.71 3.55 7.72
CA ILE A 100 2.14 2.23 8.24
C ILE A 100 3.65 2.22 8.48
N HIS A 101 4.11 1.71 9.62
CA HIS A 101 5.53 1.45 9.87
C HIS A 101 5.95 0.05 9.42
N LEU A 102 7.18 -0.11 8.92
CA LEU A 102 7.80 -1.40 8.64
C LEU A 102 9.21 -1.42 9.23
N LYS A 103 9.35 -2.03 10.40
CA LYS A 103 10.66 -2.24 11.04
C LYS A 103 11.31 -3.54 10.53
N VAL A 104 12.62 -3.66 10.74
CA VAL A 104 13.40 -4.87 10.37
C VAL A 104 14.52 -5.12 11.37
N PHE A 105 14.69 -6.37 11.81
CA PHE A 105 15.77 -6.82 12.69
C PHE A 105 16.60 -7.96 12.08
N ALA A 106 17.91 -7.94 12.34
CA ALA A 106 18.90 -8.92 11.81
C ALA A 106 19.25 -10.00 12.87
N LYS A 107 18.22 -10.59 13.49
CA LYS A 107 18.30 -11.52 14.64
C LYS A 107 19.02 -10.87 15.84
N GLY A 1 -25.84 6.58 -0.79
CA GLY A 1 -25.74 6.81 -2.24
C GLY A 1 -24.54 6.08 -2.83
N LYS A 2 -24.65 5.59 -4.08
CA LYS A 2 -23.63 4.81 -4.79
C LYS A 2 -23.90 4.80 -6.31
N ASP A 3 -22.89 4.46 -7.10
CA ASP A 3 -22.97 4.48 -8.59
C ASP A 3 -23.70 3.28 -9.22
N ILE A 4 -24.22 2.36 -8.40
CA ILE A 4 -24.87 1.11 -8.87
C ILE A 4 -26.18 1.36 -9.63
N GLN A 5 -26.94 2.39 -9.24
CA GLN A 5 -28.27 2.71 -9.82
C GLN A 5 -28.75 4.16 -9.60
N VAL A 6 -27.79 5.04 -9.31
CA VAL A 6 -27.95 6.48 -9.03
C VAL A 6 -26.66 7.20 -9.48
N ILE A 7 -26.72 8.49 -9.79
CA ILE A 7 -25.54 9.33 -10.11
C ILE A 7 -24.92 9.86 -8.81
N VAL A 8 -24.08 9.04 -8.18
CA VAL A 8 -23.39 9.33 -6.90
C VAL A 8 -22.02 8.67 -6.91
N ASN A 9 -21.02 9.42 -7.40
CA ASN A 9 -19.62 9.03 -7.36
C ASN A 9 -19.04 9.26 -5.95
N VAL A 10 -18.51 8.17 -5.37
CA VAL A 10 -18.06 8.05 -3.98
C VAL A 10 -16.53 8.29 -3.87
N PRO A 11 -16.05 9.17 -2.96
CA PRO A 11 -14.62 9.41 -2.74
C PRO A 11 -13.81 8.16 -2.37
N PRO A 12 -12.47 8.23 -2.45
CA PRO A 12 -11.63 7.13 -1.98
C PRO A 12 -11.69 6.96 -0.46
N SER A 13 -11.40 5.75 -0.01
CA SER A 13 -11.45 5.31 1.39
C SER A 13 -10.24 4.45 1.77
N VAL A 14 -9.03 4.93 1.47
CA VAL A 14 -7.79 4.19 1.76
C VAL A 14 -7.49 4.17 3.27
N ARG A 15 -7.15 2.99 3.78
CA ARG A 15 -7.01 2.70 5.23
C ARG A 15 -5.83 1.76 5.48
N ALA A 16 -5.13 1.96 6.59
CA ALA A 16 -4.00 1.11 6.98
C ALA A 16 -4.55 -0.16 7.64
N ARG A 17 -4.43 -1.29 6.94
CA ARG A 17 -4.91 -2.61 7.41
C ARG A 17 -4.03 -3.19 8.51
N GLN A 18 -2.72 -2.94 8.40
CA GLN A 18 -1.69 -3.16 9.44
C GLN A 18 -1.35 -1.82 10.10
N SER A 19 -0.31 -1.78 10.96
CA SER A 19 0.13 -0.53 11.63
C SER A 19 1.64 -0.48 11.92
N THR A 20 2.26 -1.58 12.33
CA THR A 20 3.73 -1.71 12.53
C THR A 20 4.13 -3.16 12.39
N MET A 21 4.86 -3.45 11.30
CA MET A 21 5.37 -4.77 10.91
C MET A 21 6.83 -4.95 11.38
N ASN A 22 7.30 -6.20 11.35
CA ASN A 22 8.68 -6.57 11.67
C ASN A 22 9.20 -7.71 10.79
N ALA A 23 10.52 -7.87 10.70
CA ALA A 23 11.22 -8.94 10.00
C ALA A 23 12.69 -9.11 10.45
N THR A 24 13.22 -10.34 10.31
CA THR A 24 14.62 -10.68 10.55
C THR A 24 15.39 -10.71 9.24
N ALA A 25 16.06 -9.61 8.90
CA ALA A 25 16.78 -9.43 7.64
C ALA A 25 17.77 -10.55 7.28
N ASN A 26 17.90 -10.79 5.96
CA ASN A 26 18.92 -11.65 5.33
C ASN A 26 18.65 -13.17 5.45
N LEU A 27 17.50 -13.58 6.01
CA LEU A 27 17.06 -14.98 6.08
C LEU A 27 16.36 -15.47 4.79
N SER A 28 16.17 -14.59 3.80
CA SER A 28 15.62 -14.88 2.48
C SER A 28 14.15 -15.35 2.48
N GLN A 29 13.40 -14.96 3.51
CA GLN A 29 11.97 -15.23 3.68
C GLN A 29 11.10 -14.26 2.85
N SER A 30 9.77 -14.43 2.90
CA SER A 30 8.78 -13.49 2.36
C SER A 30 7.87 -12.97 3.48
N VAL A 31 7.33 -11.77 3.27
CA VAL A 31 6.52 -11.00 4.22
C VAL A 31 5.35 -10.33 3.50
N THR A 32 4.14 -10.36 4.07
CA THR A 32 2.99 -9.61 3.52
C THR A 32 2.56 -8.51 4.50
N LEU A 33 2.08 -7.37 3.98
CA LEU A 33 1.59 -6.19 4.70
C LEU A 33 0.61 -5.40 3.80
N ALA A 34 -0.15 -4.45 4.37
CA ALA A 34 -1.24 -3.85 3.62
C ALA A 34 -1.81 -2.50 4.10
N CYS A 35 -2.26 -1.71 3.11
CA CYS A 35 -3.04 -0.49 3.20
C CYS A 35 -4.08 -0.51 2.06
N ASP A 36 -5.34 -0.86 2.37
CA ASP A 36 -6.37 -1.13 1.37
C ASP A 36 -7.10 0.14 0.93
N ALA A 37 -7.26 0.31 -0.39
CA ALA A 37 -8.06 1.37 -0.99
C ALA A 37 -9.40 0.85 -1.52
N ASP A 38 -10.40 1.74 -1.61
CA ASP A 38 -11.76 1.45 -2.03
C ASP A 38 -12.48 2.76 -2.48
N GLY A 39 -13.53 2.67 -3.29
CA GLY A 39 -14.26 3.80 -3.91
C GLY A 39 -15.18 3.31 -5.04
N PHE A 40 -16.08 4.20 -5.53
CA PHE A 40 -17.08 3.87 -6.56
C PHE A 40 -17.40 5.08 -7.47
N PRO A 41 -16.79 5.21 -8.66
CA PRO A 41 -15.86 4.26 -9.30
C PRO A 41 -14.54 4.05 -8.55
N GLU A 42 -13.98 2.87 -8.74
CA GLU A 42 -12.74 2.40 -8.09
C GLU A 42 -11.56 3.40 -8.19
N PRO A 43 -10.75 3.57 -7.13
CA PRO A 43 -9.74 4.62 -7.08
C PRO A 43 -8.38 4.21 -7.65
N THR A 44 -7.53 5.22 -7.88
CA THR A 44 -6.11 5.08 -8.20
C THR A 44 -5.30 5.31 -6.93
N MET A 45 -4.37 4.43 -6.58
CA MET A 45 -3.68 4.48 -5.28
C MET A 45 -2.18 4.18 -5.38
N THR A 46 -1.42 4.69 -4.42
CA THR A 46 0.04 4.55 -4.32
C THR A 46 0.51 4.66 -2.87
N TRP A 47 1.77 4.28 -2.62
CA TRP A 47 2.40 4.42 -1.32
C TRP A 47 3.92 4.54 -1.42
N THR A 48 4.58 5.06 -0.38
CA THR A 48 6.02 5.40 -0.37
C THR A 48 6.82 4.65 0.70
N LYS A 49 8.13 4.50 0.47
CA LYS A 49 9.08 3.76 1.32
C LYS A 49 9.90 4.70 2.22
N ASP A 50 9.21 5.54 3.00
CA ASP A 50 9.71 6.67 3.82
C ASP A 50 9.97 7.95 2.99
N GLY A 51 9.89 7.89 1.64
CA GLY A 51 10.01 9.07 0.77
C GLY A 51 9.94 8.78 -0.73
N GLU A 52 10.43 7.61 -1.18
CA GLU A 52 10.42 7.17 -2.59
C GLU A 52 9.19 6.28 -2.91
N PRO A 53 8.67 6.24 -4.14
CA PRO A 53 7.40 5.55 -4.43
C PRO A 53 7.55 4.03 -4.59
N ILE A 54 6.51 3.31 -4.20
CA ILE A 54 6.31 1.85 -4.32
C ILE A 54 5.20 1.56 -5.34
N GLU A 55 5.12 2.39 -6.40
CA GLU A 55 4.02 2.33 -7.37
C GLU A 55 4.26 1.20 -8.38
N GLN A 56 3.36 0.21 -8.37
CA GLN A 56 3.51 -1.08 -9.09
C GLN A 56 3.43 -1.00 -10.63
N GLU A 57 3.25 0.22 -11.17
CA GLU A 57 3.36 0.50 -12.61
C GLU A 57 4.83 0.62 -13.07
N ASP A 58 5.77 0.73 -12.11
CA ASP A 58 7.20 0.95 -12.35
C ASP A 58 8.12 0.38 -11.24
N ASN A 59 7.55 -0.19 -10.16
CA ASN A 59 8.27 -0.62 -8.96
C ASN A 59 7.78 -2.01 -8.51
N GLU A 60 8.62 -3.03 -8.70
CA GLU A 60 8.31 -4.45 -8.56
C GLU A 60 9.56 -5.29 -8.16
N GLU A 61 10.63 -4.60 -7.75
CA GLU A 61 12.00 -5.10 -7.50
C GLU A 61 12.10 -6.47 -6.80
N LYS A 62 11.22 -6.71 -5.82
CA LYS A 62 11.00 -8.00 -5.16
C LYS A 62 9.63 -8.07 -4.49
N TYR A 63 8.58 -7.67 -5.22
CA TYR A 63 7.26 -7.47 -4.62
C TYR A 63 6.07 -7.27 -5.59
N SER A 64 4.91 -7.79 -5.17
CA SER A 64 3.68 -7.88 -5.97
C SER A 64 2.42 -7.76 -5.07
N PHE A 65 1.35 -7.15 -5.59
CA PHE A 65 0.08 -6.97 -4.88
C PHE A 65 -1.20 -7.18 -5.72
N ASN A 66 -2.37 -6.98 -5.11
CA ASN A 66 -3.71 -7.27 -5.65
C ASN A 66 -4.44 -6.04 -6.26
N TYR A 67 -5.73 -6.22 -6.62
CA TYR A 67 -6.55 -5.23 -7.32
C TYR A 67 -7.12 -4.12 -6.39
N ASP A 68 -7.12 -4.32 -5.05
CA ASP A 68 -7.43 -3.30 -4.04
C ASP A 68 -6.19 -2.48 -3.64
N GLY A 69 -5.02 -2.85 -4.18
CA GLY A 69 -3.71 -2.26 -3.85
C GLY A 69 -3.25 -2.53 -2.42
N SER A 70 -3.88 -3.50 -1.74
CA SER A 70 -3.71 -3.72 -0.31
C SER A 70 -2.55 -4.66 0.01
N GLU A 71 -2.68 -5.95 -0.29
CA GLU A 71 -1.75 -7.01 0.11
C GLU A 71 -0.42 -7.00 -0.68
N LEU A 72 0.51 -6.14 -0.31
CA LEU A 72 1.88 -6.13 -0.87
C LEU A 72 2.71 -7.22 -0.22
N ILE A 73 3.10 -8.19 -1.05
CA ILE A 73 3.95 -9.30 -0.66
C ILE A 73 5.37 -8.95 -1.11
N ILE A 74 6.31 -8.96 -0.17
CA ILE A 74 7.74 -8.69 -0.38
C ILE A 74 8.53 -9.96 -0.13
N LYS A 75 9.34 -10.40 -1.09
CA LYS A 75 10.30 -11.49 -0.89
C LYS A 75 11.72 -10.95 -0.66
N LYS A 76 12.59 -11.80 -0.11
CA LYS A 76 14.05 -11.57 0.04
C LYS A 76 14.34 -10.34 0.94
N VAL A 77 13.70 -10.32 2.10
CA VAL A 77 13.67 -9.15 3.02
C VAL A 77 15.04 -8.89 3.65
N ASP A 78 15.40 -7.61 3.77
CA ASP A 78 16.65 -7.11 4.35
C ASP A 78 16.49 -5.74 5.03
N LYS A 79 17.56 -5.19 5.62
CA LYS A 79 17.56 -3.94 6.40
C LYS A 79 17.16 -2.70 5.57
N SER A 80 17.23 -2.78 4.24
CA SER A 80 16.78 -1.78 3.29
C SER A 80 15.25 -1.74 3.11
N ASP A 81 14.51 -2.68 3.71
CA ASP A 81 13.03 -2.70 3.70
C ASP A 81 12.40 -1.99 4.92
N GLU A 82 13.19 -1.47 5.87
CA GLU A 82 12.70 -0.60 6.94
C GLU A 82 12.06 0.66 6.31
N ALA A 83 10.80 0.95 6.66
CA ALA A 83 10.00 1.97 5.97
C ALA A 83 8.84 2.53 6.81
N GLU A 84 8.46 3.78 6.50
CA GLU A 84 7.24 4.44 6.99
C GLU A 84 6.32 4.54 5.76
N TYR A 85 5.42 3.56 5.66
CA TYR A 85 4.57 3.29 4.50
C TYR A 85 3.33 4.20 4.45
N ILE A 86 3.54 5.47 4.06
CA ILE A 86 2.43 6.41 3.85
C ILE A 86 1.71 6.04 2.55
N CYS A 87 0.40 5.84 2.64
CA CYS A 87 -0.49 5.45 1.53
C CYS A 87 -1.55 6.50 1.18
N ILE A 88 -1.82 6.65 -0.11
CA ILE A 88 -2.64 7.70 -0.71
C ILE A 88 -3.56 7.09 -1.78
N ALA A 89 -4.78 7.60 -1.93
CA ALA A 89 -5.68 7.22 -3.01
C ALA A 89 -6.46 8.43 -3.55
N GLU A 90 -6.84 8.38 -4.81
CA GLU A 90 -7.49 9.49 -5.54
C GLU A 90 -8.46 8.92 -6.60
N ASN A 91 -9.60 9.58 -6.78
CA ASN A 91 -10.54 9.32 -7.89
C ASN A 91 -11.25 10.61 -8.35
N LYS A 92 -12.23 10.50 -9.24
CA LYS A 92 -13.01 11.64 -9.77
C LYS A 92 -13.85 12.36 -8.70
N ALA A 93 -14.18 11.69 -7.60
CA ALA A 93 -15.00 12.19 -6.49
C ALA A 93 -14.18 12.85 -5.36
N GLY A 94 -12.92 12.46 -5.15
CA GLY A 94 -12.08 12.98 -4.08
C GLY A 94 -10.70 12.31 -3.91
N GLU A 95 -10.13 12.43 -2.71
CA GLU A 95 -8.76 12.00 -2.36
C GLU A 95 -8.71 11.60 -0.87
N GLN A 96 -7.84 10.64 -0.51
CA GLN A 96 -7.73 10.09 0.86
C GLN A 96 -6.32 9.53 1.17
N ASP A 97 -5.99 9.28 2.44
CA ASP A 97 -4.65 8.81 2.87
C ASP A 97 -4.67 8.08 4.23
N ALA A 98 -3.67 7.20 4.46
CA ALA A 98 -3.37 6.48 5.70
C ALA A 98 -1.85 6.18 5.81
N THR A 99 -1.38 5.44 6.82
CA THR A 99 0.06 5.15 7.05
C THR A 99 0.28 3.82 7.81
N ILE A 100 1.20 2.99 7.30
CA ILE A 100 1.75 1.78 7.94
C ILE A 100 3.23 2.02 8.31
N HIS A 101 3.89 1.03 8.93
CA HIS A 101 5.31 1.07 9.29
C HIS A 101 5.92 -0.35 9.27
N LEU A 102 7.24 -0.45 9.14
CA LEU A 102 8.02 -1.70 9.17
C LEU A 102 9.40 -1.41 9.77
N LYS A 103 9.71 -2.04 10.91
CA LYS A 103 11.01 -1.96 11.59
C LYS A 103 11.78 -3.30 11.47
N VAL A 104 13.00 -3.24 10.95
CA VAL A 104 13.77 -4.43 10.59
C VAL A 104 15.00 -4.60 11.50
N PHE A 105 15.17 -5.82 12.04
CA PHE A 105 16.31 -6.26 12.82
C PHE A 105 17.01 -7.47 12.14
N ALA A 106 18.12 -7.96 12.71
CA ALA A 106 18.97 -8.97 12.05
C ALA A 106 19.59 -9.97 13.06
N LYS A 107 18.82 -10.29 14.12
CA LYS A 107 19.14 -11.17 15.25
C LYS A 107 17.91 -11.53 16.08
N GLY A 1 -18.77 16.52 -12.26
CA GLY A 1 -19.43 15.20 -12.37
C GLY A 1 -20.59 15.06 -11.39
N LYS A 2 -21.09 13.82 -11.22
CA LYS A 2 -22.29 13.48 -10.44
C LYS A 2 -22.40 11.96 -10.22
N ASP A 3 -23.21 11.53 -9.25
CA ASP A 3 -23.58 10.13 -9.03
C ASP A 3 -24.93 9.75 -9.68
N ILE A 4 -25.67 10.74 -10.21
CA ILE A 4 -27.02 10.58 -10.82
C ILE A 4 -26.89 10.20 -12.32
N GLN A 5 -26.34 9.01 -12.57
CA GLN A 5 -25.98 8.41 -13.86
C GLN A 5 -25.58 6.92 -13.66
N VAL A 6 -25.18 6.21 -14.72
CA VAL A 6 -24.80 4.77 -14.67
C VAL A 6 -23.36 4.55 -14.21
N ILE A 7 -22.83 5.53 -13.48
CA ILE A 7 -21.52 5.63 -12.84
C ILE A 7 -21.74 6.29 -11.46
N VAL A 8 -21.79 5.49 -10.39
CA VAL A 8 -22.18 5.96 -9.07
C VAL A 8 -20.94 6.44 -8.31
N ASN A 9 -20.49 7.66 -8.61
CA ASN A 9 -19.24 8.24 -8.09
C ASN A 9 -19.23 8.36 -6.56
N VAL A 10 -18.37 7.56 -5.93
CA VAL A 10 -18.03 7.49 -4.50
C VAL A 10 -16.55 7.82 -4.31
N PRO A 11 -16.17 8.73 -3.38
CA PRO A 11 -14.78 9.03 -3.03
C PRO A 11 -13.94 7.80 -2.64
N PRO A 12 -12.60 7.85 -2.76
CA PRO A 12 -11.74 6.75 -2.40
C PRO A 12 -11.48 6.78 -0.89
N SER A 13 -11.31 5.61 -0.28
CA SER A 13 -11.25 5.45 1.18
C SER A 13 -10.17 4.46 1.60
N VAL A 14 -8.92 4.89 1.62
CA VAL A 14 -7.81 4.07 2.16
C VAL A 14 -7.72 4.19 3.68
N ARG A 15 -7.30 3.09 4.32
CA ARG A 15 -7.00 2.97 5.75
C ARG A 15 -5.81 2.03 5.95
N ALA A 16 -5.23 1.98 7.14
CA ALA A 16 -4.15 1.04 7.47
C ALA A 16 -4.73 -0.30 7.97
N ARG A 17 -4.20 -1.43 7.48
CA ARG A 17 -4.58 -2.78 7.94
C ARG A 17 -4.03 -3.08 9.36
N GLN A 18 -2.89 -2.47 9.70
CA GLN A 18 -2.26 -2.42 11.03
C GLN A 18 -1.13 -1.36 11.00
N SER A 19 -0.80 -0.78 12.16
CA SER A 19 0.08 0.39 12.24
C SER A 19 1.58 0.05 12.28
N THR A 20 1.95 -1.17 12.68
CA THR A 20 3.33 -1.66 12.76
C THR A 20 3.42 -3.08 12.20
N MET A 21 4.45 -3.33 11.39
CA MET A 21 4.90 -4.61 10.86
C MET A 21 6.33 -4.91 11.33
N ASN A 22 6.75 -6.18 11.23
CA ASN A 22 8.04 -6.70 11.70
C ASN A 22 8.54 -7.81 10.73
N ALA A 23 9.85 -7.97 10.59
CA ALA A 23 10.45 -9.01 9.72
C ALA A 23 11.91 -9.29 10.12
N THR A 24 12.39 -10.50 9.81
CA THR A 24 13.75 -10.96 10.11
C THR A 24 14.64 -10.88 8.86
N ALA A 25 15.69 -10.08 8.95
CA ALA A 25 16.63 -9.83 7.87
C ALA A 25 17.73 -10.90 7.78
N ASN A 26 18.55 -10.84 6.71
CA ASN A 26 19.62 -11.77 6.34
C ASN A 26 19.14 -13.19 5.92
N LEU A 27 17.85 -13.50 6.07
CA LEU A 27 17.23 -14.80 5.74
C LEU A 27 16.46 -14.81 4.42
N SER A 28 16.31 -13.67 3.74
CA SER A 28 15.59 -13.52 2.44
C SER A 28 14.08 -13.86 2.54
N GLN A 29 13.45 -13.55 3.68
CA GLN A 29 12.02 -13.79 3.95
C GLN A 29 11.07 -13.13 2.96
N SER A 30 9.84 -13.63 2.90
CA SER A 30 8.70 -13.02 2.19
C SER A 30 7.68 -12.52 3.20
N VAL A 31 7.16 -11.32 2.97
CA VAL A 31 6.32 -10.56 3.93
C VAL A 31 5.16 -9.84 3.24
N THR A 32 3.94 -9.97 3.76
CA THR A 32 2.74 -9.27 3.29
C THR A 32 2.36 -8.17 4.29
N LEU A 33 1.95 -7.01 3.78
CA LEU A 33 1.35 -5.90 4.53
C LEU A 33 0.47 -5.03 3.62
N ALA A 34 -0.37 -4.15 4.18
CA ALA A 34 -1.39 -3.47 3.38
C ALA A 34 -2.00 -2.18 3.92
N CYS A 35 -2.38 -1.31 2.98
CA CYS A 35 -3.21 -0.13 3.19
C CYS A 35 -4.53 -0.40 2.43
N ASP A 36 -5.58 -0.87 3.12
CA ASP A 36 -6.80 -1.36 2.49
C ASP A 36 -7.67 -0.23 1.94
N ALA A 37 -7.55 0.02 0.63
CA ALA A 37 -8.31 1.02 -0.12
C ALA A 37 -9.53 0.42 -0.82
N ASP A 38 -10.55 1.28 -0.99
CA ASP A 38 -11.77 1.01 -1.78
C ASP A 38 -12.26 2.30 -2.48
N GLY A 39 -13.17 2.18 -3.45
CA GLY A 39 -13.80 3.31 -4.19
C GLY A 39 -14.58 2.83 -5.42
N PHE A 40 -15.47 3.69 -5.94
CA PHE A 40 -16.31 3.40 -7.12
C PHE A 40 -16.52 4.66 -7.97
N PRO A 41 -16.04 4.72 -9.24
CA PRO A 41 -15.13 3.77 -9.89
C PRO A 41 -13.86 3.46 -9.09
N GLU A 42 -13.29 2.28 -9.36
CA GLU A 42 -12.08 1.72 -8.71
C GLU A 42 -10.99 2.78 -8.49
N PRO A 43 -10.37 2.85 -7.29
CA PRO A 43 -9.49 3.95 -6.94
C PRO A 43 -8.07 3.79 -7.53
N THR A 44 -7.35 4.91 -7.64
CA THR A 44 -5.92 4.96 -7.96
C THR A 44 -5.15 5.20 -6.66
N MET A 45 -4.25 4.32 -6.26
CA MET A 45 -3.55 4.44 -4.97
C MET A 45 -2.09 4.01 -5.05
N THR A 46 -1.23 4.70 -4.29
CA THR A 46 0.24 4.50 -4.26
C THR A 46 0.80 4.83 -2.88
N TRP A 47 2.08 4.48 -2.64
CA TRP A 47 2.74 4.62 -1.34
C TRP A 47 4.27 4.76 -1.40
N THR A 48 4.87 5.36 -0.37
CA THR A 48 6.29 5.78 -0.34
C THR A 48 7.06 5.14 0.82
N LYS A 49 8.38 5.00 0.65
CA LYS A 49 9.33 4.36 1.60
C LYS A 49 10.03 5.41 2.49
N ASP A 50 9.22 6.27 3.11
CA ASP A 50 9.65 7.46 3.88
C ASP A 50 10.45 8.51 3.06
N GLY A 51 10.36 8.49 1.72
CA GLY A 51 11.17 9.37 0.84
C GLY A 51 11.07 9.14 -0.68
N GLU A 52 10.71 7.93 -1.14
CA GLU A 52 10.63 7.57 -2.56
C GLU A 52 9.50 6.57 -2.84
N PRO A 53 8.94 6.52 -4.06
CA PRO A 53 7.71 5.76 -4.34
C PRO A 53 7.96 4.24 -4.49
N ILE A 54 6.96 3.47 -4.04
CA ILE A 54 6.85 1.99 -4.09
C ILE A 54 5.80 1.62 -5.17
N GLU A 55 5.80 2.42 -6.24
CA GLU A 55 4.87 2.43 -7.37
C GLU A 55 4.56 1.05 -7.97
N GLN A 56 3.45 0.45 -7.52
CA GLN A 56 3.05 -0.94 -7.82
C GLN A 56 2.80 -1.19 -9.34
N GLU A 57 2.56 -0.13 -10.11
CA GLU A 57 2.24 -0.15 -11.55
C GLU A 57 3.44 0.11 -12.48
N ASP A 58 4.63 0.37 -11.92
CA ASP A 58 5.87 0.61 -12.66
C ASP A 58 7.09 -0.11 -12.07
N ASN A 59 7.14 -0.31 -10.74
CA ASN A 59 8.20 -1.08 -10.05
C ASN A 59 7.70 -2.50 -9.67
N GLU A 60 8.58 -3.49 -9.81
CA GLU A 60 8.33 -4.93 -9.61
C GLU A 60 9.58 -5.67 -9.08
N GLU A 61 10.61 -4.92 -8.67
CA GLU A 61 11.95 -5.43 -8.35
C GLU A 61 12.02 -6.39 -7.15
N LYS A 62 11.00 -6.38 -6.27
CA LYS A 62 10.80 -7.38 -5.20
C LYS A 62 9.40 -7.36 -4.59
N TYR A 63 8.33 -7.33 -5.40
CA TYR A 63 6.95 -7.35 -4.87
C TYR A 63 5.86 -7.66 -5.92
N SER A 64 4.71 -8.08 -5.41
CA SER A 64 3.49 -8.51 -6.13
C SER A 64 2.23 -8.18 -5.27
N PHE A 65 1.06 -7.95 -5.88
CA PHE A 65 -0.12 -7.40 -5.22
C PHE A 65 -1.48 -7.81 -5.85
N ASN A 66 -2.58 -7.39 -5.22
CA ASN A 66 -3.96 -7.76 -5.56
C ASN A 66 -4.76 -6.63 -6.27
N TYR A 67 -5.99 -6.92 -6.68
CA TYR A 67 -6.81 -6.03 -7.51
C TYR A 67 -7.28 -4.71 -6.83
N ASP A 68 -7.35 -4.65 -5.51
CA ASP A 68 -7.64 -3.44 -4.72
C ASP A 68 -6.39 -2.56 -4.53
N GLY A 69 -5.19 -3.05 -4.90
CA GLY A 69 -3.89 -2.35 -4.76
C GLY A 69 -3.33 -2.31 -3.33
N SER A 70 -4.05 -2.91 -2.38
CA SER A 70 -3.83 -2.81 -0.94
C SER A 70 -2.74 -3.72 -0.39
N GLU A 71 -2.94 -5.04 -0.49
CA GLU A 71 -2.03 -6.07 -0.03
C GLU A 71 -0.82 -6.16 -0.96
N LEU A 72 0.29 -5.58 -0.51
CA LEU A 72 1.58 -5.68 -1.19
C LEU A 72 2.42 -6.77 -0.50
N ILE A 73 2.78 -7.78 -1.29
CA ILE A 73 3.62 -8.90 -0.86
C ILE A 73 5.03 -8.59 -1.34
N ILE A 74 5.96 -8.45 -0.40
CA ILE A 74 7.37 -8.13 -0.61
C ILE A 74 8.17 -9.40 -0.40
N LYS A 75 8.98 -9.77 -1.39
CA LYS A 75 9.86 -10.94 -1.34
C LYS A 75 11.30 -10.51 -1.03
N LYS A 76 12.13 -11.49 -0.68
CA LYS A 76 13.59 -11.40 -0.47
C LYS A 76 14.01 -10.24 0.46
N VAL A 77 13.38 -10.16 1.63
CA VAL A 77 13.55 -9.08 2.61
C VAL A 77 14.95 -9.13 3.28
N ASP A 78 15.51 -7.95 3.55
CA ASP A 78 16.75 -7.73 4.29
C ASP A 78 16.76 -6.33 4.95
N LYS A 79 17.80 -6.01 5.71
CA LYS A 79 17.99 -4.77 6.50
C LYS A 79 17.61 -3.47 5.78
N SER A 80 17.73 -3.43 4.45
CA SER A 80 17.39 -2.29 3.59
C SER A 80 15.89 -2.06 3.40
N ASP A 81 14.99 -2.97 3.82
CA ASP A 81 13.54 -2.89 3.61
C ASP A 81 12.78 -2.18 4.76
N GLU A 82 13.48 -1.75 5.82
CA GLU A 82 12.90 -0.92 6.88
C GLU A 82 12.33 0.41 6.33
N ALA A 83 11.17 0.84 6.81
CA ALA A 83 10.39 1.95 6.23
C ALA A 83 9.34 2.55 7.16
N GLU A 84 8.85 3.75 6.81
CA GLU A 84 7.69 4.41 7.41
C GLU A 84 6.77 4.80 6.26
N TYR A 85 5.92 3.86 5.88
CA TYR A 85 5.05 3.93 4.72
C TYR A 85 3.96 4.99 4.90
N ILE A 86 3.77 5.82 3.85
CA ILE A 86 2.65 6.76 3.74
C ILE A 86 1.89 6.38 2.47
N CYS A 87 0.60 6.13 2.61
CA CYS A 87 -0.23 5.57 1.53
C CYS A 87 -1.45 6.43 1.24
N ILE A 88 -1.64 6.72 -0.05
CA ILE A 88 -2.62 7.69 -0.55
C ILE A 88 -3.49 7.00 -1.61
N ALA A 89 -4.80 7.21 -1.55
CA ALA A 89 -5.76 6.83 -2.59
C ALA A 89 -6.48 8.06 -3.12
N GLU A 90 -6.84 8.01 -4.39
CA GLU A 90 -7.37 9.14 -5.15
C GLU A 90 -8.29 8.60 -6.27
N ASN A 91 -9.39 9.29 -6.56
CA ASN A 91 -10.23 9.03 -7.73
C ASN A 91 -10.91 10.36 -8.19
N LYS A 92 -11.72 10.32 -9.25
CA LYS A 92 -12.39 11.54 -9.77
C LYS A 92 -13.37 12.25 -8.78
N ALA A 93 -13.84 11.52 -7.78
CA ALA A 93 -14.75 11.99 -6.72
C ALA A 93 -14.08 12.44 -5.40
N GLY A 94 -12.81 12.09 -5.14
CA GLY A 94 -12.11 12.45 -3.90
C GLY A 94 -10.68 11.95 -3.74
N GLU A 95 -10.17 12.01 -2.49
CA GLU A 95 -8.78 11.72 -2.11
C GLU A 95 -8.66 11.50 -0.58
N GLN A 96 -7.95 10.45 -0.14
CA GLN A 96 -7.69 10.12 1.29
C GLN A 96 -6.32 9.41 1.48
N ASP A 97 -5.92 9.19 2.74
CA ASP A 97 -4.60 8.65 3.10
C ASP A 97 -4.50 7.92 4.47
N ALA A 98 -3.49 7.06 4.62
CA ALA A 98 -3.09 6.34 5.85
C ALA A 98 -1.55 6.20 5.97
N THR A 99 -1.06 5.56 7.04
CA THR A 99 0.39 5.45 7.39
C THR A 99 0.68 4.18 8.23
N ILE A 100 1.83 3.54 7.98
CA ILE A 100 2.26 2.25 8.58
C ILE A 100 3.79 2.22 8.76
N HIS A 101 4.31 1.70 9.87
CA HIS A 101 5.73 1.43 10.05
C HIS A 101 6.07 -0.05 9.83
N LEU A 102 7.23 -0.35 9.26
CA LEU A 102 7.80 -1.69 9.13
C LEU A 102 9.23 -1.69 9.74
N LYS A 103 9.43 -2.48 10.80
CA LYS A 103 10.74 -2.76 11.40
C LYS A 103 11.38 -4.01 10.78
N VAL A 104 12.68 -3.98 10.51
CA VAL A 104 13.41 -5.08 9.84
C VAL A 104 14.76 -5.31 10.52
N PHE A 105 14.84 -6.38 11.30
CA PHE A 105 15.95 -6.67 12.21
C PHE A 105 16.70 -7.99 11.88
N ALA A 106 18.03 -7.98 11.97
CA ALA A 106 18.88 -9.16 11.77
C ALA A 106 19.05 -9.97 13.08
N LYS A 107 17.92 -10.31 13.70
CA LYS A 107 17.77 -10.90 15.05
C LYS A 107 18.44 -10.04 16.14
N GLY A 1 -18.63 3.99 -16.00
CA GLY A 1 -19.13 4.72 -14.82
C GLY A 1 -18.88 6.22 -14.95
N LYS A 2 -19.55 7.04 -14.11
CA LYS A 2 -19.47 8.51 -14.09
C LYS A 2 -19.59 9.08 -12.67
N ASP A 3 -19.35 10.39 -12.54
CA ASP A 3 -19.54 11.21 -11.34
C ASP A 3 -20.93 11.91 -11.29
N ILE A 4 -21.88 11.51 -12.17
CA ILE A 4 -23.29 11.94 -12.12
C ILE A 4 -23.84 11.76 -10.69
N GLN A 5 -24.58 12.75 -10.20
CA GLN A 5 -25.06 12.80 -8.78
C GLN A 5 -26.34 11.99 -8.53
N VAL A 6 -26.48 10.87 -9.26
CA VAL A 6 -27.55 9.85 -9.17
C VAL A 6 -26.94 8.43 -9.31
N ILE A 7 -25.65 8.32 -8.96
CA ILE A 7 -24.78 7.13 -8.96
C ILE A 7 -24.26 6.88 -7.52
N VAL A 8 -23.81 5.65 -7.23
CA VAL A 8 -23.18 5.29 -5.95
C VAL A 8 -21.70 5.72 -5.98
N ASN A 9 -21.49 7.03 -5.87
CA ASN A 9 -20.21 7.74 -6.02
C ASN A 9 -19.41 7.73 -4.70
N VAL A 10 -18.72 6.62 -4.40
CA VAL A 10 -17.96 6.40 -3.16
C VAL A 10 -16.52 6.95 -3.27
N PRO A 11 -16.04 7.80 -2.34
CA PRO A 11 -14.66 8.29 -2.27
C PRO A 11 -13.60 7.16 -2.17
N PRO A 12 -12.29 7.46 -2.28
CA PRO A 12 -11.19 6.51 -2.19
C PRO A 12 -10.81 6.36 -0.70
N SER A 13 -11.54 5.52 0.03
CA SER A 13 -11.46 5.40 1.50
C SER A 13 -10.24 4.60 1.98
N VAL A 14 -9.03 5.02 1.59
CA VAL A 14 -7.79 4.34 1.94
C VAL A 14 -7.51 4.41 3.45
N ARG A 15 -7.13 3.24 4.01
CA ARG A 15 -6.84 3.01 5.42
C ARG A 15 -5.60 2.12 5.60
N ALA A 16 -5.08 2.04 6.83
CA ALA A 16 -3.99 1.13 7.18
C ALA A 16 -4.55 -0.19 7.78
N ARG A 17 -4.10 -1.34 7.26
CA ARG A 17 -4.50 -2.66 7.80
C ARG A 17 -3.76 -3.03 9.10
N GLN A 18 -2.58 -2.44 9.34
CA GLN A 18 -1.80 -2.53 10.58
C GLN A 18 -0.83 -1.34 10.64
N SER A 19 -0.73 -0.70 11.81
CA SER A 19 0.05 0.56 11.95
C SER A 19 1.57 0.36 11.96
N THR A 20 2.06 -0.82 12.34
CA THR A 20 3.49 -1.15 12.52
C THR A 20 3.72 -2.63 12.28
N MET A 21 4.47 -2.99 11.25
CA MET A 21 4.88 -4.33 10.85
C MET A 21 6.35 -4.59 11.23
N ASN A 22 6.68 -5.87 11.38
CA ASN A 22 8.01 -6.36 11.75
C ASN A 22 8.38 -7.63 10.95
N ALA A 23 9.67 -7.87 10.71
CA ALA A 23 10.21 -8.98 9.91
C ALA A 23 11.70 -9.24 10.19
N THR A 24 12.19 -10.43 9.83
CA THR A 24 13.54 -10.91 10.18
C THR A 24 14.49 -10.80 8.99
N ALA A 25 15.64 -10.16 9.19
CA ALA A 25 16.73 -10.12 8.20
C ALA A 25 17.66 -11.37 8.28
N ASN A 26 18.52 -11.56 7.28
CA ASN A 26 19.49 -12.66 7.09
C ASN A 26 18.84 -14.00 6.67
N LEU A 27 17.52 -14.11 6.69
CA LEU A 27 16.77 -15.32 6.35
C LEU A 27 16.23 -15.33 4.91
N SER A 28 16.27 -14.20 4.19
CA SER A 28 15.73 -14.03 2.82
C SER A 28 14.23 -14.32 2.70
N GLN A 29 13.47 -14.12 3.79
CA GLN A 29 12.04 -14.46 3.88
C GLN A 29 11.12 -13.55 3.04
N SER A 30 9.89 -14.00 2.86
CA SER A 30 8.79 -13.29 2.19
C SER A 30 7.74 -12.87 3.22
N VAL A 31 7.12 -11.71 3.03
CA VAL A 31 6.24 -11.05 4.03
C VAL A 31 5.14 -10.23 3.34
N THR A 32 3.91 -10.30 3.82
CA THR A 32 2.81 -9.46 3.31
C THR A 32 2.46 -8.33 4.29
N LEU A 33 2.15 -7.14 3.76
CA LEU A 33 1.59 -5.98 4.47
C LEU A 33 0.57 -5.28 3.55
N ALA A 34 -0.17 -4.27 4.03
CA ALA A 34 -1.22 -3.66 3.19
C ALA A 34 -1.75 -2.30 3.65
N CYS A 35 -2.09 -1.48 2.65
CA CYS A 35 -2.82 -0.22 2.81
C CYS A 35 -4.14 -0.30 2.01
N ASP A 36 -5.28 -0.54 2.69
CA ASP A 36 -6.56 -0.88 2.08
C ASP A 36 -7.31 0.31 1.49
N ALA A 37 -7.04 0.59 0.21
CA ALA A 37 -7.79 1.53 -0.61
C ALA A 37 -8.91 0.81 -1.38
N ASP A 38 -10.05 1.48 -1.50
CA ASP A 38 -11.25 1.02 -2.21
C ASP A 38 -12.18 2.22 -2.46
N GLY A 39 -12.99 2.18 -3.52
CA GLY A 39 -13.91 3.26 -3.93
C GLY A 39 -14.65 2.95 -5.23
N PHE A 40 -15.62 3.81 -5.59
CA PHE A 40 -16.53 3.59 -6.72
C PHE A 40 -16.87 4.89 -7.45
N PRO A 41 -16.51 5.07 -8.74
CA PRO A 41 -15.66 4.20 -9.55
C PRO A 41 -14.27 3.91 -8.95
N GLU A 42 -13.67 2.80 -9.39
CA GLU A 42 -12.42 2.23 -8.85
C GLU A 42 -11.29 3.28 -8.66
N PRO A 43 -10.61 3.30 -7.50
CA PRO A 43 -9.67 4.36 -7.16
C PRO A 43 -8.25 4.14 -7.72
N THR A 44 -7.49 5.23 -7.77
CA THR A 44 -6.04 5.24 -8.06
C THR A 44 -5.31 5.51 -6.74
N MET A 45 -4.29 4.73 -6.41
CA MET A 45 -3.51 4.89 -5.18
C MET A 45 -2.02 4.62 -5.38
N THR A 46 -1.17 5.20 -4.54
CA THR A 46 0.29 4.99 -4.48
C THR A 46 0.81 5.22 -3.06
N TRP A 47 2.10 4.93 -2.85
CA TRP A 47 2.74 4.91 -1.52
C TRP A 47 4.27 4.97 -1.58
N THR A 48 4.93 5.24 -0.47
CA THR A 48 6.39 5.49 -0.41
C THR A 48 7.13 4.56 0.57
N LYS A 49 8.44 4.41 0.34
CA LYS A 49 9.39 3.59 1.08
C LYS A 49 10.37 4.47 1.88
N ASP A 50 9.80 5.32 2.75
CA ASP A 50 10.46 6.42 3.51
C ASP A 50 10.75 7.69 2.68
N GLY A 51 10.50 7.67 1.36
CA GLY A 51 10.68 8.82 0.47
C GLY A 51 10.56 8.53 -1.03
N GLU A 52 10.95 7.32 -1.48
CA GLU A 52 10.85 6.88 -2.89
C GLU A 52 9.54 6.09 -3.13
N PRO A 53 8.97 6.05 -4.35
CA PRO A 53 7.63 5.52 -4.56
C PRO A 53 7.55 4.00 -4.80
N ILE A 54 6.62 3.34 -4.09
CA ILE A 54 6.16 1.95 -4.21
C ILE A 54 5.03 1.91 -5.28
N GLU A 55 5.28 2.51 -6.44
CA GLU A 55 4.31 2.64 -7.52
C GLU A 55 4.09 1.32 -8.28
N GLN A 56 2.92 0.70 -8.06
CA GLN A 56 2.46 -0.55 -8.66
C GLN A 56 2.45 -0.56 -10.21
N GLU A 57 2.56 0.61 -10.83
CA GLU A 57 2.52 0.81 -12.28
C GLU A 57 3.87 0.59 -12.99
N ASP A 58 4.98 0.53 -12.25
CA ASP A 58 6.33 0.39 -12.80
C ASP A 58 7.38 -0.09 -11.80
N ASN A 59 7.18 0.10 -10.49
CA ASN A 59 8.10 -0.38 -9.45
C ASN A 59 7.64 -1.74 -8.86
N GLU A 60 8.54 -2.74 -8.90
CA GLU A 60 8.29 -4.13 -8.50
C GLU A 60 9.56 -4.81 -7.89
N GLU A 61 10.62 -4.04 -7.63
CA GLU A 61 11.98 -4.46 -7.25
C GLU A 61 12.10 -5.67 -6.31
N LYS A 62 11.18 -5.80 -5.34
CA LYS A 62 11.03 -7.02 -4.53
C LYS A 62 9.62 -7.20 -3.97
N TYR A 63 8.60 -7.07 -4.84
CA TYR A 63 7.18 -7.17 -4.43
C TYR A 63 6.15 -7.32 -5.56
N SER A 64 5.00 -7.91 -5.20
CA SER A 64 3.83 -8.21 -6.03
C SER A 64 2.54 -7.96 -5.25
N PHE A 65 1.42 -7.66 -5.93
CA PHE A 65 0.19 -7.16 -5.30
C PHE A 65 -1.16 -7.65 -5.89
N ASN A 66 -2.25 -7.27 -5.22
CA ASN A 66 -3.64 -7.70 -5.48
C ASN A 66 -4.44 -6.78 -6.46
N TYR A 67 -5.73 -7.07 -6.68
CA TYR A 67 -6.61 -6.37 -7.64
C TYR A 67 -7.10 -4.99 -7.16
N ASP A 68 -7.01 -4.68 -5.87
CA ASP A 68 -7.25 -3.35 -5.29
C ASP A 68 -5.96 -2.49 -5.25
N GLY A 69 -4.79 -3.11 -5.45
CA GLY A 69 -3.45 -2.52 -5.30
C GLY A 69 -3.02 -2.39 -3.83
N SER A 70 -3.82 -2.86 -2.88
CA SER A 70 -3.66 -2.62 -1.43
C SER A 70 -2.68 -3.54 -0.71
N GLU A 71 -2.69 -4.85 -1.01
CA GLU A 71 -1.80 -5.83 -0.39
C GLU A 71 -0.47 -5.85 -1.14
N LEU A 72 0.61 -5.46 -0.45
CA LEU A 72 1.98 -5.54 -0.96
C LEU A 72 2.63 -6.78 -0.35
N ILE A 73 2.86 -7.79 -1.17
CA ILE A 73 3.61 -8.98 -0.82
C ILE A 73 5.06 -8.74 -1.20
N ILE A 74 5.93 -8.71 -0.20
CA ILE A 74 7.36 -8.46 -0.32
C ILE A 74 8.07 -9.81 -0.30
N LYS A 75 9.14 -9.93 -1.08
CA LYS A 75 10.06 -11.08 -1.10
C LYS A 75 11.47 -10.67 -0.73
N LYS A 76 12.25 -11.66 -0.26
CA LYS A 76 13.65 -11.54 0.18
C LYS A 76 13.97 -10.31 1.05
N VAL A 77 13.31 -10.23 2.20
CA VAL A 77 13.50 -9.17 3.22
C VAL A 77 14.90 -9.23 3.80
N ASP A 78 15.43 -8.02 4.08
CA ASP A 78 16.69 -7.80 4.82
C ASP A 78 16.71 -6.36 5.38
N LYS A 79 17.79 -5.93 6.04
CA LYS A 79 17.90 -4.65 6.78
C LYS A 79 17.67 -3.41 5.89
N SER A 80 17.83 -3.53 4.58
CA SER A 80 17.57 -2.50 3.58
C SER A 80 16.10 -2.34 3.18
N ASP A 81 15.20 -3.21 3.68
CA ASP A 81 13.76 -3.19 3.38
C ASP A 81 12.96 -2.31 4.36
N GLU A 82 13.53 -2.01 5.53
CA GLU A 82 12.97 -1.12 6.57
C GLU A 82 12.57 0.26 6.00
N ALA A 83 11.38 0.76 6.35
CA ALA A 83 10.78 1.94 5.70
C ALA A 83 9.57 2.53 6.47
N GLU A 84 9.26 3.79 6.16
CA GLU A 84 8.02 4.46 6.60
C GLU A 84 7.04 4.49 5.41
N TYR A 85 5.90 3.83 5.59
CA TYR A 85 4.92 3.53 4.55
C TYR A 85 3.74 4.52 4.60
N ILE A 86 3.87 5.67 3.94
CA ILE A 86 2.76 6.63 3.74
C ILE A 86 2.03 6.26 2.43
N CYS A 87 0.70 6.16 2.48
CA CYS A 87 -0.15 5.76 1.37
C CYS A 87 -1.27 6.77 1.11
N ILE A 88 -1.51 7.07 -0.18
CA ILE A 88 -2.41 8.11 -0.68
C ILE A 88 -3.32 7.52 -1.78
N ALA A 89 -4.58 7.95 -1.85
CA ALA A 89 -5.53 7.51 -2.87
C ALA A 89 -6.46 8.64 -3.34
N GLU A 90 -6.97 8.49 -4.57
CA GLU A 90 -7.75 9.50 -5.30
C GLU A 90 -8.74 8.78 -6.23
N ASN A 91 -9.94 9.36 -6.44
CA ASN A 91 -10.89 8.91 -7.46
C ASN A 91 -11.83 10.07 -7.90
N LYS A 92 -12.94 9.73 -8.56
CA LYS A 92 -13.89 10.68 -9.16
C LYS A 92 -14.79 11.36 -8.11
N ALA A 93 -14.90 10.74 -6.93
CA ALA A 93 -15.72 11.16 -5.79
C ALA A 93 -14.90 11.85 -4.67
N GLY A 94 -13.57 11.72 -4.62
CA GLY A 94 -12.75 12.29 -3.53
C GLY A 94 -11.26 11.97 -3.56
N GLU A 95 -10.62 12.14 -2.40
CA GLU A 95 -9.18 11.92 -2.14
C GLU A 95 -8.95 11.64 -0.63
N GLN A 96 -8.01 10.76 -0.26
CA GLN A 96 -7.72 10.37 1.15
C GLN A 96 -6.31 9.76 1.31
N ASP A 97 -5.89 9.43 2.55
CA ASP A 97 -4.55 8.91 2.88
C ASP A 97 -4.50 8.14 4.23
N ALA A 98 -3.53 7.22 4.35
CA ALA A 98 -3.16 6.50 5.58
C ALA A 98 -1.63 6.32 5.76
N THR A 99 -1.20 5.79 6.93
CA THR A 99 0.22 5.67 7.33
C THR A 99 0.48 4.37 8.07
N ILE A 100 1.61 3.72 7.76
CA ILE A 100 2.11 2.44 8.30
C ILE A 100 3.63 2.58 8.56
N HIS A 101 4.21 1.73 9.42
CA HIS A 101 5.66 1.57 9.62
C HIS A 101 6.06 0.11 9.27
N LEU A 102 7.22 -0.10 8.66
CA LEU A 102 7.79 -1.43 8.43
C LEU A 102 9.21 -1.45 9.02
N LYS A 103 9.40 -2.15 10.14
CA LYS A 103 10.74 -2.40 10.74
C LYS A 103 11.27 -3.81 10.43
N VAL A 104 12.60 -3.99 10.54
CA VAL A 104 13.30 -5.24 10.27
C VAL A 104 14.37 -5.49 11.32
N PHE A 105 14.41 -6.66 11.97
CA PHE A 105 15.38 -7.01 13.01
C PHE A 105 16.43 -8.03 12.53
N ALA A 106 17.66 -7.85 13.00
CA ALA A 106 18.85 -8.60 12.55
C ALA A 106 19.09 -9.88 13.38
N LYS A 107 18.00 -10.62 13.66
CA LYS A 107 17.94 -11.82 14.53
C LYS A 107 18.36 -11.47 15.98
N GLY A 1 -16.55 -0.55 -14.88
CA GLY A 1 -17.87 0.14 -14.88
C GLY A 1 -17.73 1.54 -15.46
N LYS A 2 -18.49 2.52 -14.92
CA LYS A 2 -18.50 3.94 -15.33
C LYS A 2 -19.17 4.84 -14.30
N ASP A 3 -18.98 6.15 -14.41
CA ASP A 3 -19.67 7.17 -13.60
C ASP A 3 -21.04 7.55 -14.22
N ILE A 4 -21.96 8.02 -13.36
CA ILE A 4 -23.36 8.33 -13.68
C ILE A 4 -23.78 9.64 -12.99
N GLN A 5 -24.78 10.36 -13.52
CA GLN A 5 -25.38 11.58 -12.92
C GLN A 5 -26.39 11.28 -11.79
N VAL A 6 -26.10 10.25 -11.00
CA VAL A 6 -26.89 9.66 -9.89
C VAL A 6 -25.88 9.12 -8.84
N ILE A 7 -26.30 8.90 -7.58
CA ILE A 7 -25.44 8.37 -6.50
C ILE A 7 -24.96 6.94 -6.89
N VAL A 8 -23.72 6.86 -7.41
CA VAL A 8 -23.07 5.64 -7.96
C VAL A 8 -21.56 5.67 -7.69
N ASN A 9 -20.94 6.84 -7.79
CA ASN A 9 -19.54 7.07 -7.40
C ASN A 9 -19.43 7.25 -5.88
N VAL A 10 -18.21 7.08 -5.33
CA VAL A 10 -17.88 7.17 -3.90
C VAL A 10 -16.42 7.64 -3.74
N PRO A 11 -16.12 8.69 -2.93
CA PRO A 11 -14.76 9.11 -2.59
C PRO A 11 -13.85 7.98 -2.09
N PRO A 12 -12.51 8.09 -2.13
CA PRO A 12 -11.61 7.00 -1.81
C PRO A 12 -11.49 6.83 -0.29
N SER A 13 -11.07 5.64 0.12
CA SER A 13 -11.04 5.21 1.53
C SER A 13 -9.84 4.29 1.78
N VAL A 14 -8.61 4.82 1.59
CA VAL A 14 -7.38 4.12 1.97
C VAL A 14 -7.10 4.24 3.47
N ARG A 15 -6.78 3.10 4.08
CA ARG A 15 -6.55 2.90 5.52
C ARG A 15 -5.29 2.06 5.74
N ALA A 16 -4.85 1.98 6.98
CA ALA A 16 -3.78 1.08 7.41
C ALA A 16 -4.36 -0.29 7.81
N ARG A 17 -4.01 -1.36 7.06
CA ARG A 17 -4.47 -2.74 7.37
C ARG A 17 -3.86 -3.26 8.69
N GLN A 18 -2.68 -2.74 9.03
CA GLN A 18 -1.98 -2.89 10.32
C GLN A 18 -0.94 -1.77 10.40
N SER A 19 -0.98 -0.96 11.47
CA SER A 19 -0.20 0.30 11.59
C SER A 19 1.30 0.09 11.87
N THR A 20 1.72 -1.12 12.24
CA THR A 20 3.12 -1.50 12.52
C THR A 20 3.31 -2.97 12.12
N MET A 21 4.23 -3.17 11.18
CA MET A 21 4.67 -4.48 10.68
C MET A 21 6.17 -4.67 10.95
N ASN A 22 6.61 -5.94 11.02
CA ASN A 22 7.99 -6.34 11.34
C ASN A 22 8.38 -7.58 10.53
N ALA A 23 9.69 -7.89 10.46
CA ALA A 23 10.23 -9.01 9.69
C ALA A 23 11.67 -9.32 10.10
N THR A 24 12.11 -10.56 9.83
CA THR A 24 13.45 -11.06 10.19
C THR A 24 14.41 -10.96 8.99
N ALA A 25 15.48 -10.18 9.12
CA ALA A 25 16.54 -10.07 8.11
C ALA A 25 17.58 -11.21 8.18
N ASN A 26 18.39 -11.33 7.11
CA ASN A 26 19.45 -12.33 6.90
C ASN A 26 18.92 -13.77 6.60
N LEU A 27 17.58 -13.94 6.61
CA LEU A 27 16.89 -15.17 6.15
C LEU A 27 16.38 -15.09 4.70
N SER A 28 16.48 -13.92 4.05
CA SER A 28 15.91 -13.64 2.70
C SER A 28 14.42 -14.03 2.64
N GLN A 29 13.66 -13.66 3.68
CA GLN A 29 12.27 -14.11 3.88
C GLN A 29 11.29 -13.44 2.92
N SER A 30 10.06 -13.96 2.89
CA SER A 30 8.92 -13.41 2.15
C SER A 30 7.82 -12.94 3.10
N VAL A 31 7.27 -11.74 2.86
CA VAL A 31 6.36 -11.06 3.80
C VAL A 31 5.29 -10.22 3.05
N THR A 32 4.04 -10.27 3.51
CA THR A 32 2.93 -9.45 2.97
C THR A 32 2.51 -8.37 3.96
N LEU A 33 2.15 -7.20 3.44
CA LEU A 33 1.64 -6.03 4.18
C LEU A 33 0.80 -5.11 3.26
N ALA A 34 0.03 -4.16 3.80
CA ALA A 34 -0.95 -3.44 2.99
C ALA A 34 -1.59 -2.17 3.54
N CYS A 35 -1.92 -1.25 2.62
CA CYS A 35 -2.75 -0.08 2.88
C CYS A 35 -4.13 -0.31 2.22
N ASP A 36 -5.11 -0.81 2.97
CA ASP A 36 -6.40 -1.28 2.46
C ASP A 36 -7.22 -0.13 1.88
N ALA A 37 -7.36 -0.13 0.55
CA ALA A 37 -8.04 0.89 -0.22
C ALA A 37 -9.41 0.45 -0.76
N ASP A 38 -10.26 1.45 -1.02
CA ASP A 38 -11.60 1.30 -1.59
C ASP A 38 -12.07 2.66 -2.20
N GLY A 39 -13.08 2.65 -3.07
CA GLY A 39 -13.65 3.82 -3.75
C GLY A 39 -14.45 3.38 -4.99
N PHE A 40 -15.35 4.24 -5.51
CA PHE A 40 -16.18 3.93 -6.67
C PHE A 40 -16.24 5.05 -7.71
N PRO A 41 -16.40 4.76 -9.04
CA PRO A 41 -16.63 3.41 -9.59
C PRO A 41 -15.45 2.43 -9.55
N GLU A 42 -14.31 3.00 -9.20
CA GLU A 42 -13.01 2.40 -8.86
C GLU A 42 -12.17 3.37 -8.00
N PRO A 43 -11.20 2.89 -7.21
CA PRO A 43 -10.20 3.72 -6.54
C PRO A 43 -8.94 3.92 -7.40
N THR A 44 -8.12 4.89 -7.04
CA THR A 44 -6.78 5.14 -7.63
C THR A 44 -5.84 5.55 -6.50
N MET A 45 -4.64 4.97 -6.39
CA MET A 45 -3.74 5.18 -5.24
C MET A 45 -2.27 4.90 -5.53
N THR A 46 -1.37 5.46 -4.69
CA THR A 46 0.09 5.25 -4.69
C THR A 46 0.66 5.38 -3.26
N TRP A 47 1.91 4.98 -3.04
CA TRP A 47 2.56 5.03 -1.72
C TRP A 47 4.08 5.06 -1.76
N THR A 48 4.70 5.51 -0.67
CA THR A 48 6.12 5.82 -0.60
C THR A 48 6.84 5.12 0.56
N LYS A 49 8.16 4.93 0.44
CA LYS A 49 9.05 4.24 1.39
C LYS A 49 9.72 5.25 2.33
N ASP A 50 8.92 6.09 2.99
CA ASP A 50 9.29 7.27 3.82
C ASP A 50 9.87 8.47 3.03
N GLY A 51 10.32 8.27 1.78
CA GLY A 51 10.89 9.35 0.94
C GLY A 51 11.05 9.07 -0.57
N GLU A 52 10.52 7.97 -1.12
CA GLU A 52 10.52 7.66 -2.57
C GLU A 52 9.39 6.65 -2.95
N PRO A 53 8.91 6.61 -4.20
CA PRO A 53 7.71 5.82 -4.53
C PRO A 53 7.94 4.30 -4.55
N ILE A 54 6.86 3.56 -4.22
CA ILE A 54 6.73 2.10 -4.32
C ILE A 54 5.69 1.77 -5.43
N GLU A 55 5.51 2.71 -6.36
CA GLU A 55 4.62 2.71 -7.54
C GLU A 55 4.32 1.34 -8.15
N GLN A 56 3.24 0.69 -7.71
CA GLN A 56 2.90 -0.70 -8.03
C GLN A 56 2.62 -0.95 -9.54
N GLU A 57 2.50 0.12 -10.34
CA GLU A 57 2.28 0.08 -11.79
C GLU A 57 3.57 0.02 -12.62
N ASP A 58 4.75 0.14 -12.00
CA ASP A 58 6.06 0.17 -12.69
C ASP A 58 7.22 -0.34 -11.83
N ASN A 59 7.13 -0.20 -10.50
CA ASN A 59 8.10 -0.79 -9.57
C ASN A 59 7.68 -2.18 -9.09
N GLU A 60 8.61 -3.14 -9.16
CA GLU A 60 8.38 -4.57 -8.89
C GLU A 60 9.65 -5.30 -8.35
N GLU A 61 10.71 -4.53 -8.07
CA GLU A 61 12.10 -4.92 -7.75
C GLU A 61 12.30 -6.28 -7.06
N LYS A 62 11.47 -6.59 -6.07
CA LYS A 62 11.34 -7.92 -5.42
C LYS A 62 9.96 -8.04 -4.75
N TYR A 63 8.91 -7.68 -5.51
CA TYR A 63 7.55 -7.54 -4.97
C TYR A 63 6.45 -7.47 -6.03
N SER A 64 5.23 -7.83 -5.61
CA SER A 64 4.01 -7.87 -6.42
C SER A 64 2.75 -7.88 -5.55
N PHE A 65 1.57 -7.66 -6.16
CA PHE A 65 0.33 -7.42 -5.44
C PHE A 65 -0.95 -8.01 -6.10
N ASN A 66 -2.14 -7.72 -5.55
CA ASN A 66 -3.44 -8.27 -5.98
C ASN A 66 -4.60 -7.27 -5.92
N TYR A 67 -5.80 -7.74 -6.27
CA TYR A 67 -7.12 -7.09 -6.11
C TYR A 67 -7.26 -6.14 -4.90
N ASP A 68 -8.03 -5.06 -5.10
CA ASP A 68 -8.18 -3.88 -4.22
C ASP A 68 -6.94 -2.96 -4.22
N GLY A 69 -5.81 -3.42 -4.80
CA GLY A 69 -4.58 -2.64 -4.96
C GLY A 69 -3.72 -2.50 -3.70
N SER A 70 -4.12 -3.16 -2.61
CA SER A 70 -3.54 -2.93 -1.27
C SER A 70 -2.44 -3.89 -0.82
N GLU A 71 -2.57 -5.20 -1.09
CA GLU A 71 -1.68 -6.22 -0.51
C GLU A 71 -0.36 -6.37 -1.27
N LEU A 72 0.68 -5.68 -0.80
CA LEU A 72 2.04 -5.74 -1.34
C LEU A 72 2.79 -6.90 -0.68
N ILE A 73 3.15 -7.88 -1.50
CA ILE A 73 3.95 -9.04 -1.11
C ILE A 73 5.38 -8.78 -1.52
N ILE A 74 6.32 -8.81 -0.58
CA ILE A 74 7.75 -8.65 -0.79
C ILE A 74 8.45 -9.98 -0.56
N LYS A 75 9.47 -10.26 -1.36
CA LYS A 75 10.38 -11.40 -1.20
C LYS A 75 11.83 -10.94 -1.04
N LYS A 76 12.63 -11.79 -0.42
CA LYS A 76 14.07 -11.61 -0.14
C LYS A 76 14.34 -10.46 0.84
N VAL A 77 13.54 -10.37 1.91
CA VAL A 77 13.58 -9.27 2.88
C VAL A 77 14.90 -9.23 3.66
N ASP A 78 15.43 -8.01 3.85
CA ASP A 78 16.62 -7.68 4.65
C ASP A 78 16.46 -6.27 5.27
N LYS A 79 17.46 -5.79 6.03
CA LYS A 79 17.43 -4.45 6.65
C LYS A 79 17.26 -3.27 5.69
N SER A 80 17.50 -3.47 4.39
CA SER A 80 17.23 -2.48 3.33
C SER A 80 15.75 -2.27 3.01
N ASP A 81 14.86 -3.17 3.45
CA ASP A 81 13.42 -3.05 3.22
C ASP A 81 12.71 -2.15 4.23
N GLU A 82 13.32 -1.93 5.41
CA GLU A 82 12.90 -1.00 6.46
C GLU A 82 12.30 0.30 5.89
N ALA A 83 11.13 0.69 6.40
CA ALA A 83 10.36 1.83 5.90
C ALA A 83 9.42 2.42 6.96
N GLU A 84 8.77 3.52 6.58
CA GLU A 84 7.71 4.17 7.35
C GLU A 84 6.68 4.71 6.36
N TYR A 85 6.04 3.74 5.70
CA TYR A 85 5.13 3.92 4.56
C TYR A 85 4.09 5.03 4.75
N ILE A 86 3.91 5.85 3.73
CA ILE A 86 2.81 6.81 3.65
C ILE A 86 2.08 6.50 2.34
N CYS A 87 0.76 6.33 2.42
CA CYS A 87 -0.10 5.89 1.33
C CYS A 87 -1.26 6.85 1.08
N ILE A 88 -1.52 7.13 -0.21
CA ILE A 88 -2.44 8.18 -0.67
C ILE A 88 -3.38 7.58 -1.73
N ALA A 89 -4.67 7.80 -1.59
CA ALA A 89 -5.65 7.51 -2.62
C ALA A 89 -6.30 8.82 -3.12
N GLU A 90 -6.70 8.85 -4.39
CA GLU A 90 -7.13 10.04 -5.11
C GLU A 90 -7.86 9.63 -6.39
N ASN A 91 -9.13 9.25 -6.22
CA ASN A 91 -9.99 8.79 -7.33
C ASN A 91 -10.82 9.96 -7.93
N LYS A 92 -11.68 9.62 -8.88
CA LYS A 92 -12.60 10.54 -9.56
C LYS A 92 -13.57 11.33 -8.67
N ALA A 93 -13.85 10.83 -7.46
CA ALA A 93 -14.79 11.42 -6.51
C ALA A 93 -14.14 12.13 -5.30
N GLY A 94 -12.85 11.94 -4.98
CA GLY A 94 -12.19 12.56 -3.81
C GLY A 94 -10.74 12.15 -3.59
N GLU A 95 -10.27 12.30 -2.35
CA GLU A 95 -8.87 12.08 -1.92
C GLU A 95 -8.81 11.63 -0.45
N GLN A 96 -7.79 10.82 -0.09
CA GLN A 96 -7.65 10.18 1.24
C GLN A 96 -6.20 9.69 1.48
N ASP A 97 -5.82 9.32 2.71
CA ASP A 97 -4.46 8.87 3.07
C ASP A 97 -4.36 8.07 4.39
N ALA A 98 -3.34 7.22 4.49
CA ALA A 98 -2.95 6.50 5.73
C ALA A 98 -1.41 6.28 5.82
N THR A 99 -0.94 5.68 6.94
CA THR A 99 0.49 5.57 7.32
C THR A 99 0.74 4.24 8.08
N ILE A 100 1.89 3.59 7.84
CA ILE A 100 2.28 2.30 8.43
C ILE A 100 3.79 2.29 8.73
N HIS A 101 4.22 1.65 9.81
CA HIS A 101 5.64 1.40 10.12
C HIS A 101 6.06 0.01 9.61
N LEU A 102 7.29 -0.12 9.09
CA LEU A 102 7.89 -1.41 8.71
C LEU A 102 9.31 -1.51 9.25
N LYS A 103 9.44 -2.06 10.45
CA LYS A 103 10.70 -2.10 11.22
C LYS A 103 11.26 -3.53 11.21
N VAL A 104 12.16 -3.81 10.26
CA VAL A 104 12.86 -5.10 10.13
C VAL A 104 13.91 -5.24 11.25
N PHE A 105 14.07 -6.44 11.81
CA PHE A 105 15.03 -6.74 12.87
C PHE A 105 16.08 -7.78 12.41
N ALA A 106 17.30 -7.61 12.89
CA ALA A 106 18.46 -8.47 12.60
C ALA A 106 18.70 -9.54 13.70
N LYS A 107 17.61 -10.21 14.10
CA LYS A 107 17.50 -11.20 15.21
C LYS A 107 17.91 -10.60 16.59
N GLY A 1 -22.29 1.52 -11.62
CA GLY A 1 -23.11 2.56 -10.95
C GLY A 1 -22.82 3.95 -11.52
N LYS A 2 -23.85 4.62 -12.04
CA LYS A 2 -23.77 5.95 -12.71
C LYS A 2 -24.02 7.09 -11.72
N ASP A 3 -23.47 8.27 -12.00
CA ASP A 3 -23.67 9.50 -11.21
C ASP A 3 -24.99 10.25 -11.55
N ILE A 4 -25.64 9.90 -12.68
CA ILE A 4 -26.88 10.53 -13.16
C ILE A 4 -28.09 9.63 -12.80
N GLN A 5 -28.23 9.36 -11.50
CA GLN A 5 -29.16 8.43 -10.85
C GLN A 5 -29.46 8.91 -9.42
N VAL A 6 -30.16 8.12 -8.60
CA VAL A 6 -30.32 8.35 -7.14
C VAL A 6 -29.08 7.85 -6.37
N ILE A 7 -27.90 8.21 -6.90
CA ILE A 7 -26.54 7.79 -6.55
C ILE A 7 -25.60 8.99 -6.78
N VAL A 8 -24.60 9.21 -5.91
CA VAL A 8 -23.64 10.32 -6.01
C VAL A 8 -22.21 9.77 -5.81
N ASN A 9 -21.31 10.15 -6.70
CA ASN A 9 -19.87 9.88 -6.65
C ASN A 9 -19.27 9.94 -5.23
N VAL A 10 -18.57 8.87 -4.84
CA VAL A 10 -18.01 8.64 -3.50
C VAL A 10 -16.49 8.84 -3.50
N PRO A 11 -15.95 9.75 -2.67
CA PRO A 11 -14.50 9.97 -2.50
C PRO A 11 -13.73 8.69 -2.08
N PRO A 12 -12.40 8.66 -2.19
CA PRO A 12 -11.61 7.48 -1.85
C PRO A 12 -11.61 7.20 -0.34
N SER A 13 -11.23 5.99 0.00
CA SER A 13 -11.22 5.42 1.35
C SER A 13 -10.09 4.38 1.44
N VAL A 14 -8.86 4.91 1.59
CA VAL A 14 -7.67 4.07 1.76
C VAL A 14 -7.33 3.91 3.25
N ARG A 15 -7.41 2.67 3.75
CA ARG A 15 -7.18 2.29 5.15
C ARG A 15 -5.98 1.38 5.33
N ALA A 16 -5.24 1.63 6.41
CA ALA A 16 -4.12 0.81 6.82
C ALA A 16 -4.64 -0.41 7.59
N ARG A 17 -4.68 -1.57 6.92
CA ARG A 17 -5.18 -2.83 7.51
C ARG A 17 -4.21 -3.42 8.54
N GLN A 18 -2.93 -3.25 8.28
CA GLN A 18 -1.83 -3.50 9.22
C GLN A 18 -1.44 -2.16 9.88
N SER A 19 -0.80 -2.19 11.06
CA SER A 19 -0.28 -0.98 11.72
C SER A 19 1.26 -0.96 11.75
N THR A 20 1.87 -2.04 12.23
CA THR A 20 3.34 -2.17 12.42
C THR A 20 3.76 -3.60 12.12
N MET A 21 4.67 -3.74 11.15
CA MET A 21 5.23 -5.00 10.66
C MET A 21 6.68 -5.17 11.17
N ASN A 22 7.26 -6.34 10.96
CA ASN A 22 8.63 -6.69 11.37
C ASN A 22 9.21 -7.85 10.54
N ALA A 23 10.52 -8.01 10.59
CA ALA A 23 11.28 -9.06 9.90
C ALA A 23 12.70 -9.28 10.49
N THR A 24 13.24 -10.49 10.31
CA THR A 24 14.62 -10.84 10.67
C THR A 24 15.48 -10.76 9.40
N ALA A 25 16.27 -9.70 9.30
CA ALA A 25 17.26 -9.49 8.24
C ALA A 25 18.45 -10.45 8.37
N ASN A 26 19.27 -10.51 7.31
CA ASN A 26 20.37 -11.46 7.05
C ASN A 26 19.85 -12.83 6.50
N LEU A 27 18.54 -13.09 6.59
CA LEU A 27 17.88 -14.34 6.18
C LEU A 27 17.04 -14.20 4.89
N SER A 28 16.96 -12.99 4.30
CA SER A 28 16.31 -12.70 3.00
C SER A 28 14.81 -13.07 2.99
N GLN A 29 14.11 -12.78 4.08
CA GLN A 29 12.69 -13.16 4.29
C GLN A 29 11.73 -12.52 3.27
N SER A 30 10.56 -13.15 3.07
CA SER A 30 9.45 -12.59 2.31
C SER A 30 8.29 -12.22 3.25
N VAL A 31 7.63 -11.08 3.00
CA VAL A 31 6.66 -10.48 3.94
C VAL A 31 5.41 -9.96 3.21
N THR A 32 4.22 -10.29 3.71
CA THR A 32 2.95 -9.70 3.28
C THR A 32 2.53 -8.60 4.27
N LEU A 33 2.03 -7.48 3.74
CA LEU A 33 1.52 -6.32 4.47
C LEU A 33 0.49 -5.58 3.60
N ALA A 34 -0.33 -4.69 4.19
CA ALA A 34 -1.48 -4.15 3.43
C ALA A 34 -2.05 -2.80 3.85
N CYS A 35 -2.58 -2.10 2.86
CA CYS A 35 -3.38 -0.88 2.98
C CYS A 35 -4.39 -0.84 1.82
N ASP A 36 -5.69 -1.10 2.08
CA ASP A 36 -6.71 -1.29 1.05
C ASP A 36 -7.34 0.04 0.62
N ALA A 37 -7.56 0.27 -0.69
CA ALA A 37 -8.28 1.44 -1.19
C ALA A 37 -9.66 1.06 -1.81
N ASP A 38 -10.65 1.93 -1.66
CA ASP A 38 -12.00 1.77 -2.21
C ASP A 38 -12.67 3.14 -2.46
N GLY A 39 -13.72 3.17 -3.29
CA GLY A 39 -14.48 4.36 -3.70
C GLY A 39 -15.39 4.06 -4.88
N PHE A 40 -16.25 5.00 -5.32
CA PHE A 40 -17.20 4.79 -6.43
C PHE A 40 -17.38 6.05 -7.29
N PRO A 41 -16.83 6.10 -8.53
CA PRO A 41 -16.01 5.08 -9.18
C PRO A 41 -14.70 4.79 -8.42
N GLU A 42 -14.20 3.56 -8.60
CA GLU A 42 -12.99 3.05 -7.93
C GLU A 42 -11.74 3.96 -8.11
N PRO A 43 -10.89 4.10 -7.08
CA PRO A 43 -9.80 5.08 -7.07
C PRO A 43 -8.50 4.54 -7.66
N THR A 44 -7.58 5.46 -7.92
CA THR A 44 -6.18 5.19 -8.27
C THR A 44 -5.37 5.40 -6.98
N MET A 45 -4.49 4.46 -6.61
CA MET A 45 -3.79 4.46 -5.33
C MET A 45 -2.30 4.09 -5.48
N THR A 46 -1.46 4.64 -4.60
CA THR A 46 -0.01 4.39 -4.51
C THR A 46 0.45 4.55 -3.07
N TRP A 47 1.71 4.18 -2.81
CA TRP A 47 2.33 4.22 -1.49
C TRP A 47 3.86 4.33 -1.53
N THR A 48 4.48 4.81 -0.43
CA THR A 48 5.92 5.20 -0.40
C THR A 48 6.80 4.39 0.57
N LYS A 49 8.09 4.34 0.31
CA LYS A 49 9.12 3.58 1.06
C LYS A 49 9.93 4.53 1.96
N ASP A 50 9.22 5.37 2.73
CA ASP A 50 9.75 6.45 3.58
C ASP A 50 10.64 7.48 2.80
N GLY A 51 10.43 7.66 1.49
CA GLY A 51 11.15 8.65 0.66
C GLY A 51 10.88 8.64 -0.85
N GLU A 52 10.33 7.55 -1.38
CA GLU A 52 10.03 7.39 -2.83
C GLU A 52 8.94 6.32 -3.09
N PRO A 53 8.26 6.32 -4.26
CA PRO A 53 7.11 5.44 -4.51
C PRO A 53 7.42 3.94 -4.61
N ILE A 54 6.47 3.13 -4.18
CA ILE A 54 6.35 1.66 -4.32
C ILE A 54 5.36 1.42 -5.49
N GLU A 55 5.56 2.18 -6.57
CA GLU A 55 4.74 2.20 -7.78
C GLU A 55 4.65 0.81 -8.43
N GLN A 56 3.42 0.35 -8.62
CA GLN A 56 3.06 -1.00 -9.05
C GLN A 56 3.47 -1.31 -10.51
N GLU A 57 3.78 -0.28 -11.31
CA GLU A 57 3.98 -0.38 -12.76
C GLU A 57 5.44 -0.45 -13.21
N ASP A 58 6.38 -0.23 -12.28
CA ASP A 58 7.82 -0.06 -12.62
C ASP A 58 8.80 -0.39 -11.46
N ASN A 59 8.34 -0.34 -10.21
CA ASN A 59 9.17 -0.67 -9.03
C ASN A 59 8.96 -2.14 -8.53
N GLU A 60 8.30 -2.97 -9.34
CA GLU A 60 7.85 -4.35 -9.05
C GLU A 60 8.96 -5.41 -8.98
N GLU A 61 10.24 -4.99 -8.95
CA GLU A 61 11.43 -5.85 -8.98
C GLU A 61 11.51 -6.96 -7.91
N LYS A 62 10.73 -6.87 -6.82
CA LYS A 62 10.53 -7.94 -5.83
C LYS A 62 9.21 -7.85 -5.06
N TYR A 63 8.09 -7.71 -5.78
CA TYR A 63 6.74 -7.84 -5.20
C TYR A 63 5.61 -8.21 -6.18
N SER A 64 4.47 -8.57 -5.59
CA SER A 64 3.24 -9.01 -6.23
C SER A 64 2.04 -8.79 -5.30
N PHE A 65 0.87 -8.48 -5.89
CA PHE A 65 -0.30 -8.00 -5.14
C PHE A 65 -1.68 -8.31 -5.76
N ASN A 66 -2.75 -7.99 -5.02
CA ASN A 66 -4.16 -8.35 -5.30
C ASN A 66 -5.04 -7.16 -5.78
N TYR A 67 -6.36 -7.40 -5.88
CA TYR A 67 -7.37 -6.35 -6.13
C TYR A 67 -7.51 -5.38 -4.92
N ASP A 68 -8.05 -4.18 -5.17
CA ASP A 68 -8.11 -3.04 -4.24
C ASP A 68 -6.70 -2.49 -3.87
N GLY A 69 -5.64 -2.99 -4.53
CA GLY A 69 -4.24 -2.71 -4.22
C GLY A 69 -3.90 -2.95 -2.74
N SER A 70 -4.56 -3.92 -2.11
CA SER A 70 -4.56 -4.12 -0.66
C SER A 70 -3.36 -4.91 -0.17
N GLU A 71 -3.29 -6.21 -0.48
CA GLU A 71 -2.22 -7.11 -0.04
C GLU A 71 -1.00 -6.98 -0.96
N LEU A 72 0.10 -6.41 -0.47
CA LEU A 72 1.39 -6.40 -1.15
C LEU A 72 2.32 -7.42 -0.49
N ILE A 73 2.90 -8.31 -1.30
CA ILE A 73 3.87 -9.31 -0.87
C ILE A 73 5.25 -8.92 -1.39
N ILE A 74 6.16 -8.63 -0.49
CA ILE A 74 7.55 -8.23 -0.77
C ILE A 74 8.49 -9.41 -0.52
N LYS A 75 9.50 -9.57 -1.37
CA LYS A 75 10.52 -10.61 -1.21
C LYS A 75 11.86 -10.01 -0.76
N LYS A 76 12.74 -10.84 -0.21
CA LYS A 76 14.15 -10.53 0.10
C LYS A 76 14.33 -9.29 1.01
N VAL A 77 13.58 -9.21 2.09
CA VAL A 77 13.67 -8.17 3.13
C VAL A 77 15.01 -8.25 3.85
N ASP A 78 15.56 -7.08 4.18
CA ASP A 78 16.82 -6.87 4.92
C ASP A 78 16.84 -5.50 5.62
N LYS A 79 17.95 -5.14 6.26
CA LYS A 79 18.13 -3.93 7.08
C LYS A 79 17.86 -2.61 6.34
N SER A 80 18.10 -2.58 5.01
CA SER A 80 17.85 -1.45 4.11
C SER A 80 16.41 -1.39 3.56
N ASP A 81 15.58 -2.41 3.86
CA ASP A 81 14.18 -2.52 3.41
C ASP A 81 13.16 -1.97 4.42
N GLU A 82 13.62 -1.57 5.62
CA GLU A 82 12.87 -0.83 6.64
C GLU A 82 12.15 0.41 6.06
N ALA A 83 10.90 0.67 6.47
CA ALA A 83 10.05 1.67 5.82
C ALA A 83 8.88 2.12 6.71
N GLU A 84 8.31 3.26 6.31
CA GLU A 84 7.07 3.87 6.79
C GLU A 84 6.17 4.06 5.56
N TYR A 85 5.19 3.16 5.43
CA TYR A 85 4.34 2.99 4.25
C TYR A 85 3.14 3.94 4.31
N ILE A 86 3.35 5.20 3.92
CA ILE A 86 2.25 6.14 3.73
C ILE A 86 1.52 5.76 2.43
N CYS A 87 0.24 5.47 2.53
CA CYS A 87 -0.67 5.10 1.46
C CYS A 87 -1.68 6.20 1.15
N ILE A 88 -1.91 6.40 -0.15
CA ILE A 88 -2.68 7.52 -0.71
C ILE A 88 -3.56 6.96 -1.83
N ALA A 89 -4.78 7.48 -1.92
CA ALA A 89 -5.73 7.16 -2.99
C ALA A 89 -6.47 8.42 -3.46
N GLU A 90 -6.81 8.46 -4.74
CA GLU A 90 -7.39 9.63 -5.42
C GLU A 90 -8.40 9.14 -6.49
N ASN A 91 -9.53 9.83 -6.63
CA ASN A 91 -10.48 9.63 -7.71
C ASN A 91 -11.08 10.97 -8.18
N LYS A 92 -12.10 10.93 -9.02
CA LYS A 92 -12.81 12.12 -9.54
C LYS A 92 -13.58 12.89 -8.45
N ALA A 93 -13.94 12.21 -7.35
CA ALA A 93 -14.73 12.75 -6.25
C ALA A 93 -13.88 13.34 -5.10
N GLY A 94 -12.62 12.87 -4.91
CA GLY A 94 -11.76 13.35 -3.82
C GLY A 94 -10.42 12.60 -3.70
N GLU A 95 -9.82 12.67 -2.50
CA GLU A 95 -8.49 12.13 -2.16
C GLU A 95 -8.46 11.69 -0.67
N GLN A 96 -7.69 10.66 -0.33
CA GLN A 96 -7.60 10.10 1.02
C GLN A 96 -6.22 9.45 1.30
N ASP A 97 -5.89 9.14 2.58
CA ASP A 97 -4.59 8.60 3.00
C ASP A 97 -4.61 7.81 4.34
N ALA A 98 -3.62 6.93 4.55
CA ALA A 98 -3.32 6.16 5.78
C ALA A 98 -1.82 5.77 5.86
N THR A 99 -1.39 5.07 6.94
CA THR A 99 0.04 4.79 7.22
C THR A 99 0.27 3.42 7.90
N ILE A 100 1.28 2.68 7.45
CA ILE A 100 1.84 1.48 8.09
C ILE A 100 3.31 1.73 8.45
N HIS A 101 3.89 0.94 9.36
CA HIS A 101 5.32 0.88 9.67
C HIS A 101 5.90 -0.52 9.45
N LEU A 102 7.22 -0.63 9.29
CA LEU A 102 7.97 -1.89 9.18
C LEU A 102 9.34 -1.73 9.86
N LYS A 103 9.48 -2.30 11.05
CA LYS A 103 10.70 -2.25 11.89
C LYS A 103 11.55 -3.51 11.76
N VAL A 104 12.76 -3.39 11.24
CA VAL A 104 13.61 -4.53 10.86
C VAL A 104 14.78 -4.71 11.85
N PHE A 105 15.03 -5.95 12.26
CA PHE A 105 16.12 -6.36 13.15
C PHE A 105 16.91 -7.55 12.58
N ALA A 106 18.08 -7.86 13.16
CA ALA A 106 19.02 -8.87 12.63
C ALA A 106 19.40 -9.95 13.66
N LYS A 107 18.44 -10.35 14.50
CA LYS A 107 18.57 -11.31 15.61
C LYS A 107 17.23 -11.90 16.08
N GLY A 1 -19.39 16.50 -10.39
CA GLY A 1 -20.29 15.69 -9.53
C GLY A 1 -19.53 15.23 -8.29
N LYS A 2 -20.27 14.99 -7.21
CA LYS A 2 -19.74 14.57 -5.89
C LYS A 2 -20.82 13.87 -5.06
N ASP A 3 -20.53 13.50 -3.83
CA ASP A 3 -21.38 12.70 -2.93
C ASP A 3 -22.47 13.51 -2.17
N ILE A 4 -22.56 14.82 -2.41
CA ILE A 4 -23.39 15.75 -1.63
C ILE A 4 -24.88 15.66 -1.98
N GLN A 5 -25.20 15.41 -3.25
CA GLN A 5 -26.57 15.40 -3.77
C GLN A 5 -26.79 14.49 -4.99
N VAL A 6 -25.95 13.46 -5.12
CA VAL A 6 -25.94 12.45 -6.20
C VAL A 6 -25.54 11.11 -5.59
N ILE A 7 -26.51 10.22 -5.35
CA ILE A 7 -26.31 8.95 -4.64
C ILE A 7 -25.79 7.88 -5.60
N VAL A 8 -24.50 8.03 -5.91
CA VAL A 8 -23.68 7.23 -6.83
C VAL A 8 -22.21 7.37 -6.41
N ASN A 9 -21.79 8.62 -6.13
CA ASN A 9 -20.42 8.99 -5.79
C ASN A 9 -20.07 8.61 -4.34
N VAL A 10 -18.84 8.12 -4.16
CA VAL A 10 -18.27 7.60 -2.91
C VAL A 10 -16.77 7.91 -2.90
N PRO A 11 -16.28 8.84 -2.06
CA PRO A 11 -14.85 9.16 -1.93
C PRO A 11 -13.96 7.98 -1.53
N PRO A 12 -12.63 8.08 -1.73
CA PRO A 12 -11.69 6.99 -1.45
C PRO A 12 -11.59 6.72 0.06
N SER A 13 -11.28 5.47 0.39
CA SER A 13 -11.25 4.92 1.75
C SER A 13 -10.02 4.01 1.92
N VAL A 14 -8.84 4.52 1.54
CA VAL A 14 -7.58 3.79 1.75
C VAL A 14 -7.26 3.65 3.24
N ARG A 15 -6.84 2.45 3.66
CA ARG A 15 -6.51 2.12 5.06
C ARG A 15 -5.25 1.29 5.16
N ALA A 16 -4.60 1.36 6.32
CA ALA A 16 -3.43 0.58 6.66
C ALA A 16 -3.91 -0.68 7.40
N ARG A 17 -3.88 -1.83 6.69
CA ARG A 17 -4.38 -3.13 7.18
C ARG A 17 -3.73 -3.54 8.53
N GLN A 18 -2.46 -3.20 8.70
CA GLN A 18 -1.68 -3.25 9.94
C GLN A 18 -1.06 -1.86 10.17
N SER A 19 -0.93 -1.40 11.42
CA SER A 19 -0.35 -0.08 11.72
C SER A 19 1.18 -0.13 11.80
N THR A 20 1.69 -1.24 12.33
CA THR A 20 3.11 -1.51 12.57
C THR A 20 3.37 -3.00 12.33
N MET A 21 4.46 -3.29 11.60
CA MET A 21 4.95 -4.63 11.30
C MET A 21 6.39 -4.78 11.76
N ASN A 22 6.79 -6.01 12.12
CA ASN A 22 8.14 -6.38 12.52
C ASN A 22 8.61 -7.61 11.74
N ALA A 23 9.91 -7.71 11.43
CA ALA A 23 10.48 -8.85 10.68
C ALA A 23 12.00 -9.01 10.89
N THR A 24 12.47 -10.26 10.81
CA THR A 24 13.87 -10.64 10.98
C THR A 24 14.62 -10.51 9.65
N ALA A 25 15.70 -9.73 9.66
CA ALA A 25 16.53 -9.49 8.50
C ALA A 25 17.56 -10.61 8.24
N ASN A 26 18.09 -10.64 7.01
CA ASN A 26 19.23 -11.46 6.57
C ASN A 26 18.97 -12.98 6.60
N LEU A 27 17.70 -13.41 6.77
CA LEU A 27 17.25 -14.81 6.63
C LEU A 27 16.60 -15.08 5.25
N SER A 28 16.50 -14.07 4.38
CA SER A 28 15.88 -14.15 3.04
C SER A 28 14.37 -14.44 3.14
N GLN A 29 13.75 -14.02 4.25
CA GLN A 29 12.35 -14.31 4.57
C GLN A 29 11.38 -13.53 3.65
N SER A 30 10.08 -13.79 3.80
CA SER A 30 8.98 -13.09 3.12
C SER A 30 7.91 -12.59 4.08
N VAL A 31 7.27 -11.48 3.71
CA VAL A 31 6.35 -10.69 4.56
C VAL A 31 5.24 -10.01 3.73
N THR A 32 3.97 -10.15 4.13
CA THR A 32 2.85 -9.41 3.51
C THR A 32 2.37 -8.27 4.41
N LEU A 33 1.93 -7.18 3.79
CA LEU A 33 1.26 -6.02 4.39
C LEU A 33 0.41 -5.29 3.32
N ALA A 34 -0.37 -4.26 3.69
CA ALA A 34 -1.32 -3.68 2.74
C ALA A 34 -1.82 -2.28 3.10
N CYS A 35 -1.92 -1.46 2.06
CA CYS A 35 -2.53 -0.13 2.02
C CYS A 35 -3.79 -0.21 1.15
N ASP A 36 -4.79 -0.99 1.59
CA ASP A 36 -5.95 -1.35 0.78
C ASP A 36 -6.94 -0.19 0.61
N ALA A 37 -7.35 0.06 -0.65
CA ALA A 37 -8.26 1.15 -1.00
C ALA A 37 -9.61 0.64 -1.56
N ASP A 38 -10.61 1.52 -1.49
CA ASP A 38 -11.96 1.34 -2.03
C ASP A 38 -12.63 2.72 -2.25
N GLY A 39 -13.57 2.82 -3.18
CA GLY A 39 -14.30 4.04 -3.56
C GLY A 39 -15.12 3.86 -4.83
N PHE A 40 -15.91 4.86 -5.25
CA PHE A 40 -16.71 4.78 -6.48
C PHE A 40 -17.02 6.18 -7.09
N PRO A 41 -16.94 6.34 -8.43
CA PRO A 41 -16.36 5.41 -9.42
C PRO A 41 -14.92 5.04 -9.08
N GLU A 42 -14.46 3.93 -9.66
CA GLU A 42 -13.17 3.26 -9.39
C GLU A 42 -11.98 4.20 -9.03
N PRO A 43 -11.29 3.96 -7.89
CA PRO A 43 -10.24 4.87 -7.43
C PRO A 43 -8.87 4.58 -8.05
N THR A 44 -7.98 5.56 -7.91
CA THR A 44 -6.55 5.54 -8.27
C THR A 44 -5.73 5.68 -6.98
N MET A 45 -4.52 5.15 -6.93
CA MET A 45 -3.71 5.08 -5.70
C MET A 45 -2.21 4.92 -5.99
N THR A 46 -1.38 5.37 -5.05
CA THR A 46 0.10 5.20 -5.02
C THR A 46 0.64 5.31 -3.60
N TRP A 47 1.90 4.92 -3.39
CA TRP A 47 2.53 4.91 -2.05
C TRP A 47 4.06 4.97 -2.08
N THR A 48 4.67 5.33 -0.95
CA THR A 48 6.11 5.64 -0.84
C THR A 48 6.82 4.90 0.29
N LYS A 49 8.14 4.74 0.16
CA LYS A 49 9.04 4.05 1.08
C LYS A 49 9.82 5.07 1.92
N ASP A 50 9.11 5.73 2.84
CA ASP A 50 9.57 6.91 3.62
C ASP A 50 9.73 8.21 2.79
N GLY A 51 9.80 8.13 1.46
CA GLY A 51 9.86 9.29 0.56
C GLY A 51 9.96 8.98 -0.95
N GLU A 52 10.55 7.83 -1.33
CA GLU A 52 10.65 7.41 -2.74
C GLU A 52 9.46 6.52 -3.14
N PRO A 53 8.99 6.54 -4.41
CA PRO A 53 7.73 5.89 -4.81
C PRO A 53 7.86 4.36 -5.00
N ILE A 54 6.81 3.65 -4.57
CA ILE A 54 6.57 2.19 -4.74
C ILE A 54 5.57 1.98 -5.90
N GLU A 55 5.61 2.90 -6.87
CA GLU A 55 4.85 2.88 -8.13
C GLU A 55 4.52 1.49 -8.70
N GLN A 56 3.24 1.14 -8.72
CA GLN A 56 2.76 -0.18 -9.12
C GLN A 56 2.94 -0.50 -10.62
N GLU A 57 3.40 0.47 -11.42
CA GLU A 57 3.64 0.35 -12.88
C GLU A 57 5.09 0.07 -13.27
N ASP A 58 6.03 0.05 -12.30
CA ASP A 58 7.48 -0.10 -12.56
C ASP A 58 8.29 -0.60 -11.36
N ASN A 59 7.87 -0.28 -10.13
CA ASN A 59 8.63 -0.64 -8.93
C ASN A 59 8.16 -1.99 -8.33
N GLU A 60 8.95 -3.04 -8.56
CA GLU A 60 8.69 -4.45 -8.17
C GLU A 60 9.92 -5.18 -7.59
N GLU A 61 11.02 -4.47 -7.34
CA GLU A 61 12.38 -4.94 -6.98
C GLU A 61 12.48 -6.28 -6.23
N LYS A 62 11.66 -6.49 -5.21
CA LYS A 62 11.46 -7.77 -4.52
C LYS A 62 10.08 -7.85 -3.86
N TYR A 63 9.05 -7.53 -4.64
CA TYR A 63 7.67 -7.51 -4.15
C TYR A 63 6.59 -7.58 -5.24
N SER A 64 5.44 -8.15 -4.87
CA SER A 64 4.29 -8.45 -5.74
C SER A 64 2.99 -8.16 -5.00
N PHE A 65 2.00 -7.58 -5.68
CA PHE A 65 0.77 -7.01 -5.13
C PHE A 65 -0.46 -7.12 -6.04
N ASN A 66 -1.60 -6.54 -5.63
CA ASN A 66 -2.88 -6.70 -6.36
C ASN A 66 -3.84 -5.49 -6.31
N TYR A 67 -4.82 -5.51 -7.22
CA TYR A 67 -5.84 -4.46 -7.40
C TYR A 67 -7.14 -4.74 -6.62
N ASP A 68 -8.07 -3.76 -6.60
CA ASP A 68 -9.30 -3.73 -5.77
C ASP A 68 -8.98 -4.00 -4.28
N GLY A 69 -7.81 -3.55 -3.83
CA GLY A 69 -7.21 -3.83 -2.51
C GLY A 69 -5.78 -3.29 -2.46
N SER A 70 -4.82 -4.14 -2.06
CA SER A 70 -3.38 -3.83 -2.06
C SER A 70 -2.50 -5.09 -1.92
N GLU A 71 -2.71 -5.88 -0.85
CA GLU A 71 -1.89 -7.02 -0.35
C GLU A 71 -0.50 -7.16 -1.02
N LEU A 72 0.43 -6.29 -0.65
CA LEU A 72 1.80 -6.26 -1.15
C LEU A 72 2.68 -7.20 -0.32
N ILE A 73 3.24 -8.17 -1.03
CA ILE A 73 4.06 -9.25 -0.53
C ILE A 73 5.50 -8.93 -0.86
N ILE A 74 6.34 -8.80 0.17
CA ILE A 74 7.79 -8.62 0.06
C ILE A 74 8.42 -9.99 0.19
N LYS A 75 9.37 -10.29 -0.68
CA LYS A 75 10.23 -11.46 -0.58
C LYS A 75 11.69 -11.04 -0.41
N LYS A 76 12.49 -11.94 0.17
CA LYS A 76 13.95 -11.83 0.33
C LYS A 76 14.35 -10.67 1.26
N VAL A 77 13.78 -10.68 2.47
CA VAL A 77 14.02 -9.67 3.51
C VAL A 77 15.46 -9.81 4.02
N ASP A 78 16.25 -8.74 3.95
CA ASP A 78 17.70 -8.73 4.17
C ASP A 78 18.24 -7.63 5.09
N LYS A 79 17.69 -6.40 4.99
CA LYS A 79 17.98 -5.19 5.80
C LYS A 79 17.49 -3.92 5.10
N SER A 80 17.41 -3.94 3.77
CA SER A 80 16.92 -2.83 2.94
C SER A 80 15.39 -2.64 3.04
N ASP A 81 14.71 -3.57 3.70
CA ASP A 81 13.26 -3.68 3.79
C ASP A 81 12.58 -2.74 4.79
N GLU A 82 13.34 -2.06 5.64
CA GLU A 82 12.80 -1.08 6.59
C GLU A 82 12.19 0.13 5.85
N ALA A 83 10.99 0.57 6.24
CA ALA A 83 10.22 1.57 5.50
C ALA A 83 9.06 2.15 6.32
N GLU A 84 8.68 3.39 5.99
CA GLU A 84 7.45 4.04 6.46
C GLU A 84 6.55 4.19 5.24
N TYR A 85 5.61 3.26 5.13
CA TYR A 85 4.75 3.06 3.95
C TYR A 85 3.56 4.03 3.97
N ILE A 86 3.80 5.28 3.60
CA ILE A 86 2.74 6.30 3.48
C ILE A 86 2.03 6.08 2.13
N CYS A 87 0.71 5.98 2.16
CA CYS A 87 -0.09 5.62 1.00
C CYS A 87 -1.30 6.53 0.80
N ILE A 88 -1.63 6.80 -0.47
CA ILE A 88 -2.61 7.81 -0.89
C ILE A 88 -3.53 7.21 -1.97
N ALA A 89 -4.82 7.58 -1.89
CA ALA A 89 -5.83 7.27 -2.89
C ALA A 89 -6.61 8.53 -3.28
N GLU A 90 -7.12 8.53 -4.50
CA GLU A 90 -7.79 9.66 -5.15
C GLU A 90 -8.82 9.12 -6.16
N ASN A 91 -10.00 9.74 -6.26
CA ASN A 91 -10.98 9.42 -7.30
C ASN A 91 -11.84 10.65 -7.68
N LYS A 92 -12.90 10.39 -8.46
CA LYS A 92 -13.80 11.39 -9.06
C LYS A 92 -14.66 12.11 -8.01
N ALA A 93 -14.71 11.57 -6.78
CA ALA A 93 -15.50 12.08 -5.65
C ALA A 93 -14.65 12.61 -4.48
N GLY A 94 -13.34 12.33 -4.40
CA GLY A 94 -12.48 12.79 -3.30
C GLY A 94 -11.05 12.23 -3.26
N GLU A 95 -10.42 12.25 -2.09
CA GLU A 95 -9.01 11.89 -1.82
C GLU A 95 -8.83 11.41 -0.37
N GLN A 96 -7.85 10.54 -0.11
CA GLN A 96 -7.63 9.89 1.20
C GLN A 96 -6.19 9.36 1.37
N ASP A 97 -5.78 9.01 2.59
CA ASP A 97 -4.42 8.53 2.90
C ASP A 97 -4.33 7.66 4.18
N ALA A 98 -3.31 6.79 4.27
CA ALA A 98 -2.94 5.95 5.43
C ALA A 98 -1.41 5.73 5.53
N THR A 99 -0.91 5.03 6.57
CA THR A 99 0.53 4.77 6.84
C THR A 99 0.77 3.46 7.60
N ILE A 100 1.77 2.67 7.19
CA ILE A 100 2.28 1.47 7.91
C ILE A 100 3.74 1.73 8.30
N HIS A 101 4.17 1.31 9.49
CA HIS A 101 5.59 1.31 9.89
C HIS A 101 6.16 -0.13 9.83
N LEU A 102 7.03 -0.45 8.85
CA LEU A 102 7.72 -1.75 8.81
C LEU A 102 9.11 -1.65 9.43
N LYS A 103 9.26 -2.17 10.65
CA LYS A 103 10.54 -2.28 11.37
C LYS A 103 11.21 -3.63 11.03
N VAL A 104 12.55 -3.64 10.90
CA VAL A 104 13.34 -4.79 10.40
C VAL A 104 14.64 -4.92 11.21
N PHE A 105 14.77 -6.00 12.00
CA PHE A 105 15.85 -6.17 12.95
C PHE A 105 16.92 -7.17 12.45
N ALA A 106 18.20 -6.86 12.71
CA ALA A 106 19.35 -7.56 12.15
C ALA A 106 19.76 -8.81 12.98
N LYS A 107 18.77 -9.62 13.37
CA LYS A 107 18.91 -10.91 14.08
C LYS A 107 19.23 -10.71 15.59
N GLY A 1 -25.22 4.16 -0.58
CA GLY A 1 -24.89 4.57 -1.98
C GLY A 1 -25.46 3.59 -2.99
N LYS A 2 -25.41 3.95 -4.29
CA LYS A 2 -25.96 3.15 -5.41
C LYS A 2 -25.29 3.52 -6.75
N ASP A 3 -23.96 3.60 -6.77
CA ASP A 3 -23.18 3.89 -7.99
C ASP A 3 -23.08 2.70 -8.98
N ILE A 4 -23.92 1.68 -8.76
CA ILE A 4 -23.90 0.39 -9.48
C ILE A 4 -24.78 0.43 -10.75
N GLN A 5 -25.83 1.24 -10.75
CA GLN A 5 -26.75 1.38 -11.91
C GLN A 5 -27.35 2.80 -12.01
N VAL A 6 -26.63 3.75 -11.43
CA VAL A 6 -26.91 5.21 -11.35
C VAL A 6 -25.56 5.91 -11.19
N ILE A 7 -25.42 7.17 -11.63
CA ILE A 7 -24.22 7.98 -11.41
C ILE A 7 -24.33 8.75 -10.08
N VAL A 8 -23.49 8.39 -9.10
CA VAL A 8 -23.52 8.93 -7.72
C VAL A 8 -22.10 9.11 -7.15
N ASN A 9 -21.23 8.12 -7.41
CA ASN A 9 -19.86 7.96 -6.96
C ASN A 9 -19.68 7.90 -5.43
N VAL A 10 -18.50 7.47 -5.02
CA VAL A 10 -18.05 7.26 -3.64
C VAL A 10 -16.56 7.64 -3.54
N PRO A 11 -16.17 8.53 -2.60
CA PRO A 11 -14.76 8.90 -2.38
C PRO A 11 -13.85 7.70 -2.10
N PRO A 12 -12.53 7.83 -2.28
CA PRO A 12 -11.58 6.78 -1.89
C PRO A 12 -11.56 6.52 -0.37
N SER A 13 -11.19 5.28 -0.01
CA SER A 13 -11.22 4.76 1.37
C SER A 13 -9.92 4.00 1.68
N VAL A 14 -8.75 4.57 1.38
CA VAL A 14 -7.49 3.92 1.78
C VAL A 14 -7.31 4.00 3.29
N ARG A 15 -6.99 2.84 3.86
CA ARG A 15 -6.76 2.62 5.30
C ARG A 15 -5.45 1.84 5.51
N ALA A 16 -5.00 1.76 6.75
CA ALA A 16 -3.90 0.88 7.17
C ALA A 16 -4.45 -0.47 7.63
N ARG A 17 -3.98 -1.58 7.03
CA ARG A 17 -4.42 -2.96 7.39
C ARG A 17 -3.83 -3.40 8.74
N GLN A 18 -2.64 -2.87 9.09
CA GLN A 18 -1.96 -3.01 10.38
C GLN A 18 -0.89 -1.89 10.47
N SER A 19 -0.93 -1.06 11.51
CA SER A 19 -0.09 0.18 11.58
C SER A 19 1.41 -0.04 11.80
N THR A 20 1.80 -1.22 12.28
CA THR A 20 3.20 -1.64 12.48
C THR A 20 3.40 -3.07 12.02
N MET A 21 4.40 -3.27 11.15
CA MET A 21 4.90 -4.57 10.69
C MET A 21 6.35 -4.77 11.15
N ASN A 22 6.84 -6.01 11.07
CA ASN A 22 8.20 -6.40 11.43
C ASN A 22 8.62 -7.70 10.71
N ALA A 23 9.93 -7.93 10.61
CA ALA A 23 10.51 -9.06 9.87
C ALA A 23 11.99 -9.27 10.23
N THR A 24 12.48 -10.49 10.07
CA THR A 24 13.85 -10.89 10.43
C THR A 24 14.72 -10.89 9.16
N ALA A 25 15.74 -10.03 9.16
CA ALA A 25 16.74 -9.93 8.10
C ALA A 25 17.86 -10.98 8.25
N ASN A 26 18.67 -11.12 7.20
CA ASN A 26 19.75 -12.11 7.03
C ASN A 26 19.25 -13.54 6.75
N LEU A 27 17.94 -13.78 6.87
CA LEU A 27 17.24 -15.03 6.57
C LEU A 27 16.47 -14.97 5.24
N SER A 28 16.40 -13.80 4.58
CA SER A 28 15.71 -13.56 3.30
C SER A 28 14.22 -13.97 3.32
N GLN A 29 13.49 -13.54 4.34
CA GLN A 29 12.08 -13.89 4.55
C GLN A 29 11.14 -13.31 3.48
N SER A 30 9.96 -13.92 3.35
CA SER A 30 8.83 -13.44 2.56
C SER A 30 7.72 -12.95 3.51
N VAL A 31 7.09 -11.82 3.17
CA VAL A 31 6.18 -11.07 4.08
C VAL A 31 5.09 -10.35 3.30
N THR A 32 3.83 -10.44 3.75
CA THR A 32 2.71 -9.63 3.21
C THR A 32 2.34 -8.50 4.15
N LEU A 33 2.01 -7.33 3.59
CA LEU A 33 1.53 -6.14 4.30
C LEU A 33 0.71 -5.26 3.34
N ALA A 34 -0.06 -4.27 3.84
CA ALA A 34 -1.04 -3.60 2.99
C ALA A 34 -1.69 -2.30 3.50
N CYS A 35 -2.04 -1.45 2.52
CA CYS A 35 -2.89 -0.27 2.68
C CYS A 35 -4.19 -0.50 1.89
N ASP A 36 -5.29 -0.86 2.55
CA ASP A 36 -6.53 -1.32 1.94
C ASP A 36 -7.41 -0.21 1.32
N ALA A 37 -7.01 0.23 0.12
CA ALA A 37 -7.76 1.16 -0.73
C ALA A 37 -9.00 0.54 -1.38
N ASP A 38 -10.02 1.37 -1.56
CA ASP A 38 -11.33 1.04 -2.14
C ASP A 38 -12.07 2.33 -2.55
N GLY A 39 -13.13 2.23 -3.36
CA GLY A 39 -13.96 3.35 -3.85
C GLY A 39 -14.85 2.96 -5.03
N PHE A 40 -15.72 3.88 -5.48
CA PHE A 40 -16.57 3.70 -6.67
C PHE A 40 -16.60 5.01 -7.51
N PRO A 41 -16.00 5.05 -8.70
CA PRO A 41 -15.19 3.98 -9.31
C PRO A 41 -13.91 3.74 -8.51
N GLU A 42 -13.35 2.54 -8.70
CA GLU A 42 -12.05 2.12 -8.12
C GLU A 42 -11.00 3.25 -8.11
N PRO A 43 -10.29 3.47 -6.98
CA PRO A 43 -9.45 4.66 -6.81
C PRO A 43 -8.10 4.54 -7.54
N THR A 44 -7.54 5.71 -7.83
CA THR A 44 -6.15 5.87 -8.32
C THR A 44 -5.25 6.08 -7.10
N MET A 45 -4.35 5.13 -6.81
CA MET A 45 -3.59 5.12 -5.56
C MET A 45 -2.11 4.77 -5.73
N THR A 46 -1.29 5.22 -4.78
CA THR A 46 0.18 4.99 -4.72
C THR A 46 0.68 5.06 -3.28
N TRP A 47 1.93 4.62 -3.06
CA TRP A 47 2.56 4.63 -1.74
C TRP A 47 4.10 4.68 -1.80
N THR A 48 4.78 5.09 -0.72
CA THR A 48 6.23 5.38 -0.71
C THR A 48 7.01 4.63 0.37
N LYS A 49 8.32 4.42 0.16
CA LYS A 49 9.27 3.79 1.08
C LYS A 49 10.05 4.89 1.84
N ASP A 50 9.37 5.59 2.74
CA ASP A 50 9.83 6.80 3.47
C ASP A 50 10.05 8.05 2.58
N GLY A 51 10.07 7.90 1.26
CA GLY A 51 10.22 9.01 0.30
C GLY A 51 10.20 8.61 -1.18
N GLU A 52 10.69 7.42 -1.53
CA GLU A 52 10.75 6.94 -2.93
C GLU A 52 9.51 6.08 -3.29
N PRO A 53 9.03 6.06 -4.55
CA PRO A 53 7.75 5.44 -4.88
C PRO A 53 7.77 3.90 -4.98
N ILE A 54 6.75 3.29 -4.37
CA ILE A 54 6.39 1.85 -4.46
C ILE A 54 5.20 1.72 -5.43
N GLU A 55 5.24 2.51 -6.50
CA GLU A 55 4.17 2.67 -7.49
C GLU A 55 3.62 1.35 -8.02
N GLN A 56 2.36 1.06 -7.68
CA GLN A 56 1.62 -0.16 -8.09
C GLN A 56 1.34 -0.23 -9.61
N GLU A 57 1.78 0.79 -10.36
CA GLU A 57 1.62 0.92 -11.82
C GLU A 57 2.85 0.49 -12.63
N ASP A 58 4.02 0.28 -11.98
CA ASP A 58 5.29 -0.01 -12.68
C ASP A 58 6.39 -0.63 -11.82
N ASN A 59 6.39 -0.41 -10.50
CA ASN A 59 7.45 -0.90 -9.61
C ASN A 59 7.15 -2.31 -9.06
N GLU A 60 8.18 -3.14 -8.91
CA GLU A 60 8.12 -4.56 -8.59
C GLU A 60 9.38 -5.07 -7.85
N GLU A 61 10.31 -4.19 -7.44
CA GLU A 61 11.67 -4.40 -6.87
C GLU A 61 11.99 -5.78 -6.28
N LYS A 62 11.14 -6.26 -5.37
CA LYS A 62 11.12 -7.64 -4.82
C LYS A 62 9.72 -7.98 -4.27
N TYR A 63 8.68 -7.71 -5.08
CA TYR A 63 7.29 -7.82 -4.61
C TYR A 63 6.21 -7.94 -5.71
N SER A 64 5.04 -8.44 -5.31
CA SER A 64 3.87 -8.79 -6.15
C SER A 64 2.58 -8.51 -5.38
N PHE A 65 1.55 -8.01 -6.07
CA PHE A 65 0.34 -7.47 -5.45
C PHE A 65 -0.98 -7.64 -6.23
N ASN A 66 -2.09 -7.25 -5.59
CA ASN A 66 -3.47 -7.42 -6.05
C ASN A 66 -4.00 -6.23 -6.91
N TYR A 67 -5.27 -6.32 -7.32
CA TYR A 67 -5.92 -5.31 -8.18
C TYR A 67 -6.48 -4.08 -7.42
N ASP A 68 -6.57 -4.12 -6.09
CA ASP A 68 -6.90 -2.96 -5.24
C ASP A 68 -5.66 -2.07 -4.97
N GLY A 69 -4.45 -2.57 -5.25
CA GLY A 69 -3.16 -1.93 -4.97
C GLY A 69 -2.74 -2.05 -3.50
N SER A 70 -3.37 -2.94 -2.74
CA SER A 70 -3.26 -3.04 -1.28
C SER A 70 -2.30 -4.14 -0.81
N GLU A 71 -2.57 -5.41 -1.11
CA GLU A 71 -1.82 -6.55 -0.57
C GLU A 71 -0.45 -6.72 -1.24
N LEU A 72 0.57 -6.04 -0.70
CA LEU A 72 1.93 -6.09 -1.18
C LEU A 72 2.64 -7.28 -0.51
N ILE A 73 2.80 -8.36 -1.29
CA ILE A 73 3.59 -9.53 -0.88
C ILE A 73 5.03 -9.25 -1.32
N ILE A 74 5.92 -9.18 -0.34
CA ILE A 74 7.35 -8.91 -0.50
C ILE A 74 8.10 -10.23 -0.32
N LYS A 75 9.16 -10.42 -1.10
CA LYS A 75 10.12 -11.52 -0.95
C LYS A 75 11.53 -11.00 -0.65
N LYS A 76 12.34 -11.89 -0.07
CA LYS A 76 13.76 -11.68 0.32
C LYS A 76 14.02 -10.38 1.09
N VAL A 77 13.19 -10.10 2.11
CA VAL A 77 13.33 -8.95 3.03
C VAL A 77 14.68 -8.99 3.74
N ASP A 78 15.28 -7.81 3.97
CA ASP A 78 16.55 -7.64 4.70
C ASP A 78 16.67 -6.20 5.29
N LYS A 79 17.77 -5.91 6.01
CA LYS A 79 18.04 -4.69 6.80
C LYS A 79 17.75 -3.36 6.07
N SER A 80 17.94 -3.32 4.76
CA SER A 80 17.73 -2.15 3.91
C SER A 80 16.28 -1.96 3.45
N ASP A 81 15.38 -2.91 3.76
CA ASP A 81 13.97 -2.85 3.38
C ASP A 81 13.08 -2.13 4.43
N GLU A 82 13.65 -1.73 5.57
CA GLU A 82 13.01 -0.84 6.57
C GLU A 82 12.34 0.37 5.90
N ALA A 83 11.12 0.73 6.33
CA ALA A 83 10.29 1.72 5.63
C ALA A 83 9.19 2.35 6.51
N GLU A 84 8.70 3.50 6.04
CA GLU A 84 7.53 4.18 6.58
C GLU A 84 6.60 4.43 5.38
N TYR A 85 5.56 3.59 5.30
CA TYR A 85 4.65 3.50 4.15
C TYR A 85 3.55 4.54 4.21
N ILE A 86 3.78 5.74 3.66
CA ILE A 86 2.72 6.72 3.47
C ILE A 86 1.98 6.29 2.21
N CYS A 87 0.67 6.08 2.33
CA CYS A 87 -0.19 5.58 1.26
C CYS A 87 -1.40 6.52 1.02
N ILE A 88 -1.65 6.81 -0.26
CA ILE A 88 -2.58 7.85 -0.72
C ILE A 88 -3.48 7.31 -1.85
N ALA A 89 -4.75 7.70 -1.85
CA ALA A 89 -5.74 7.35 -2.87
C ALA A 89 -6.56 8.60 -3.29
N GLU A 90 -7.00 8.62 -4.54
CA GLU A 90 -7.72 9.74 -5.17
C GLU A 90 -8.66 9.23 -6.27
N ASN A 91 -9.82 9.87 -6.41
CA ASN A 91 -10.75 9.67 -7.53
C ASN A 91 -11.54 10.98 -7.80
N LYS A 92 -12.50 11.00 -8.73
CA LYS A 92 -13.30 12.19 -9.04
C LYS A 92 -14.21 12.72 -7.90
N ALA A 93 -14.55 11.84 -6.97
CA ALA A 93 -15.39 12.14 -5.80
C ALA A 93 -14.61 12.59 -4.55
N GLY A 94 -13.30 12.30 -4.45
CA GLY A 94 -12.49 12.68 -3.29
C GLY A 94 -11.05 12.16 -3.26
N GLU A 95 -10.44 12.22 -2.08
CA GLU A 95 -9.02 11.91 -1.80
C GLU A 95 -8.87 11.41 -0.34
N GLN A 96 -7.91 10.53 -0.10
CA GLN A 96 -7.74 9.82 1.18
C GLN A 96 -6.28 9.36 1.40
N ASP A 97 -5.91 9.03 2.66
CA ASP A 97 -4.55 8.62 3.01
C ASP A 97 -4.48 7.80 4.35
N ALA A 98 -3.46 6.95 4.48
CA ALA A 98 -3.05 6.25 5.71
C ALA A 98 -1.51 6.08 5.82
N THR A 99 -1.02 5.50 6.93
CA THR A 99 0.42 5.35 7.24
C THR A 99 0.72 4.03 7.99
N ILE A 100 1.85 3.38 7.67
CA ILE A 100 2.33 2.14 8.33
C ILE A 100 3.85 2.22 8.55
N HIS A 101 4.37 1.63 9.61
CA HIS A 101 5.82 1.46 9.85
C HIS A 101 6.26 0.01 9.66
N LEU A 102 7.43 -0.25 9.06
CA LEU A 102 8.05 -1.57 8.96
C LEU A 102 9.41 -1.61 9.68
N LYS A 103 9.44 -2.31 10.82
CA LYS A 103 10.60 -2.47 11.71
C LYS A 103 11.35 -3.78 11.44
N VAL A 104 12.28 -3.76 10.48
CA VAL A 104 13.13 -4.91 10.15
C VAL A 104 14.30 -5.01 11.15
N PHE A 105 14.51 -6.19 11.76
CA PHE A 105 15.55 -6.46 12.76
C PHE A 105 16.52 -7.58 12.35
N ALA A 106 17.75 -7.51 12.89
CA ALA A 106 18.88 -8.38 12.56
C ALA A 106 19.18 -9.43 13.65
N LYS A 107 18.12 -10.03 14.23
CA LYS A 107 18.11 -10.92 15.41
C LYS A 107 18.81 -10.30 16.63
N GLY A 1 -20.23 11.82 -11.63
CA GLY A 1 -20.09 10.42 -12.11
C GLY A 1 -21.18 9.51 -11.54
N LYS A 2 -21.56 8.45 -12.27
CA LYS A 2 -22.60 7.46 -11.92
C LYS A 2 -21.99 6.11 -11.47
N ASP A 3 -22.79 5.30 -10.79
CA ASP A 3 -22.39 3.97 -10.31
C ASP A 3 -22.60 2.87 -11.36
N ILE A 4 -23.77 2.88 -12.01
CA ILE A 4 -24.19 2.04 -13.16
C ILE A 4 -25.15 2.82 -14.08
N GLN A 5 -26.24 3.35 -13.48
CA GLN A 5 -27.29 4.18 -14.11
C GLN A 5 -28.04 5.06 -13.09
N VAL A 6 -27.33 5.40 -12.00
CA VAL A 6 -27.78 6.19 -10.83
C VAL A 6 -26.54 6.88 -10.23
N ILE A 7 -26.72 8.10 -9.68
CA ILE A 7 -25.63 8.89 -9.09
C ILE A 7 -25.36 8.43 -7.64
N VAL A 8 -24.38 7.55 -7.46
CA VAL A 8 -23.99 6.95 -6.16
C VAL A 8 -22.47 6.78 -6.14
N ASN A 9 -21.78 7.89 -6.41
CA ASN A 9 -20.33 7.97 -6.42
C ASN A 9 -19.79 8.13 -5.00
N VAL A 10 -18.71 7.41 -4.72
CA VAL A 10 -18.10 7.25 -3.41
C VAL A 10 -16.59 7.60 -3.49
N PRO A 11 -16.12 8.64 -2.77
CA PRO A 11 -14.70 8.96 -2.64
C PRO A 11 -13.84 7.78 -2.15
N PRO A 12 -12.51 7.81 -2.34
CA PRO A 12 -11.63 6.75 -1.83
C PRO A 12 -11.68 6.68 -0.30
N SER A 13 -11.56 5.48 0.24
CA SER A 13 -11.59 5.21 1.69
C SER A 13 -10.35 4.42 2.14
N VAL A 14 -9.15 4.87 1.74
CA VAL A 14 -7.89 4.19 2.11
C VAL A 14 -7.63 4.32 3.60
N ARG A 15 -7.25 3.20 4.21
CA ARG A 15 -6.79 3.08 5.60
C ARG A 15 -5.49 2.26 5.63
N ALA A 16 -4.88 2.17 6.81
CA ALA A 16 -3.75 1.27 7.05
C ALA A 16 -4.26 -0.04 7.68
N ARG A 17 -4.00 -1.18 7.01
CA ARG A 17 -4.50 -2.49 7.44
C ARG A 17 -3.82 -3.01 8.71
N GLN A 18 -2.57 -2.60 8.91
CA GLN A 18 -1.78 -2.77 10.15
C GLN A 18 -1.30 -1.37 10.63
N SER A 19 -0.60 -1.32 11.78
CA SER A 19 0.01 -0.08 12.28
C SER A 19 1.52 -0.08 12.12
N THR A 20 2.22 -1.05 12.74
CA THR A 20 3.68 -1.24 12.72
C THR A 20 4.02 -2.72 12.61
N MET A 21 4.67 -3.08 11.51
CA MET A 21 5.14 -4.43 11.19
C MET A 21 6.59 -4.63 11.62
N ASN A 22 7.00 -5.91 11.68
CA ASN A 22 8.34 -6.36 12.01
C ASN A 22 8.78 -7.47 11.02
N ALA A 23 10.10 -7.67 10.85
CA ALA A 23 10.64 -8.73 9.99
C ALA A 23 12.10 -9.06 10.31
N THR A 24 12.48 -10.31 10.05
CA THR A 24 13.83 -10.85 10.26
C THR A 24 14.58 -10.91 8.92
N ALA A 25 15.60 -10.08 8.78
CA ALA A 25 16.34 -9.91 7.54
C ALA A 25 17.18 -11.14 7.16
N ASN A 26 17.43 -11.27 5.85
CA ASN A 26 18.36 -12.20 5.23
C ASN A 26 17.95 -13.69 5.35
N LEU A 27 16.65 -13.97 5.57
CA LEU A 27 16.09 -15.34 5.61
C LEU A 27 15.47 -15.80 4.27
N SER A 28 15.43 -14.92 3.25
CA SER A 28 14.95 -15.23 1.87
C SER A 28 13.44 -15.54 1.80
N GLN A 29 12.66 -15.10 2.81
CA GLN A 29 11.21 -15.31 2.95
C GLN A 29 10.37 -14.19 2.29
N SER A 30 9.04 -14.31 2.33
CA SER A 30 8.09 -13.28 1.89
C SER A 30 7.26 -12.74 3.07
N VAL A 31 7.13 -11.42 3.14
CA VAL A 31 6.39 -10.69 4.19
C VAL A 31 5.30 -9.82 3.56
N THR A 32 4.06 -9.92 4.06
CA THR A 32 2.90 -9.17 3.56
C THR A 32 2.51 -8.04 4.54
N LEU A 33 2.07 -6.91 3.99
CA LEU A 33 1.51 -5.74 4.68
C LEU A 33 0.65 -4.92 3.70
N ALA A 34 -0.16 -3.96 4.18
CA ALA A 34 -1.14 -3.31 3.32
C ALA A 34 -1.77 -1.98 3.76
N CYS A 35 -2.17 -1.21 2.73
CA CYS A 35 -3.00 0.00 2.85
C CYS A 35 -4.32 -0.27 2.11
N ASP A 36 -5.39 -0.60 2.85
CA ASP A 36 -6.69 -1.06 2.33
C ASP A 36 -7.52 0.05 1.67
N ALA A 37 -7.17 0.38 0.42
CA ALA A 37 -7.91 1.32 -0.44
C ALA A 37 -9.11 0.66 -1.14
N ASP A 38 -10.16 1.44 -1.31
CA ASP A 38 -11.43 1.06 -1.95
C ASP A 38 -12.25 2.34 -2.29
N GLY A 39 -13.24 2.25 -3.16
CA GLY A 39 -14.08 3.36 -3.64
C GLY A 39 -14.98 2.94 -4.82
N PHE A 40 -15.89 3.84 -5.24
CA PHE A 40 -16.80 3.61 -6.38
C PHE A 40 -16.90 4.86 -7.27
N PRO A 41 -16.32 4.88 -8.48
CA PRO A 41 -15.55 3.78 -9.08
C PRO A 41 -14.23 3.50 -8.36
N GLU A 42 -13.69 2.28 -8.56
CA GLU A 42 -12.41 1.80 -8.00
C GLU A 42 -11.28 2.87 -8.08
N PRO A 43 -10.51 3.08 -7.01
CA PRO A 43 -9.58 4.18 -6.93
C PRO A 43 -8.22 3.88 -7.58
N THR A 44 -7.48 4.96 -7.84
CA THR A 44 -6.06 4.94 -8.25
C THR A 44 -5.25 5.25 -6.99
N MET A 45 -4.22 4.48 -6.67
CA MET A 45 -3.49 4.64 -5.42
C MET A 45 -2.00 4.35 -5.56
N THR A 46 -1.18 4.99 -4.70
CA THR A 46 0.28 4.86 -4.62
C THR A 46 0.76 5.12 -3.20
N TRP A 47 2.03 4.79 -2.92
CA TRP A 47 2.62 4.92 -1.59
C TRP A 47 4.14 5.08 -1.59
N THR A 48 4.69 5.55 -0.48
CA THR A 48 6.11 5.98 -0.37
C THR A 48 6.87 5.26 0.75
N LYS A 49 8.21 5.20 0.62
CA LYS A 49 9.16 4.57 1.55
C LYS A 49 9.85 5.65 2.43
N ASP A 50 9.04 6.32 3.28
CA ASP A 50 9.38 7.51 4.07
C ASP A 50 9.60 8.81 3.22
N GLY A 51 9.54 8.73 1.87
CA GLY A 51 9.60 9.88 0.96
C GLY A 51 9.67 9.51 -0.53
N GLU A 52 10.36 8.45 -0.92
CA GLU A 52 10.49 7.98 -2.31
C GLU A 52 9.37 7.01 -2.71
N PRO A 53 8.97 6.92 -3.99
CA PRO A 53 7.77 6.18 -4.39
C PRO A 53 8.01 4.66 -4.50
N ILE A 54 6.96 3.91 -4.13
CA ILE A 54 6.81 2.44 -4.23
C ILE A 54 5.70 2.12 -5.26
N GLU A 55 5.67 2.85 -6.38
CA GLU A 55 4.64 2.70 -7.40
C GLU A 55 4.76 1.37 -8.15
N GLN A 56 3.63 0.64 -8.19
CA GLN A 56 3.46 -0.76 -8.62
C GLN A 56 3.67 -1.03 -10.12
N GLU A 57 4.02 -0.01 -10.90
CA GLU A 57 4.28 -0.09 -12.34
C GLU A 57 5.80 -0.04 -12.69
N ASP A 58 6.69 0.15 -11.71
CA ASP A 58 8.14 0.31 -11.96
C ASP A 58 9.06 -0.15 -10.79
N ASN A 59 8.52 -0.37 -9.59
CA ASN A 59 9.29 -0.73 -8.38
C ASN A 59 9.14 -2.22 -7.96
N GLU A 60 8.66 -3.06 -8.87
CA GLU A 60 8.29 -4.48 -8.69
C GLU A 60 9.48 -5.45 -8.50
N GLU A 61 10.68 -4.92 -8.28
CA GLU A 61 11.96 -5.65 -8.18
C GLU A 61 11.97 -6.82 -7.15
N LYS A 62 11.10 -6.81 -6.14
CA LYS A 62 10.87 -7.94 -5.22
C LYS A 62 9.47 -7.95 -4.58
N TYR A 63 8.41 -7.82 -5.38
CA TYR A 63 7.04 -7.92 -4.86
C TYR A 63 5.94 -8.35 -5.85
N SER A 64 4.75 -8.61 -5.29
CA SER A 64 3.49 -8.83 -6.02
C SER A 64 2.29 -8.40 -5.12
N PHE A 65 1.13 -8.17 -5.73
CA PHE A 65 -0.03 -7.54 -5.11
C PHE A 65 -1.43 -7.98 -5.59
N ASN A 66 -2.48 -7.54 -4.89
CA ASN A 66 -3.88 -7.97 -5.09
C ASN A 66 -4.67 -7.08 -6.08
N TYR A 67 -6.01 -7.30 -6.21
CA TYR A 67 -6.88 -6.57 -7.14
C TYR A 67 -7.34 -5.17 -6.67
N ASP A 68 -7.23 -4.85 -5.38
CA ASP A 68 -7.42 -3.49 -4.82
C ASP A 68 -6.14 -2.63 -4.89
N GLY A 69 -4.98 -3.27 -5.12
CA GLY A 69 -3.64 -2.67 -5.01
C GLY A 69 -3.16 -2.49 -3.55
N SER A 70 -3.95 -2.97 -2.57
CA SER A 70 -3.75 -2.69 -1.15
C SER A 70 -2.69 -3.56 -0.48
N GLU A 71 -2.71 -4.88 -0.71
CA GLU A 71 -1.74 -5.82 -0.14
C GLU A 71 -0.51 -5.90 -1.03
N LEU A 72 0.66 -5.63 -0.44
CA LEU A 72 1.95 -5.70 -1.12
C LEU A 72 2.84 -6.71 -0.39
N ILE A 73 3.22 -7.77 -1.11
CA ILE A 73 3.98 -8.90 -0.58
C ILE A 73 5.43 -8.71 -1.00
N ILE A 74 6.33 -8.51 -0.04
CA ILE A 74 7.76 -8.25 -0.25
C ILE A 74 8.54 -9.53 -0.04
N LYS A 75 9.22 -10.03 -1.08
CA LYS A 75 10.10 -11.21 -0.99
C LYS A 75 11.57 -10.82 -0.76
N LYS A 76 12.35 -11.78 -0.25
CA LYS A 76 13.78 -11.67 0.08
C LYS A 76 14.14 -10.38 0.84
N VAL A 77 13.56 -10.26 2.02
CA VAL A 77 13.62 -9.03 2.85
C VAL A 77 14.98 -8.91 3.55
N ASP A 78 15.50 -7.68 3.68
CA ASP A 78 16.76 -7.36 4.32
C ASP A 78 16.67 -6.03 5.11
N LYS A 79 17.73 -5.66 5.83
CA LYS A 79 17.84 -4.46 6.71
C LYS A 79 17.50 -3.14 6.01
N SER A 80 17.64 -3.08 4.69
CA SER A 80 17.35 -1.94 3.83
C SER A 80 15.86 -1.75 3.52
N ASP A 81 14.99 -2.70 3.91
CA ASP A 81 13.52 -2.60 3.72
C ASP A 81 12.80 -1.88 4.86
N GLU A 82 13.49 -1.45 5.93
CA GLU A 82 12.94 -0.61 7.00
C GLU A 82 12.35 0.70 6.41
N ALA A 83 11.08 1.00 6.74
CA ALA A 83 10.30 2.06 6.11
C ALA A 83 9.08 2.57 6.89
N GLU A 84 8.62 3.78 6.55
CA GLU A 84 7.34 4.36 6.99
C GLU A 84 6.47 4.55 5.74
N TYR A 85 5.47 3.68 5.59
CA TYR A 85 4.67 3.52 4.38
C TYR A 85 3.47 4.49 4.37
N ILE A 86 3.70 5.74 4.01
CA ILE A 86 2.64 6.74 3.82
C ILE A 86 1.97 6.45 2.47
N CYS A 87 0.64 6.34 2.47
CA CYS A 87 -0.13 5.86 1.33
C CYS A 87 -1.33 6.77 0.99
N ILE A 88 -1.59 6.91 -0.32
CA ILE A 88 -2.54 7.90 -0.89
C ILE A 88 -3.42 7.24 -1.94
N ALA A 89 -4.73 7.55 -1.95
CA ALA A 89 -5.71 7.09 -2.91
C ALA A 89 -6.53 8.25 -3.48
N GLU A 90 -6.99 8.12 -4.73
CA GLU A 90 -7.66 9.18 -5.50
C GLU A 90 -8.66 8.55 -6.49
N ASN A 91 -9.82 9.18 -6.69
CA ASN A 91 -10.75 8.82 -7.77
C ASN A 91 -11.51 10.09 -8.29
N LYS A 92 -12.53 9.89 -9.12
CA LYS A 92 -13.31 10.99 -9.73
C LYS A 92 -14.20 11.75 -8.74
N ALA A 93 -14.45 11.19 -7.55
CA ALA A 93 -15.28 11.75 -6.49
C ALA A 93 -14.47 12.41 -5.34
N GLY A 94 -13.22 12.01 -5.11
CA GLY A 94 -12.39 12.59 -4.05
C GLY A 94 -10.99 11.98 -3.90
N GLU A 95 -10.41 12.15 -2.72
CA GLU A 95 -9.00 11.80 -2.40
C GLU A 95 -8.86 11.50 -0.89
N GLN A 96 -7.92 10.62 -0.52
CA GLN A 96 -7.77 10.08 0.84
C GLN A 96 -6.34 9.55 1.09
N ASP A 97 -5.96 9.37 2.37
CA ASP A 97 -4.61 8.92 2.78
C ASP A 97 -4.55 8.21 4.14
N ALA A 98 -3.54 7.33 4.31
CA ALA A 98 -3.21 6.61 5.54
C ALA A 98 -1.68 6.34 5.69
N THR A 99 -1.22 5.62 6.71
CA THR A 99 0.20 5.35 6.97
C THR A 99 0.42 4.04 7.74
N ILE A 100 1.34 3.18 7.24
CA ILE A 100 1.88 1.98 7.92
C ILE A 100 3.36 2.24 8.30
N HIS A 101 3.98 1.33 9.03
CA HIS A 101 5.42 1.34 9.33
C HIS A 101 5.95 -0.11 9.34
N LEU A 102 7.23 -0.30 9.06
CA LEU A 102 7.93 -1.59 9.04
C LEU A 102 9.33 -1.44 9.66
N LYS A 103 9.55 -2.10 10.80
CA LYS A 103 10.89 -2.28 11.42
C LYS A 103 11.51 -3.58 10.93
N VAL A 104 12.83 -3.62 10.83
CA VAL A 104 13.59 -4.82 10.41
C VAL A 104 14.79 -5.03 11.35
N PHE A 105 14.98 -6.27 11.81
CA PHE A 105 16.12 -6.73 12.60
C PHE A 105 16.79 -7.96 11.96
N ALA A 106 18.06 -8.22 12.29
CA ALA A 106 18.90 -9.28 11.69
C ALA A 106 19.33 -10.36 12.70
N LYS A 107 18.39 -10.76 13.58
CA LYS A 107 18.58 -11.70 14.71
C LYS A 107 19.57 -11.13 15.77
N GLY A 1 -21.50 9.11 -13.55
CA GLY A 1 -20.70 8.41 -12.54
C GLY A 1 -21.26 7.01 -12.29
N LYS A 2 -20.37 6.05 -11.99
CA LYS A 2 -20.72 4.68 -11.57
C LYS A 2 -20.76 4.58 -10.06
N ASP A 3 -21.72 3.82 -9.53
CA ASP A 3 -21.95 3.60 -8.11
C ASP A 3 -22.62 2.24 -7.83
N ILE A 4 -22.81 1.91 -6.55
CA ILE A 4 -23.55 0.73 -6.06
C ILE A 4 -24.78 1.12 -5.22
N GLN A 5 -24.75 2.26 -4.52
CA GLN A 5 -25.86 2.81 -3.72
C GLN A 5 -26.68 3.85 -4.53
N VAL A 6 -27.67 4.51 -3.91
CA VAL A 6 -28.50 5.57 -4.55
C VAL A 6 -27.77 6.90 -4.44
N ILE A 7 -26.62 6.97 -5.13
CA ILE A 7 -25.59 8.00 -5.11
C ILE A 7 -24.94 8.05 -6.52
N VAL A 8 -24.30 9.17 -6.91
CA VAL A 8 -23.71 9.37 -8.26
C VAL A 8 -22.19 9.19 -8.27
N ASN A 9 -21.54 9.58 -7.17
CA ASN A 9 -20.12 9.42 -6.91
C ASN A 9 -19.80 9.56 -5.40
N VAL A 10 -18.68 8.95 -5.02
CA VAL A 10 -18.14 8.84 -3.67
C VAL A 10 -16.60 8.92 -3.69
N PRO A 11 -15.96 9.84 -2.93
CA PRO A 11 -14.50 9.92 -2.77
C PRO A 11 -13.86 8.62 -2.26
N PRO A 12 -12.54 8.45 -2.40
CA PRO A 12 -11.85 7.25 -1.91
C PRO A 12 -11.92 7.09 -0.39
N SER A 13 -11.79 5.86 0.09
CA SER A 13 -11.91 5.46 1.51
C SER A 13 -10.78 4.51 1.92
N VAL A 14 -9.52 4.89 1.61
CA VAL A 14 -8.36 4.05 1.92
C VAL A 14 -8.04 4.04 3.43
N ARG A 15 -7.66 2.86 3.91
CA ARG A 15 -7.32 2.53 5.31
C ARG A 15 -6.07 1.64 5.36
N ALA A 16 -5.49 1.51 6.56
CA ALA A 16 -4.35 0.64 6.82
C ALA A 16 -4.88 -0.71 7.35
N ARG A 17 -4.38 -1.81 6.78
CA ARG A 17 -4.78 -3.20 7.15
C ARG A 17 -3.96 -3.70 8.35
N GLN A 18 -2.71 -3.27 8.43
CA GLN A 18 -1.79 -3.42 9.55
C GLN A 18 -1.50 -2.03 10.18
N SER A 19 -0.63 -1.96 11.19
CA SER A 19 -0.21 -0.69 11.82
C SER A 19 1.32 -0.56 11.96
N THR A 20 2.01 -1.60 12.43
CA THR A 20 3.47 -1.64 12.64
C THR A 20 3.94 -3.09 12.65
N MET A 21 4.76 -3.44 11.67
CA MET A 21 5.29 -4.77 11.40
C MET A 21 6.78 -4.88 11.77
N ASN A 22 7.28 -6.11 11.89
CA ASN A 22 8.67 -6.44 12.24
C ASN A 22 9.18 -7.60 11.36
N ALA A 23 10.50 -7.64 11.08
CA ALA A 23 11.10 -8.68 10.24
C ALA A 23 12.63 -8.74 10.40
N THR A 24 13.24 -9.87 10.04
CA THR A 24 14.70 -10.08 10.05
C THR A 24 15.26 -10.16 8.63
N ALA A 25 16.19 -9.25 8.32
CA ALA A 25 16.91 -9.15 7.05
C ALA A 25 17.87 -10.34 6.85
N ASN A 26 18.14 -10.66 5.57
CA ASN A 26 19.12 -11.64 5.07
C ASN A 26 18.76 -13.13 5.31
N LEU A 27 17.60 -13.44 5.91
CA LEU A 27 17.15 -14.82 6.18
C LEU A 27 16.47 -15.49 4.96
N SER A 28 16.29 -14.78 3.85
CA SER A 28 15.66 -15.29 2.60
C SER A 28 14.18 -15.65 2.77
N GLN A 29 13.53 -15.07 3.77
CA GLN A 29 12.10 -15.26 4.09
C GLN A 29 11.21 -14.31 3.29
N SER A 30 9.90 -14.55 3.28
CA SER A 30 8.91 -13.66 2.66
C SER A 30 7.98 -13.06 3.72
N VAL A 31 7.46 -11.87 3.42
CA VAL A 31 6.63 -11.07 4.36
C VAL A 31 5.52 -10.35 3.60
N THR A 32 4.29 -10.34 4.13
CA THR A 32 3.16 -9.56 3.56
C THR A 32 2.65 -8.53 4.58
N LEU A 33 2.31 -7.34 4.11
CA LEU A 33 1.64 -6.27 4.87
C LEU A 33 0.80 -5.39 3.91
N ALA A 34 -0.10 -4.54 4.40
CA ALA A 34 -1.04 -3.91 3.46
C ALA A 34 -1.87 -2.71 3.94
N CYS A 35 -2.42 -2.05 2.93
CA CYS A 35 -3.48 -1.04 3.02
C CYS A 35 -4.74 -1.65 2.36
N ASP A 36 -5.86 -0.95 2.36
CA ASP A 36 -7.08 -1.37 1.67
C ASP A 36 -7.93 -0.17 1.23
N ALA A 37 -8.32 -0.14 -0.05
CA ALA A 37 -8.99 0.98 -0.70
C ALA A 37 -10.37 0.61 -1.25
N ASP A 38 -11.21 1.63 -1.39
CA ASP A 38 -12.59 1.58 -1.91
C ASP A 38 -13.01 2.99 -2.37
N GLY A 39 -14.07 3.12 -3.17
CA GLY A 39 -14.63 4.38 -3.70
C GLY A 39 -15.54 4.13 -4.92
N PHE A 40 -16.31 5.14 -5.36
CA PHE A 40 -17.19 5.04 -6.53
C PHE A 40 -17.11 6.29 -7.44
N PRO A 41 -16.55 6.18 -8.68
CA PRO A 41 -15.99 4.98 -9.29
C PRO A 41 -14.70 4.52 -8.60
N GLU A 42 -14.35 3.24 -8.81
CA GLU A 42 -13.17 2.58 -8.24
C GLU A 42 -11.89 3.45 -8.27
N PRO A 43 -11.11 3.51 -7.17
CA PRO A 43 -10.02 4.48 -7.03
C PRO A 43 -8.70 4.04 -7.68
N THR A 44 -7.84 5.03 -7.86
CA THR A 44 -6.43 4.92 -8.26
C THR A 44 -5.57 5.15 -7.01
N MET A 45 -4.37 4.59 -6.90
CA MET A 45 -3.60 4.62 -5.63
C MET A 45 -2.10 4.32 -5.77
N THR A 46 -1.32 4.79 -4.80
CA THR A 46 0.14 4.66 -4.68
C THR A 46 0.57 4.75 -3.21
N TRP A 47 1.84 4.49 -2.90
CA TRP A 47 2.40 4.58 -1.55
C TRP A 47 3.90 4.86 -1.56
N THR A 48 4.52 5.11 -0.41
CA THR A 48 5.93 5.58 -0.31
C THR A 48 6.79 4.76 0.67
N LYS A 49 8.07 4.58 0.32
CA LYS A 49 9.10 3.78 1.04
C LYS A 49 9.95 4.71 1.95
N ASP A 50 9.30 5.56 2.74
CA ASP A 50 9.89 6.63 3.57
C ASP A 50 10.78 7.64 2.81
N GLY A 51 10.54 7.81 1.50
CA GLY A 51 11.35 8.71 0.66
C GLY A 51 11.17 8.58 -0.86
N GLU A 52 10.57 7.48 -1.37
CA GLU A 52 10.42 7.20 -2.82
C GLU A 52 9.16 6.34 -3.10
N PRO A 53 8.56 6.39 -4.31
CA PRO A 53 7.26 5.77 -4.54
C PRO A 53 7.30 4.26 -4.79
N ILE A 54 6.31 3.56 -4.22
CA ILE A 54 6.01 2.12 -4.32
C ILE A 54 4.93 1.93 -5.43
N GLU A 55 5.19 2.52 -6.59
CA GLU A 55 4.33 2.41 -7.77
C GLU A 55 4.57 1.10 -8.54
N GLN A 56 3.48 0.45 -8.94
CA GLN A 56 3.47 -0.90 -9.54
C GLN A 56 4.14 -1.00 -10.93
N GLU A 57 4.56 0.13 -11.51
CA GLU A 57 5.23 0.20 -12.82
C GLU A 57 6.76 0.24 -12.70
N ASP A 58 7.32 0.29 -11.48
CA ASP A 58 8.77 0.40 -11.21
C ASP A 58 9.22 -0.41 -9.98
N ASN A 59 8.30 -0.96 -9.18
CA ASN A 59 8.59 -1.69 -7.94
C ASN A 59 8.29 -3.18 -8.15
N GLU A 60 9.31 -3.92 -8.62
CA GLU A 60 9.21 -5.30 -9.09
C GLU A 60 10.46 -6.16 -8.75
N GLU A 61 11.45 -5.59 -8.04
CA GLU A 61 12.76 -6.23 -7.79
C GLU A 61 12.73 -7.30 -6.68
N LYS A 62 11.84 -7.15 -5.68
CA LYS A 62 11.54 -8.16 -4.66
C LYS A 62 10.19 -7.92 -3.99
N TYR A 63 9.16 -7.67 -4.81
CA TYR A 63 7.85 -7.18 -4.34
C TYR A 63 6.80 -6.98 -5.43
N SER A 64 5.53 -6.98 -5.03
CA SER A 64 4.29 -6.61 -5.79
C SER A 64 3.04 -6.72 -4.90
N PHE A 65 1.95 -6.02 -5.25
CA PHE A 65 0.63 -6.15 -4.66
C PHE A 65 -0.53 -6.33 -5.65
N ASN A 66 -1.75 -6.57 -5.13
CA ASN A 66 -2.99 -6.72 -5.90
C ASN A 66 -4.02 -5.60 -5.63
N TYR A 67 -4.91 -5.36 -6.60
CA TYR A 67 -5.91 -4.27 -6.58
C TYR A 67 -7.18 -4.60 -5.77
N ASP A 68 -8.15 -3.66 -5.70
CA ASP A 68 -9.33 -3.72 -4.80
C ASP A 68 -8.91 -3.96 -3.32
N GLY A 69 -7.70 -3.49 -3.01
CA GLY A 69 -6.88 -3.71 -1.82
C GLY A 69 -5.47 -3.16 -2.05
N SER A 70 -4.48 -3.61 -1.27
CA SER A 70 -3.08 -3.17 -1.35
C SER A 70 -2.13 -4.14 -0.63
N GLU A 71 -2.30 -5.44 -0.86
CA GLU A 71 -1.54 -6.51 -0.21
C GLU A 71 -0.11 -6.63 -0.74
N LEU A 72 0.83 -5.88 -0.16
CA LEU A 72 2.24 -5.84 -0.56
C LEU A 72 2.98 -7.02 0.02
N ILE A 73 3.44 -7.88 -0.86
CA ILE A 73 4.29 -9.04 -0.55
C ILE A 73 5.72 -8.63 -0.88
N ILE A 74 6.64 -8.89 0.04
CA ILE A 74 8.09 -8.67 -0.09
C ILE A 74 8.78 -10.03 0.02
N LYS A 75 9.75 -10.32 -0.87
CA LYS A 75 10.58 -11.52 -0.78
C LYS A 75 12.00 -11.21 -0.33
N LYS A 76 12.65 -12.23 0.24
CA LYS A 76 14.01 -12.34 0.82
C LYS A 76 14.32 -11.47 2.06
N VAL A 77 13.85 -10.22 2.04
CA VAL A 77 13.88 -9.17 3.08
C VAL A 77 15.27 -8.63 3.37
N ASP A 78 15.40 -7.30 3.39
CA ASP A 78 16.64 -6.58 3.72
C ASP A 78 16.36 -5.32 4.57
N LYS A 79 17.41 -4.71 5.15
CA LYS A 79 17.31 -3.43 5.88
C LYS A 79 16.77 -2.26 5.03
N SER A 80 16.78 -2.40 3.70
CA SER A 80 16.14 -1.47 2.75
C SER A 80 14.61 -1.55 2.73
N ASP A 81 14.01 -2.55 3.41
CA ASP A 81 12.57 -2.65 3.64
C ASP A 81 12.10 -1.94 4.93
N GLU A 82 13.01 -1.39 5.74
CA GLU A 82 12.63 -0.50 6.83
C GLU A 82 11.95 0.75 6.25
N ALA A 83 10.68 0.99 6.61
CA ALA A 83 9.84 1.99 5.94
C ALA A 83 8.65 2.44 6.79
N GLU A 84 8.20 3.67 6.56
CA GLU A 84 6.96 4.24 7.07
C GLU A 84 6.03 4.38 5.84
N TYR A 85 5.22 3.34 5.64
CA TYR A 85 4.39 3.10 4.46
C TYR A 85 3.13 3.97 4.44
N ILE A 86 3.27 5.23 4.03
CA ILE A 86 2.14 6.13 3.79
C ILE A 86 1.50 5.77 2.45
N CYS A 87 0.18 5.51 2.46
CA CYS A 87 -0.60 5.07 1.30
C CYS A 87 -1.77 6.02 0.99
N ILE A 88 -1.89 6.39 -0.29
CA ILE A 88 -2.80 7.44 -0.81
C ILE A 88 -3.71 6.82 -1.88
N ALA A 89 -5.00 7.17 -1.84
CA ALA A 89 -5.93 6.87 -2.91
C ALA A 89 -6.57 8.14 -3.47
N GLU A 90 -7.04 8.07 -4.71
CA GLU A 90 -7.51 9.20 -5.50
C GLU A 90 -8.55 8.73 -6.53
N ASN A 91 -9.60 9.54 -6.78
CA ASN A 91 -10.55 9.35 -7.88
C ASN A 91 -11.14 10.70 -8.36
N LYS A 92 -12.19 10.68 -9.20
CA LYS A 92 -12.81 11.88 -9.79
C LYS A 92 -13.65 12.69 -8.76
N ALA A 93 -13.96 12.11 -7.60
CA ALA A 93 -14.73 12.73 -6.51
C ALA A 93 -13.86 13.28 -5.38
N GLY A 94 -12.67 12.70 -5.12
CA GLY A 94 -11.74 13.17 -4.08
C GLY A 94 -10.45 12.36 -3.93
N GLU A 95 -9.86 12.47 -2.74
CA GLU A 95 -8.58 11.87 -2.34
C GLU A 95 -8.67 11.41 -0.88
N GLN A 96 -7.80 10.47 -0.50
CA GLN A 96 -7.74 9.90 0.86
C GLN A 96 -6.36 9.29 1.19
N ASP A 97 -6.06 9.02 2.46
CA ASP A 97 -4.78 8.43 2.89
C ASP A 97 -4.87 7.61 4.20
N ALA A 98 -3.89 6.70 4.37
CA ALA A 98 -3.59 5.94 5.61
C ALA A 98 -2.08 5.63 5.74
N THR A 99 -1.62 4.99 6.84
CA THR A 99 -0.20 4.77 7.12
C THR A 99 0.07 3.45 7.88
N ILE A 100 1.04 2.67 7.39
CA ILE A 100 1.65 1.50 8.04
C ILE A 100 3.11 1.82 8.43
N HIS A 101 3.79 0.92 9.14
CA HIS A 101 5.21 0.98 9.42
C HIS A 101 5.82 -0.43 9.41
N LEU A 102 7.10 -0.55 9.07
CA LEU A 102 7.87 -1.79 9.07
C LEU A 102 9.27 -1.54 9.63
N LYS A 103 9.55 -2.10 10.82
CA LYS A 103 10.91 -2.16 11.41
C LYS A 103 11.63 -3.43 10.92
N VAL A 104 12.93 -3.33 10.68
CA VAL A 104 13.78 -4.45 10.24
C VAL A 104 15.07 -4.54 11.05
N PHE A 105 15.37 -5.74 11.56
CA PHE A 105 16.59 -6.11 12.28
C PHE A 105 17.35 -7.24 11.55
N ALA A 106 18.45 -7.74 12.11
CA ALA A 106 19.33 -8.72 11.42
C ALA A 106 20.00 -9.72 12.37
N LYS A 107 19.30 -10.04 13.46
CA LYS A 107 19.66 -10.97 14.55
C LYS A 107 18.48 -11.30 15.45
N GLY A 1 -27.98 7.32 -13.85
CA GLY A 1 -27.72 7.89 -12.52
C GLY A 1 -27.10 9.28 -12.60
N LYS A 2 -26.40 9.69 -11.54
CA LYS A 2 -25.73 11.01 -11.37
C LYS A 2 -24.59 10.94 -10.35
N ASP A 3 -23.71 11.92 -10.39
CA ASP A 3 -22.49 11.99 -9.56
C ASP A 3 -22.64 12.90 -8.32
N ILE A 4 -23.76 13.65 -8.20
CA ILE A 4 -23.95 14.70 -7.19
C ILE A 4 -24.63 14.21 -5.91
N GLN A 5 -25.63 13.32 -6.04
CA GLN A 5 -26.53 12.93 -4.93
C GLN A 5 -27.24 11.58 -5.14
N VAL A 6 -26.55 10.65 -5.82
CA VAL A 6 -27.00 9.28 -6.11
C VAL A 6 -25.87 8.29 -5.77
N ILE A 7 -26.23 7.05 -5.41
CA ILE A 7 -25.27 6.01 -4.98
C ILE A 7 -24.55 5.41 -6.20
N VAL A 8 -23.53 6.15 -6.66
CA VAL A 8 -22.68 5.88 -7.85
C VAL A 8 -21.27 6.40 -7.60
N ASN A 9 -21.15 7.58 -6.95
CA ASN A 9 -19.91 8.19 -6.46
C ASN A 9 -19.69 7.89 -4.95
N VAL A 10 -18.49 7.42 -4.62
CA VAL A 10 -18.02 7.07 -3.28
C VAL A 10 -16.52 7.40 -3.22
N PRO A 11 -16.08 8.30 -2.31
CA PRO A 11 -14.67 8.65 -2.16
C PRO A 11 -13.74 7.44 -1.86
N PRO A 12 -12.42 7.56 -2.11
CA PRO A 12 -11.46 6.51 -1.81
C PRO A 12 -11.32 6.39 -0.28
N SER A 13 -11.78 5.28 0.29
CA SER A 13 -11.85 5.04 1.74
C SER A 13 -10.58 4.33 2.22
N VAL A 14 -9.40 4.85 1.84
CA VAL A 14 -8.11 4.20 2.13
C VAL A 14 -7.79 4.22 3.63
N ARG A 15 -7.51 3.06 4.20
CA ARG A 15 -7.01 2.84 5.56
C ARG A 15 -5.73 2.02 5.58
N ALA A 16 -5.17 1.93 6.78
CA ALA A 16 -4.05 1.07 7.13
C ALA A 16 -4.55 -0.28 7.66
N ARG A 17 -4.21 -1.39 6.98
CA ARG A 17 -4.65 -2.75 7.35
C ARG A 17 -3.80 -3.40 8.46
N GLN A 18 -2.72 -2.70 8.87
CA GLN A 18 -1.84 -2.97 10.02
C GLN A 18 -1.09 -1.68 10.39
N SER A 19 -0.67 -1.50 11.66
CA SER A 19 -0.04 -0.27 12.16
C SER A 19 1.49 -0.30 12.05
N THR A 20 2.09 -1.42 12.49
CA THR A 20 3.55 -1.64 12.62
C THR A 20 3.84 -3.11 12.34
N MET A 21 4.52 -3.37 11.22
CA MET A 21 5.03 -4.68 10.81
C MET A 21 6.51 -4.86 11.19
N ASN A 22 7.01 -6.09 11.16
CA ASN A 22 8.39 -6.45 11.49
C ASN A 22 8.78 -7.81 10.89
N ALA A 23 10.08 -8.06 10.69
CA ALA A 23 10.62 -9.29 10.07
C ALA A 23 12.14 -9.42 10.26
N THR A 24 12.66 -10.63 10.07
CA THR A 24 14.07 -10.98 10.29
C THR A 24 14.88 -10.84 9.01
N ALA A 25 15.93 -10.03 9.05
CA ALA A 25 16.78 -9.76 7.89
C ALA A 25 17.77 -10.89 7.55
N ASN A 26 18.08 -11.04 6.26
CA ASN A 26 19.14 -11.89 5.70
C ASN A 26 18.90 -13.42 5.83
N LEU A 27 17.72 -13.84 6.31
CA LEU A 27 17.25 -15.22 6.33
C LEU A 27 16.39 -15.58 5.09
N SER A 28 16.31 -14.69 4.10
CA SER A 28 15.49 -14.82 2.87
C SER A 28 13.97 -14.88 3.18
N GLN A 29 13.55 -14.28 4.28
CA GLN A 29 12.16 -14.27 4.76
C GLN A 29 11.22 -13.44 3.85
N SER A 30 9.91 -13.65 4.01
CA SER A 30 8.83 -13.00 3.23
C SER A 30 7.74 -12.41 4.13
N VAL A 31 7.01 -11.43 3.62
CA VAL A 31 6.05 -10.61 4.41
C VAL A 31 4.91 -10.09 3.55
N THR A 32 3.65 -10.23 3.99
CA THR A 32 2.48 -9.56 3.41
C THR A 32 2.02 -8.43 4.31
N LEU A 33 1.71 -7.27 3.74
CA LEU A 33 1.24 -6.07 4.43
C LEU A 33 0.40 -5.24 3.48
N ALA A 34 -0.43 -4.31 3.98
CA ALA A 34 -1.42 -3.65 3.13
C ALA A 34 -2.00 -2.31 3.61
N CYS A 35 -2.31 -1.44 2.64
CA CYS A 35 -3.07 -0.20 2.79
C CYS A 35 -4.37 -0.33 1.99
N ASP A 36 -5.47 -0.68 2.67
CA ASP A 36 -6.74 -1.05 2.06
C ASP A 36 -7.53 0.14 1.48
N ALA A 37 -7.20 0.52 0.25
CA ALA A 37 -7.95 1.49 -0.55
C ALA A 37 -9.09 0.81 -1.34
N ASP A 38 -10.23 1.49 -1.43
CA ASP A 38 -11.42 1.08 -2.18
C ASP A 38 -12.33 2.31 -2.40
N GLY A 39 -13.18 2.31 -3.44
CA GLY A 39 -14.08 3.42 -3.79
C GLY A 39 -14.83 3.17 -5.11
N PHE A 40 -15.70 4.11 -5.48
CA PHE A 40 -16.53 4.01 -6.71
C PHE A 40 -16.67 5.39 -7.43
N PRO A 41 -16.33 5.50 -8.72
CA PRO A 41 -15.61 4.51 -9.54
C PRO A 41 -14.26 4.09 -8.92
N GLU A 42 -13.73 2.94 -9.34
CA GLU A 42 -12.51 2.31 -8.81
C GLU A 42 -11.34 3.33 -8.64
N PRO A 43 -10.69 3.41 -7.46
CA PRO A 43 -9.76 4.48 -7.16
C PRO A 43 -8.38 4.26 -7.76
N THR A 44 -7.65 5.36 -7.90
CA THR A 44 -6.21 5.40 -8.24
C THR A 44 -5.43 5.60 -6.95
N MET A 45 -4.38 4.82 -6.70
CA MET A 45 -3.60 4.91 -5.46
C MET A 45 -2.13 4.52 -5.63
N THR A 46 -1.28 5.09 -4.79
CA THR A 46 0.17 4.84 -4.70
C THR A 46 0.68 5.08 -3.29
N TRP A 47 1.93 4.69 -3.03
CA TRP A 47 2.56 4.75 -1.70
C TRP A 47 4.09 4.83 -1.77
N THR A 48 4.71 5.32 -0.69
CA THR A 48 6.15 5.68 -0.64
C THR A 48 6.93 4.91 0.43
N LYS A 49 8.23 4.72 0.22
CA LYS A 49 9.18 4.04 1.12
C LYS A 49 9.97 5.11 1.90
N ASP A 50 9.29 5.83 2.80
CA ASP A 50 9.76 7.02 3.52
C ASP A 50 9.99 8.27 2.65
N GLY A 51 9.85 8.16 1.32
CA GLY A 51 9.95 9.30 0.39
C GLY A 51 9.94 8.95 -1.10
N GLU A 52 10.53 7.82 -1.48
CA GLU A 52 10.60 7.32 -2.87
C GLU A 52 9.37 6.43 -3.21
N PRO A 53 8.88 6.37 -4.47
CA PRO A 53 7.62 5.72 -4.81
C PRO A 53 7.72 4.19 -4.95
N ILE A 54 6.76 3.48 -4.38
CA ILE A 54 6.49 2.03 -4.50
C ILE A 54 5.38 1.84 -5.55
N GLU A 55 5.50 2.52 -6.68
CA GLU A 55 4.46 2.63 -7.71
C GLU A 55 4.19 1.32 -8.45
N GLN A 56 2.92 1.10 -8.80
CA GLN A 56 2.40 -0.16 -9.34
C GLN A 56 2.84 -0.45 -10.78
N GLU A 57 3.43 0.53 -11.45
CA GLU A 57 3.81 0.47 -12.88
C GLU A 57 5.31 0.29 -13.14
N ASP A 58 6.15 0.30 -12.09
CA ASP A 58 7.62 0.31 -12.25
C ASP A 58 8.43 -0.23 -11.05
N ASN A 59 7.89 -0.30 -9.84
CA ASN A 59 8.62 -0.71 -8.65
C ASN A 59 8.12 -2.07 -8.15
N GLU A 60 8.86 -3.13 -8.49
CA GLU A 60 8.45 -4.53 -8.36
C GLU A 60 9.63 -5.48 -8.03
N GLU A 61 10.79 -4.91 -7.69
CA GLU A 61 12.09 -5.60 -7.55
C GLU A 61 12.14 -6.86 -6.68
N LYS A 62 11.27 -6.98 -5.67
CA LYS A 62 11.04 -8.21 -4.90
C LYS A 62 9.69 -8.20 -4.22
N TYR A 63 8.65 -7.83 -4.98
CA TYR A 63 7.29 -7.75 -4.49
C TYR A 63 6.23 -7.82 -5.59
N SER A 64 5.01 -8.18 -5.20
CA SER A 64 3.81 -8.32 -6.05
C SER A 64 2.54 -8.15 -5.20
N PHE A 65 1.47 -7.61 -5.81
CA PHE A 65 0.25 -7.16 -5.13
C PHE A 65 -1.07 -7.41 -5.89
N ASN A 66 -2.20 -7.07 -5.25
CA ASN A 66 -3.56 -7.34 -5.70
C ASN A 66 -4.22 -6.27 -6.62
N TYR A 67 -5.47 -6.47 -7.03
CA TYR A 67 -6.19 -5.56 -7.96
C TYR A 67 -6.69 -4.26 -7.30
N ASP A 68 -6.70 -4.17 -5.96
CA ASP A 68 -7.00 -2.96 -5.18
C ASP A 68 -5.74 -2.10 -4.93
N GLY A 69 -4.54 -2.62 -5.23
CA GLY A 69 -3.23 -2.02 -4.94
C GLY A 69 -2.87 -2.04 -3.44
N SER A 70 -3.64 -2.77 -2.62
CA SER A 70 -3.57 -2.73 -1.16
C SER A 70 -2.63 -3.79 -0.59
N GLU A 71 -2.93 -5.08 -0.73
CA GLU A 71 -2.09 -6.17 -0.27
C GLU A 71 -0.85 -6.35 -1.16
N LEU A 72 0.31 -5.95 -0.63
CA LEU A 72 1.63 -6.05 -1.25
C LEU A 72 2.48 -7.07 -0.48
N ILE A 73 2.92 -8.09 -1.21
CA ILE A 73 3.69 -9.22 -0.70
C ILE A 73 5.14 -9.01 -1.09
N ILE A 74 6.00 -8.91 -0.09
CA ILE A 74 7.45 -8.73 -0.19
C ILE A 74 8.11 -10.09 0.01
N LYS A 75 9.18 -10.37 -0.74
CA LYS A 75 9.98 -11.57 -0.60
C LYS A 75 11.49 -11.25 -0.46
N LYS A 76 12.21 -12.20 0.14
CA LYS A 76 13.66 -12.17 0.48
C LYS A 76 14.12 -10.86 1.14
N VAL A 77 13.60 -10.64 2.35
CA VAL A 77 13.77 -9.43 3.18
C VAL A 77 15.17 -9.31 3.81
N ASP A 78 15.68 -8.08 3.91
CA ASP A 78 16.93 -7.70 4.56
C ASP A 78 16.82 -6.31 5.22
N LYS A 79 17.85 -5.88 5.94
CA LYS A 79 17.92 -4.63 6.74
C LYS A 79 17.47 -3.35 5.99
N SER A 80 17.62 -3.34 4.67
CA SER A 80 17.30 -2.21 3.79
C SER A 80 15.80 -2.11 3.45
N ASP A 81 14.98 -3.08 3.86
CA ASP A 81 13.51 -3.07 3.64
C ASP A 81 12.75 -2.29 4.73
N GLU A 82 13.42 -1.78 5.78
CA GLU A 82 12.84 -0.85 6.75
C GLU A 82 12.21 0.37 6.03
N ALA A 83 10.99 0.76 6.42
CA ALA A 83 10.19 1.77 5.74
C ALA A 83 9.09 2.38 6.61
N GLU A 84 8.73 3.64 6.30
CA GLU A 84 7.57 4.38 6.80
C GLU A 84 6.64 4.63 5.60
N TYR A 85 5.63 3.78 5.45
CA TYR A 85 4.76 3.70 4.29
C TYR A 85 3.61 4.69 4.39
N ILE A 86 3.70 5.82 3.67
CA ILE A 86 2.58 6.74 3.51
C ILE A 86 1.86 6.35 2.22
N CYS A 87 0.54 6.15 2.29
CA CYS A 87 -0.29 5.66 1.20
C CYS A 87 -1.49 6.57 0.92
N ILE A 88 -1.63 6.96 -0.36
CA ILE A 88 -2.57 7.97 -0.83
C ILE A 88 -3.48 7.36 -1.90
N ALA A 89 -4.80 7.61 -1.79
CA ALA A 89 -5.77 7.23 -2.80
C ALA A 89 -6.63 8.41 -3.25
N GLU A 90 -7.07 8.37 -4.50
CA GLU A 90 -7.77 9.46 -5.19
C GLU A 90 -8.73 8.91 -6.24
N ASN A 91 -9.88 9.55 -6.41
CA ASN A 91 -10.83 9.28 -7.50
C ASN A 91 -11.66 10.56 -7.84
N LYS A 92 -12.70 10.44 -8.67
CA LYS A 92 -13.57 11.58 -9.05
C LYS A 92 -14.52 12.06 -7.94
N ALA A 93 -14.75 11.23 -6.92
CA ALA A 93 -15.58 11.56 -5.77
C ALA A 93 -14.80 12.16 -4.59
N GLY A 94 -13.51 11.86 -4.43
CA GLY A 94 -12.68 12.36 -3.32
C GLY A 94 -11.20 11.91 -3.31
N GLU A 95 -10.55 12.08 -2.16
CA GLU A 95 -9.10 11.88 -1.98
C GLU A 95 -8.74 11.75 -0.48
N GLN A 96 -7.97 10.72 -0.11
CA GLN A 96 -7.57 10.41 1.29
C GLN A 96 -6.20 9.69 1.40
N ASP A 97 -5.74 9.45 2.63
CA ASP A 97 -4.43 8.84 2.92
C ASP A 97 -4.33 8.17 4.31
N ALA A 98 -3.55 7.09 4.40
CA ALA A 98 -3.17 6.40 5.66
C ALA A 98 -1.63 6.19 5.78
N THR A 99 -1.15 5.63 6.91
CA THR A 99 0.29 5.42 7.22
C THR A 99 0.53 4.08 7.94
N ILE A 100 1.67 3.42 7.67
CA ILE A 100 2.09 2.10 8.23
C ILE A 100 3.61 2.12 8.48
N HIS A 101 4.11 1.43 9.50
CA HIS A 101 5.55 1.23 9.74
C HIS A 101 5.99 -0.21 9.41
N LEU A 102 7.24 -0.41 9.02
CA LEU A 102 7.89 -1.71 8.88
C LEU A 102 9.30 -1.65 9.47
N LYS A 103 9.51 -2.32 10.61
CA LYS A 103 10.78 -2.38 11.37
C LYS A 103 11.47 -3.74 11.20
N VAL A 104 12.32 -3.87 10.21
CA VAL A 104 13.11 -5.10 9.90
C VAL A 104 14.38 -5.11 10.77
N PHE A 105 14.63 -6.22 11.48
CA PHE A 105 15.68 -6.33 12.49
C PHE A 105 16.82 -7.29 12.05
N ALA A 106 18.03 -7.02 12.56
CA ALA A 106 19.27 -7.68 12.19
C ALA A 106 19.51 -8.96 13.04
N LYS A 107 18.48 -9.83 13.13
CA LYS A 107 18.47 -11.12 13.87
C LYS A 107 18.56 -10.94 15.39
N GLY A 1 -21.82 -1.80 -8.36
CA GLY A 1 -22.24 -0.39 -8.26
C GLY A 1 -22.57 0.19 -9.63
N LYS A 2 -23.03 1.44 -9.65
CA LYS A 2 -23.44 2.22 -10.83
C LYS A 2 -23.25 3.71 -10.59
N ASP A 3 -22.87 4.44 -11.63
CA ASP A 3 -22.62 5.91 -11.60
C ASP A 3 -23.89 6.71 -11.95
N ILE A 4 -25.06 6.15 -11.64
CA ILE A 4 -26.40 6.72 -11.89
C ILE A 4 -26.67 7.86 -10.89
N GLN A 5 -27.42 8.89 -11.30
CA GLN A 5 -27.63 10.12 -10.52
C GLN A 5 -28.65 9.99 -9.35
N VAL A 6 -28.78 8.76 -8.83
CA VAL A 6 -29.60 8.39 -7.65
C VAL A 6 -28.82 7.41 -6.75
N ILE A 7 -27.49 7.46 -6.86
CA ILE A 7 -26.51 6.62 -6.15
C ILE A 7 -25.31 7.50 -5.76
N VAL A 8 -24.62 7.16 -4.67
CA VAL A 8 -23.48 7.93 -4.15
C VAL A 8 -22.17 7.48 -4.82
N ASN A 9 -21.42 8.42 -5.36
CA ASN A 9 -20.05 8.21 -5.84
C ASN A 9 -19.09 8.25 -4.63
N VAL A 10 -18.58 7.10 -4.18
CA VAL A 10 -17.81 6.93 -2.93
C VAL A 10 -16.34 7.36 -3.13
N PRO A 11 -15.81 8.28 -2.30
CA PRO A 11 -14.39 8.64 -2.27
C PRO A 11 -13.42 7.45 -2.05
N PRO A 12 -12.12 7.63 -2.25
CA PRO A 12 -11.12 6.57 -2.23
C PRO A 12 -10.55 6.41 -0.80
N SER A 13 -11.30 5.74 0.06
CA SER A 13 -11.07 5.65 1.53
C SER A 13 -9.96 4.65 1.88
N VAL A 14 -8.73 4.97 1.46
CA VAL A 14 -7.55 4.17 1.78
C VAL A 14 -7.24 4.17 3.29
N ARG A 15 -6.76 3.05 3.81
CA ARG A 15 -6.43 2.85 5.22
C ARG A 15 -5.26 1.88 5.42
N ALA A 16 -4.56 1.97 6.55
CA ALA A 16 -3.45 1.09 6.90
C ALA A 16 -3.98 -0.20 7.56
N ARG A 17 -3.69 -1.34 6.93
CA ARG A 17 -4.29 -2.64 7.31
C ARG A 17 -3.82 -3.16 8.68
N GLN A 18 -2.55 -2.94 9.03
CA GLN A 18 -1.90 -3.44 10.26
C GLN A 18 -1.08 -2.39 11.07
N SER A 19 -0.88 -1.19 10.52
CA SER A 19 -0.27 0.02 11.15
C SER A 19 1.24 -0.07 11.41
N THR A 20 1.76 -1.22 11.82
CA THR A 20 3.18 -1.48 12.15
C THR A 20 3.49 -2.97 11.98
N MET A 21 4.48 -3.26 11.13
CA MET A 21 4.98 -4.59 10.79
C MET A 21 6.36 -4.83 11.41
N ASN A 22 6.85 -6.07 11.37
CA ASN A 22 8.20 -6.47 11.77
C ASN A 22 8.69 -7.71 10.99
N ALA A 23 10.00 -7.92 10.91
CA ALA A 23 10.60 -9.01 10.12
C ALA A 23 12.08 -9.28 10.48
N THR A 24 12.53 -10.49 10.19
CA THR A 24 13.93 -10.92 10.38
C THR A 24 14.69 -10.83 9.05
N ALA A 25 15.72 -9.99 9.00
CA ALA A 25 16.55 -9.72 7.82
C ALA A 25 17.59 -10.82 7.54
N ASN A 26 18.01 -10.92 6.28
CA ASN A 26 19.15 -11.71 5.77
C ASN A 26 18.92 -13.23 5.73
N LEU A 27 17.72 -13.71 6.10
CA LEU A 27 17.29 -15.12 6.05
C LEU A 27 16.59 -15.47 4.71
N SER A 28 16.56 -14.54 3.74
CA SER A 28 15.82 -14.62 2.46
C SER A 28 14.30 -14.69 2.68
N GLN A 29 13.81 -14.13 3.79
CA GLN A 29 12.42 -14.22 4.23
C GLN A 29 11.50 -13.31 3.42
N SER A 30 10.19 -13.46 3.59
CA SER A 30 9.14 -12.74 2.87
C SER A 30 8.08 -12.18 3.81
N VAL A 31 7.42 -11.10 3.40
CA VAL A 31 6.49 -10.30 4.22
C VAL A 31 5.33 -9.77 3.38
N THR A 32 4.07 -9.86 3.88
CA THR A 32 2.91 -9.19 3.28
C THR A 32 2.47 -8.02 4.16
N LEU A 33 2.06 -6.90 3.55
CA LEU A 33 1.49 -5.71 4.21
C LEU A 33 0.64 -4.88 3.22
N ALA A 34 -0.17 -3.94 3.70
CA ALA A 34 -1.15 -3.27 2.83
C ALA A 34 -1.70 -1.94 3.35
N CYS A 35 -1.97 -1.05 2.40
CA CYS A 35 -2.73 0.20 2.56
C CYS A 35 -4.02 -0.01 1.76
N ASP A 36 -5.00 -0.74 2.31
CA ASP A 36 -6.17 -1.18 1.52
C ASP A 36 -7.12 -0.04 1.19
N ALA A 37 -7.47 0.07 -0.08
CA ALA A 37 -8.37 1.11 -0.59
C ALA A 37 -9.72 0.54 -1.05
N ASP A 38 -10.74 1.40 -1.01
CA ASP A 38 -12.08 1.15 -1.52
C ASP A 38 -12.78 2.47 -1.89
N GLY A 39 -13.62 2.43 -2.93
CA GLY A 39 -14.34 3.59 -3.49
C GLY A 39 -15.08 3.22 -4.78
N PHE A 40 -15.82 4.16 -5.35
CA PHE A 40 -16.58 3.95 -6.58
C PHE A 40 -16.90 5.27 -7.30
N PRO A 41 -16.71 5.38 -8.64
CA PRO A 41 -16.03 4.42 -9.50
C PRO A 41 -14.55 4.20 -9.09
N GLU A 42 -14.00 3.06 -9.50
CA GLU A 42 -12.70 2.51 -9.08
C GLU A 42 -11.54 3.53 -8.88
N PRO A 43 -10.74 3.42 -7.80
CA PRO A 43 -9.71 4.40 -7.46
C PRO A 43 -8.33 4.11 -8.07
N THR A 44 -7.47 5.15 -8.07
CA THR A 44 -6.03 5.09 -8.37
C THR A 44 -5.26 5.32 -7.06
N MET A 45 -4.06 4.75 -6.92
CA MET A 45 -3.26 4.83 -5.68
C MET A 45 -1.75 4.56 -5.88
N THR A 46 -0.93 5.12 -5.00
CA THR A 46 0.54 4.92 -4.92
C THR A 46 1.02 5.12 -3.47
N TRP A 47 2.27 4.71 -3.16
CA TRP A 47 2.87 4.80 -1.82
C TRP A 47 4.40 4.86 -1.83
N THR A 48 4.97 5.20 -0.67
CA THR A 48 6.40 5.52 -0.51
C THR A 48 6.98 4.95 0.79
N LYS A 49 8.30 4.74 0.85
CA LYS A 49 9.02 4.42 2.11
C LYS A 49 9.83 5.62 2.57
N ASP A 50 9.25 6.42 3.47
CA ASP A 50 9.78 7.68 4.02
C ASP A 50 9.79 8.87 3.02
N GLY A 51 9.92 8.60 1.72
CA GLY A 51 9.87 9.59 0.64
C GLY A 51 10.04 9.04 -0.79
N GLU A 52 10.76 7.92 -0.97
CA GLU A 52 10.96 7.30 -2.30
C GLU A 52 9.81 6.32 -2.66
N PRO A 53 9.42 6.19 -3.94
CA PRO A 53 8.21 5.47 -4.33
C PRO A 53 8.32 3.94 -4.38
N ILE A 54 7.17 3.30 -4.12
CA ILE A 54 6.86 1.86 -4.18
C ILE A 54 5.74 1.67 -5.24
N GLU A 55 5.85 2.39 -6.35
CA GLU A 55 4.86 2.49 -7.43
C GLU A 55 4.38 1.16 -8.02
N GLN A 56 3.25 0.65 -7.53
CA GLN A 56 2.57 -0.57 -8.02
C GLN A 56 2.01 -0.42 -9.45
N GLU A 57 2.23 0.72 -10.11
CA GLU A 57 1.88 0.97 -11.52
C GLU A 57 3.04 0.76 -12.51
N ASP A 58 4.27 0.48 -12.02
CA ASP A 58 5.45 0.35 -12.88
C ASP A 58 6.62 -0.44 -12.25
N ASN A 59 6.74 -0.44 -10.91
CA ASN A 59 7.84 -1.11 -10.18
C ASN A 59 7.40 -2.44 -9.52
N GLU A 60 8.34 -3.37 -9.36
CA GLU A 60 8.20 -4.76 -8.90
C GLU A 60 9.48 -5.32 -8.21
N GLU A 61 10.48 -4.47 -7.93
CA GLU A 61 11.86 -4.75 -7.48
C GLU A 61 12.15 -6.12 -6.83
N LYS A 62 11.36 -6.48 -5.82
CA LYS A 62 11.28 -7.83 -5.18
C LYS A 62 9.91 -8.03 -4.56
N TYR A 63 8.85 -7.75 -5.34
CA TYR A 63 7.49 -7.75 -4.80
C TYR A 63 6.40 -7.97 -5.84
N SER A 64 5.21 -8.31 -5.36
CA SER A 64 4.00 -8.67 -6.14
C SER A 64 2.74 -8.42 -5.30
N PHE A 65 1.64 -8.04 -5.96
CA PHE A 65 0.44 -7.52 -5.31
C PHE A 65 -0.88 -7.76 -6.09
N ASN A 66 -1.98 -7.28 -5.52
CA ASN A 66 -3.31 -7.26 -6.14
C ASN A 66 -4.01 -5.88 -6.07
N TYR A 67 -5.01 -5.68 -6.96
CA TYR A 67 -5.94 -4.54 -6.96
C TYR A 67 -7.20 -4.86 -6.13
N ASP A 68 -8.12 -3.90 -5.96
CA ASP A 68 -9.33 -4.00 -5.09
C ASP A 68 -8.97 -4.25 -3.61
N GLY A 69 -7.82 -3.73 -3.20
CA GLY A 69 -7.18 -3.92 -1.90
C GLY A 69 -5.87 -3.12 -1.85
N SER A 70 -4.74 -3.79 -1.72
CA SER A 70 -3.38 -3.23 -1.84
C SER A 70 -2.27 -4.29 -1.70
N GLU A 71 -2.52 -5.32 -0.89
CA GLU A 71 -1.68 -6.45 -0.44
C GLU A 71 -0.36 -6.60 -1.20
N LEU A 72 0.65 -5.86 -0.73
CA LEU A 72 2.03 -5.88 -1.24
C LEU A 72 2.79 -7.01 -0.54
N ILE A 73 3.21 -8.01 -1.31
CA ILE A 73 4.05 -9.11 -0.83
C ILE A 73 5.48 -8.84 -1.27
N ILE A 74 6.37 -8.60 -0.30
CA ILE A 74 7.80 -8.33 -0.50
C ILE A 74 8.56 -9.61 -0.17
N LYS A 75 9.34 -10.13 -1.10
CA LYS A 75 10.25 -11.25 -0.88
C LYS A 75 11.70 -10.80 -0.77
N LYS A 76 12.53 -11.63 -0.15
CA LYS A 76 13.99 -11.47 0.04
C LYS A 76 14.31 -10.25 0.91
N VAL A 77 13.69 -10.20 2.08
CA VAL A 77 13.71 -9.04 2.98
C VAL A 77 15.05 -8.91 3.73
N ASP A 78 15.52 -7.67 3.89
CA ASP A 78 16.71 -7.30 4.67
C ASP A 78 16.51 -5.94 5.37
N LYS A 79 17.52 -5.45 6.12
CA LYS A 79 17.42 -4.21 6.92
C LYS A 79 17.18 -2.95 6.07
N SER A 80 17.43 -3.01 4.76
CA SER A 80 17.11 -1.96 3.78
C SER A 80 15.59 -1.83 3.49
N ASP A 81 14.77 -2.76 3.96
CA ASP A 81 13.31 -2.70 3.89
C ASP A 81 12.65 -2.01 5.09
N GLU A 82 13.42 -1.51 6.07
CA GLU A 82 12.88 -0.64 7.13
C GLU A 82 12.23 0.60 6.48
N ALA A 83 11.00 0.95 6.87
CA ALA A 83 10.22 1.96 6.18
C ALA A 83 9.07 2.57 7.01
N GLU A 84 8.72 3.80 6.61
CA GLU A 84 7.54 4.55 7.02
C GLU A 84 6.66 4.62 5.77
N TYR A 85 5.72 3.69 5.66
CA TYR A 85 4.91 3.41 4.47
C TYR A 85 3.73 4.38 4.30
N ILE A 86 4.00 5.60 3.85
CA ILE A 86 2.97 6.63 3.62
C ILE A 86 2.33 6.36 2.27
N CYS A 87 1.01 6.33 2.23
CA CYS A 87 0.23 5.88 1.09
C CYS A 87 -0.99 6.75 0.79
N ILE A 88 -1.29 6.95 -0.49
CA ILE A 88 -2.27 7.91 -1.04
C ILE A 88 -3.19 7.23 -2.06
N ALA A 89 -4.48 7.59 -2.05
CA ALA A 89 -5.44 7.20 -3.06
C ALA A 89 -6.26 8.40 -3.57
N GLU A 90 -6.74 8.32 -4.80
CA GLU A 90 -7.47 9.38 -5.50
C GLU A 90 -8.49 8.77 -6.47
N ASN A 91 -9.67 9.38 -6.62
CA ASN A 91 -10.65 8.97 -7.64
C ASN A 91 -11.52 10.16 -8.09
N LYS A 92 -12.61 9.85 -8.77
CA LYS A 92 -13.55 10.81 -9.38
C LYS A 92 -14.44 11.52 -8.35
N ALA A 93 -14.52 11.00 -7.13
CA ALA A 93 -15.29 11.51 -5.99
C ALA A 93 -14.45 12.21 -4.89
N GLY A 94 -13.15 11.93 -4.78
CA GLY A 94 -12.30 12.47 -3.71
C GLY A 94 -10.86 11.98 -3.72
N GLU A 95 -10.22 12.07 -2.54
CA GLU A 95 -8.79 11.80 -2.31
C GLU A 95 -8.56 11.50 -0.82
N GLN A 96 -7.62 10.62 -0.46
CA GLN A 96 -7.34 10.27 0.96
C GLN A 96 -5.96 9.62 1.13
N ASP A 97 -5.54 9.38 2.39
CA ASP A 97 -4.21 8.84 2.74
C ASP A 97 -4.16 8.10 4.09
N ALA A 98 -3.19 7.19 4.24
CA ALA A 98 -2.81 6.48 5.47
C ALA A 98 -1.27 6.27 5.59
N THR A 99 -0.81 5.64 6.68
CA THR A 99 0.62 5.36 6.94
C THR A 99 0.79 4.04 7.73
N ILE A 100 1.60 3.12 7.18
CA ILE A 100 2.07 1.88 7.84
C ILE A 100 3.54 2.11 8.30
N HIS A 101 4.11 1.14 9.02
CA HIS A 101 5.52 1.09 9.40
C HIS A 101 6.07 -0.34 9.30
N LEU A 102 7.39 -0.52 9.27
CA LEU A 102 8.06 -1.82 9.28
C LEU A 102 9.41 -1.73 10.00
N LYS A 103 9.47 -2.28 11.21
CA LYS A 103 10.69 -2.36 12.05
C LYS A 103 11.39 -3.70 11.84
N VAL A 104 12.52 -3.69 11.11
CA VAL A 104 13.30 -4.88 10.73
C VAL A 104 14.47 -5.07 11.70
N PHE A 105 14.74 -6.32 12.10
CA PHE A 105 15.86 -6.74 12.92
C PHE A 105 16.57 -7.95 12.28
N ALA A 106 17.78 -8.30 12.73
CA ALA A 106 18.59 -9.41 12.17
C ALA A 106 18.74 -10.58 13.15
N LYS A 107 17.72 -10.79 13.99
CA LYS A 107 17.68 -11.77 15.09
C LYS A 107 16.43 -12.67 15.08
N GLY A 1 -15.78 9.30 -17.35
CA GLY A 1 -16.29 7.94 -17.09
C GLY A 1 -17.65 8.01 -16.42
N LYS A 2 -17.89 7.22 -15.35
CA LYS A 2 -19.17 7.20 -14.61
C LYS A 2 -19.29 8.23 -13.48
N ASP A 3 -18.71 9.39 -13.76
CA ASP A 3 -18.84 10.65 -13.03
C ASP A 3 -20.12 11.37 -13.51
N ILE A 4 -21.25 10.66 -13.38
CA ILE A 4 -22.59 11.07 -13.86
C ILE A 4 -23.09 12.28 -13.04
N GLN A 5 -24.08 13.03 -13.54
CA GLN A 5 -24.76 14.13 -12.83
C GLN A 5 -25.76 13.62 -11.76
N VAL A 6 -25.46 12.46 -11.16
CA VAL A 6 -26.24 11.64 -10.23
C VAL A 6 -25.23 10.82 -9.40
N ILE A 7 -25.61 10.35 -8.21
CA ILE A 7 -24.75 9.53 -7.34
C ILE A 7 -24.52 8.16 -8.01
N VAL A 8 -23.33 7.99 -8.59
CA VAL A 8 -22.89 6.80 -9.37
C VAL A 8 -21.43 6.49 -9.07
N ASN A 9 -20.58 7.51 -9.02
CA ASN A 9 -19.20 7.41 -8.54
C ASN A 9 -19.13 7.33 -7.00
N VAL A 10 -18.05 6.79 -6.46
CA VAL A 10 -17.80 6.64 -5.03
C VAL A 10 -16.38 7.13 -4.69
N PRO A 11 -16.24 8.22 -3.90
CA PRO A 11 -14.97 8.69 -3.35
C PRO A 11 -14.12 7.57 -2.72
N PRO A 12 -12.79 7.68 -2.76
CA PRO A 12 -11.90 6.67 -2.18
C PRO A 12 -11.86 6.81 -0.66
N SER A 13 -11.44 5.76 0.06
CA SER A 13 -11.51 5.71 1.53
C SER A 13 -10.44 4.84 2.22
N VAL A 14 -9.18 5.01 1.82
CA VAL A 14 -8.06 4.14 2.27
C VAL A 14 -7.82 4.16 3.79
N ARG A 15 -7.48 3.00 4.36
CA ARG A 15 -6.99 2.84 5.74
C ARG A 15 -5.68 2.08 5.81
N ALA A 16 -5.19 1.99 7.04
CA ALA A 16 -4.08 1.13 7.41
C ALA A 16 -4.61 -0.19 8.00
N ARG A 17 -4.20 -1.34 7.46
CA ARG A 17 -4.60 -2.67 7.96
C ARG A 17 -3.87 -3.05 9.27
N GLN A 18 -2.66 -2.53 9.46
CA GLN A 18 -1.86 -2.59 10.70
C GLN A 18 -0.91 -1.38 10.75
N SER A 19 -0.72 -0.78 11.92
CA SER A 19 0.01 0.51 12.07
C SER A 19 1.55 0.35 12.07
N THR A 20 2.09 -0.84 12.38
CA THR A 20 3.52 -1.14 12.49
C THR A 20 3.72 -2.65 12.34
N MET A 21 4.67 -3.00 11.46
CA MET A 21 5.12 -4.37 11.14
C MET A 21 6.55 -4.61 11.62
N ASN A 22 6.91 -5.88 11.74
CA ASN A 22 8.27 -6.35 12.03
C ASN A 22 8.66 -7.50 11.08
N ALA A 23 9.96 -7.69 10.83
CA ALA A 23 10.46 -8.75 9.93
C ALA A 23 11.93 -9.10 10.18
N THR A 24 12.31 -10.34 9.81
CA THR A 24 13.67 -10.90 10.00
C THR A 24 14.48 -10.79 8.73
N ALA A 25 15.66 -10.18 8.83
CA ALA A 25 16.67 -10.11 7.75
C ALA A 25 17.60 -11.34 7.71
N ASN A 26 18.40 -11.42 6.64
CA ASN A 26 19.45 -12.41 6.38
C ASN A 26 18.95 -13.84 6.07
N LEU A 27 17.63 -14.07 6.15
CA LEU A 27 16.96 -15.33 5.81
C LEU A 27 16.44 -15.38 4.34
N SER A 28 16.46 -14.24 3.63
CA SER A 28 15.88 -14.06 2.29
C SER A 28 14.39 -14.47 2.23
N GLN A 29 13.67 -14.29 3.34
CA GLN A 29 12.26 -14.70 3.53
C GLN A 29 11.30 -13.73 2.82
N SER A 30 9.99 -14.01 2.82
CA SER A 30 8.96 -13.14 2.25
C SER A 30 7.92 -12.74 3.30
N VAL A 31 7.38 -11.52 3.16
CA VAL A 31 6.51 -10.86 4.15
C VAL A 31 5.42 -10.02 3.49
N THR A 32 4.19 -10.11 3.99
CA THR A 32 3.02 -9.32 3.52
C THR A 32 2.64 -8.25 4.54
N LEU A 33 2.16 -7.10 4.05
CA LEU A 33 1.58 -6.01 4.82
C LEU A 33 0.61 -5.21 3.93
N ALA A 34 -0.17 -4.26 4.48
CA ALA A 34 -1.22 -3.63 3.68
C ALA A 34 -1.81 -2.28 4.15
N CYS A 35 -2.05 -1.43 3.16
CA CYS A 35 -2.80 -0.18 3.24
C CYS A 35 -4.05 -0.37 2.36
N ASP A 36 -5.20 -0.68 2.97
CA ASP A 36 -6.41 -1.11 2.27
C ASP A 36 -7.33 0.01 1.78
N ALA A 37 -7.46 0.11 0.46
CA ALA A 37 -8.31 1.10 -0.23
C ALA A 37 -9.54 0.47 -0.92
N ASP A 38 -10.58 1.29 -1.08
CA ASP A 38 -11.78 1.00 -1.88
C ASP A 38 -12.31 2.31 -2.53
N GLY A 39 -13.15 2.20 -3.55
CA GLY A 39 -13.86 3.28 -4.23
C GLY A 39 -14.50 2.80 -5.52
N PHE A 40 -15.03 3.71 -6.34
CA PHE A 40 -15.60 3.36 -7.65
C PHE A 40 -15.59 4.57 -8.63
N PRO A 41 -15.00 4.44 -9.83
CA PRO A 41 -14.32 3.26 -10.37
C PRO A 41 -12.95 3.07 -9.68
N GLU A 42 -12.41 1.85 -9.72
CA GLU A 42 -11.05 1.45 -9.29
C GLU A 42 -10.06 2.61 -9.03
N PRO A 43 -9.91 3.09 -7.77
CA PRO A 43 -9.17 4.33 -7.44
C PRO A 43 -7.71 4.40 -7.89
N THR A 44 -7.21 5.63 -7.90
CA THR A 44 -5.81 5.98 -8.20
C THR A 44 -5.05 6.07 -6.87
N MET A 45 -4.45 4.96 -6.44
CA MET A 45 -3.75 4.88 -5.15
C MET A 45 -2.24 4.64 -5.33
N THR A 46 -1.45 5.24 -4.43
CA THR A 46 0.02 5.22 -4.42
C THR A 46 0.55 5.43 -2.99
N TRP A 47 1.81 5.03 -2.77
CA TRP A 47 2.46 5.04 -1.45
C TRP A 47 3.98 5.01 -1.52
N THR A 48 4.64 5.47 -0.45
CA THR A 48 6.09 5.72 -0.43
C THR A 48 6.86 4.86 0.58
N LYS A 49 8.19 4.74 0.37
CA LYS A 49 9.17 4.07 1.26
C LYS A 49 10.03 5.14 1.94
N ASP A 50 9.46 5.83 2.94
CA ASP A 50 10.00 7.02 3.63
C ASP A 50 10.10 8.30 2.75
N GLY A 51 10.02 8.18 1.41
CA GLY A 51 9.99 9.31 0.49
C GLY A 51 9.99 8.97 -1.01
N GLU A 52 10.59 7.84 -1.42
CA GLU A 52 10.54 7.34 -2.82
C GLU A 52 9.31 6.42 -3.03
N PRO A 53 8.77 6.29 -4.26
CA PRO A 53 7.48 5.64 -4.49
C PRO A 53 7.55 4.10 -4.59
N ILE A 54 6.46 3.43 -4.19
CA ILE A 54 6.20 1.98 -4.27
C ILE A 54 4.96 1.75 -5.18
N GLU A 55 4.81 2.57 -6.23
CA GLU A 55 3.67 2.48 -7.17
C GLU A 55 3.89 1.38 -8.21
N GLN A 56 3.02 0.36 -8.19
CA GLN A 56 3.17 -0.89 -8.95
C GLN A 56 3.13 -0.72 -10.49
N GLU A 57 2.85 0.50 -10.95
CA GLU A 57 2.96 0.96 -12.34
C GLU A 57 4.31 0.64 -13.00
N ASP A 58 5.37 0.66 -12.22
CA ASP A 58 6.76 0.43 -12.62
C ASP A 58 7.64 -0.06 -11.45
N ASN A 59 7.22 0.16 -10.19
CA ASN A 59 7.97 -0.26 -9.00
C ASN A 59 7.55 -1.68 -8.58
N GLU A 60 8.35 -2.67 -8.97
CA GLU A 60 8.04 -4.10 -8.85
C GLU A 60 9.23 -4.96 -8.39
N GLU A 61 10.37 -4.33 -8.09
CA GLU A 61 11.70 -4.93 -7.80
C GLU A 61 11.75 -6.32 -7.15
N LYS A 62 10.93 -6.52 -6.11
CA LYS A 62 10.71 -7.81 -5.45
C LYS A 62 9.40 -7.80 -4.66
N TYR A 63 8.33 -7.31 -5.32
CA TYR A 63 7.04 -7.05 -4.66
C TYR A 63 5.86 -6.81 -5.61
N SER A 64 4.67 -7.21 -5.14
CA SER A 64 3.40 -7.22 -5.86
C SER A 64 2.19 -7.43 -4.92
N PHE A 65 0.98 -7.05 -5.37
CA PHE A 65 -0.23 -7.05 -4.54
C PHE A 65 -1.52 -7.63 -5.17
N ASN A 66 -2.63 -7.54 -4.42
CA ASN A 66 -3.98 -8.06 -4.77
C ASN A 66 -4.80 -7.09 -5.65
N TYR A 67 -6.07 -7.44 -5.90
CA TYR A 67 -7.00 -6.69 -6.76
C TYR A 67 -7.51 -5.37 -6.16
N ASP A 68 -7.43 -5.21 -4.82
CA ASP A 68 -7.76 -3.95 -4.10
C ASP A 68 -6.53 -3.02 -3.95
N GLY A 69 -5.35 -3.47 -4.38
CA GLY A 69 -4.09 -2.74 -4.23
C GLY A 69 -3.56 -2.71 -2.78
N SER A 70 -4.07 -3.58 -1.90
CA SER A 70 -3.82 -3.52 -0.45
C SER A 70 -2.70 -4.43 0.03
N GLU A 71 -2.80 -5.75 -0.14
CA GLU A 71 -1.87 -6.75 0.41
C GLU A 71 -0.57 -6.83 -0.41
N LEU A 72 0.39 -5.94 -0.11
CA LEU A 72 1.70 -5.89 -0.75
C LEU A 72 2.62 -6.95 -0.14
N ILE A 73 3.04 -7.88 -0.99
CA ILE A 73 3.93 -8.98 -0.63
C ILE A 73 5.34 -8.58 -1.07
N ILE A 74 6.30 -8.63 -0.16
CA ILE A 74 7.72 -8.38 -0.44
C ILE A 74 8.48 -9.69 -0.27
N LYS A 75 9.26 -10.10 -1.25
CA LYS A 75 10.17 -11.26 -1.16
C LYS A 75 11.63 -10.81 -0.99
N LYS A 76 12.44 -11.73 -0.45
CA LYS A 76 13.89 -11.59 -0.20
C LYS A 76 14.20 -10.49 0.81
N VAL A 77 13.56 -10.53 1.98
CA VAL A 77 13.63 -9.46 2.97
C VAL A 77 15.00 -9.37 3.64
N ASP A 78 15.51 -8.14 3.78
CA ASP A 78 16.73 -7.79 4.52
C ASP A 78 16.64 -6.35 5.07
N LYS A 79 17.68 -5.84 5.72
CA LYS A 79 17.73 -4.50 6.37
C LYS A 79 17.40 -3.32 5.43
N SER A 80 17.57 -3.50 4.12
CA SER A 80 17.20 -2.52 3.10
C SER A 80 15.67 -2.36 2.90
N ASP A 81 14.84 -3.25 3.45
CA ASP A 81 13.37 -3.21 3.39
C ASP A 81 12.72 -2.45 4.56
N GLU A 82 13.50 -1.93 5.51
CA GLU A 82 13.00 -1.07 6.58
C GLU A 82 12.43 0.24 5.99
N ALA A 83 11.25 0.66 6.45
CA ALA A 83 10.48 1.76 5.82
C ALA A 83 9.40 2.38 6.72
N GLU A 84 8.95 3.58 6.34
CA GLU A 84 7.78 4.25 6.90
C GLU A 84 6.89 4.65 5.71
N TYR A 85 5.68 4.13 5.68
CA TYR A 85 4.79 4.23 4.53
C TYR A 85 3.71 5.29 4.73
N ILE A 86 3.67 6.26 3.81
CA ILE A 86 2.56 7.22 3.71
C ILE A 86 1.78 6.78 2.47
N CYS A 87 0.50 6.49 2.63
CA CYS A 87 -0.35 5.93 1.57
C CYS A 87 -1.60 6.75 1.28
N ILE A 88 -1.89 6.96 0.00
CA ILE A 88 -2.92 7.89 -0.48
C ILE A 88 -3.77 7.18 -1.56
N ALA A 89 -5.08 7.44 -1.57
CA ALA A 89 -6.01 7.03 -2.61
C ALA A 89 -6.80 8.23 -3.11
N GLU A 90 -6.93 8.37 -4.42
CA GLU A 90 -7.54 9.51 -5.11
C GLU A 90 -8.52 9.02 -6.19
N ASN A 91 -9.54 9.82 -6.50
CA ASN A 91 -10.43 9.62 -7.63
C ASN A 91 -10.93 11.00 -8.11
N LYS A 92 -11.63 11.05 -9.25
CA LYS A 92 -12.29 12.31 -9.67
C LYS A 92 -13.35 12.86 -8.68
N ALA A 93 -13.89 11.96 -7.86
CA ALA A 93 -14.92 12.25 -6.86
C ALA A 93 -14.38 12.63 -5.46
N GLY A 94 -13.10 12.36 -5.13
CA GLY A 94 -12.56 12.59 -3.79
C GLY A 94 -11.13 12.08 -3.56
N GLU A 95 -10.73 11.98 -2.28
CA GLU A 95 -9.34 11.69 -1.85
C GLU A 95 -9.31 11.25 -0.38
N GLN A 96 -8.37 10.38 -0.01
CA GLN A 96 -8.13 9.93 1.38
C GLN A 96 -6.70 9.37 1.57
N ASP A 97 -6.24 9.19 2.82
CA ASP A 97 -4.88 8.72 3.15
C ASP A 97 -4.78 7.96 4.51
N ALA A 98 -3.75 7.10 4.63
CA ALA A 98 -3.34 6.41 5.87
C ALA A 98 -1.80 6.30 6.01
N THR A 99 -1.30 5.67 7.08
CA THR A 99 0.13 5.60 7.42
C THR A 99 0.46 4.29 8.17
N ILE A 100 1.64 3.71 7.88
CA ILE A 100 2.15 2.43 8.39
C ILE A 100 3.68 2.54 8.59
N HIS A 101 4.32 1.63 9.35
CA HIS A 101 5.78 1.50 9.47
C HIS A 101 6.20 0.02 9.39
N LEU A 102 7.42 -0.27 8.94
CA LEU A 102 8.01 -1.60 8.95
C LEU A 102 9.44 -1.55 9.50
N LYS A 103 9.62 -2.14 10.69
CA LYS A 103 10.95 -2.37 11.29
C LYS A 103 11.53 -3.71 10.82
N VAL A 104 12.86 -3.84 10.72
CA VAL A 104 13.57 -5.07 10.35
C VAL A 104 14.72 -5.37 11.31
N PHE A 105 14.83 -6.61 11.82
CA PHE A 105 15.88 -7.06 12.70
C PHE A 105 16.77 -8.15 12.06
N ALA A 106 18.06 -8.13 12.36
CA ALA A 106 19.07 -9.07 11.83
C ALA A 106 19.27 -10.29 12.76
N LYS A 107 18.15 -10.98 13.03
CA LYS A 107 18.03 -12.22 13.85
C LYS A 107 18.33 -11.97 15.33
N GLY A 1 -22.87 4.57 1.75
CA GLY A 1 -23.17 4.01 0.41
C GLY A 1 -22.11 3.05 -0.09
N LYS A 2 -22.38 2.35 -1.18
CA LYS A 2 -21.51 1.32 -1.80
C LYS A 2 -21.87 1.10 -3.27
N ASP A 3 -20.95 0.49 -4.04
CA ASP A 3 -21.24 0.04 -5.40
C ASP A 3 -22.05 -1.28 -5.38
N ILE A 4 -22.95 -1.52 -6.35
CA ILE A 4 -23.90 -2.67 -6.34
C ILE A 4 -23.60 -3.65 -7.48
N GLN A 5 -23.97 -3.31 -8.70
CA GLN A 5 -23.65 -4.00 -9.98
C GLN A 5 -23.93 -3.12 -11.21
N VAL A 6 -23.87 -1.80 -10.97
CA VAL A 6 -24.28 -0.66 -11.80
C VAL A 6 -23.46 0.54 -11.30
N ILE A 7 -23.30 1.58 -12.14
CA ILE A 7 -22.59 2.82 -11.78
C ILE A 7 -23.26 3.49 -10.56
N VAL A 8 -22.62 3.36 -9.39
CA VAL A 8 -23.03 3.88 -8.07
C VAL A 8 -21.69 4.14 -7.36
N ASN A 9 -21.27 5.40 -7.34
CA ASN A 9 -19.93 5.80 -6.91
C ASN A 9 -19.67 5.77 -5.39
N VAL A 10 -18.38 5.65 -5.07
CA VAL A 10 -17.84 5.56 -3.72
C VAL A 10 -16.44 6.22 -3.67
N PRO A 11 -16.16 7.11 -2.68
CA PRO A 11 -14.82 7.66 -2.45
C PRO A 11 -13.69 6.62 -2.25
N PRO A 12 -12.41 7.00 -2.38
CA PRO A 12 -11.23 6.13 -2.31
C PRO A 12 -10.70 6.12 -0.85
N SER A 13 -11.46 5.49 0.03
CA SER A 13 -11.28 5.55 1.49
C SER A 13 -10.12 4.67 1.99
N VAL A 14 -8.88 5.00 1.57
CA VAL A 14 -7.71 4.26 2.03
C VAL A 14 -7.46 4.47 3.52
N ARG A 15 -7.14 3.35 4.19
CA ARG A 15 -6.78 3.25 5.63
C ARG A 15 -5.51 2.40 5.78
N ALA A 16 -5.02 2.25 7.01
CA ALA A 16 -3.92 1.35 7.34
C ALA A 16 -4.46 -0.02 7.81
N ARG A 17 -4.07 -1.12 7.16
CA ARG A 17 -4.46 -2.48 7.55
C ARG A 17 -3.72 -2.97 8.80
N GLN A 18 -2.50 -2.47 8.99
CA GLN A 18 -1.64 -2.59 10.18
C GLN A 18 -0.79 -1.32 10.29
N SER A 19 -0.60 -0.78 11.51
CA SER A 19 0.14 0.48 11.70
C SER A 19 1.66 0.28 11.84
N THR A 20 2.10 -0.90 12.34
CA THR A 20 3.50 -1.30 12.45
C THR A 20 3.62 -2.79 12.10
N MET A 21 4.47 -3.08 11.12
CA MET A 21 4.87 -4.41 10.67
C MET A 21 6.31 -4.68 11.11
N ASN A 22 6.70 -5.96 11.08
CA ASN A 22 8.04 -6.43 11.39
C ASN A 22 8.36 -7.74 10.65
N ALA A 23 9.65 -8.01 10.49
CA ALA A 23 10.20 -9.10 9.65
C ALA A 23 11.68 -9.38 9.96
N THR A 24 12.16 -10.55 9.58
CA THR A 24 13.51 -11.04 9.91
C THR A 24 14.45 -11.00 8.70
N ALA A 25 15.50 -10.21 8.79
CA ALA A 25 16.60 -10.13 7.81
C ALA A 25 17.60 -11.29 7.98
N ASN A 26 18.42 -11.52 6.94
CA ASN A 26 19.36 -12.65 6.78
C ASN A 26 18.68 -14.01 6.56
N LEU A 27 17.35 -14.12 6.76
CA LEU A 27 16.53 -15.32 6.48
C LEU A 27 15.72 -15.21 5.17
N SER A 28 15.80 -14.07 4.46
CA SER A 28 15.22 -13.85 3.12
C SER A 28 13.71 -14.09 3.07
N GLN A 29 12.99 -13.64 4.11
CA GLN A 29 11.54 -13.89 4.25
C GLN A 29 10.69 -13.21 3.15
N SER A 30 9.51 -13.77 2.94
CA SER A 30 8.45 -13.18 2.10
C SER A 30 7.31 -12.70 2.99
N VAL A 31 6.90 -11.44 2.87
CA VAL A 31 5.98 -10.78 3.81
C VAL A 31 4.94 -9.91 3.09
N THR A 32 3.69 -9.95 3.56
CA THR A 32 2.60 -9.10 3.06
C THR A 32 2.29 -7.98 4.05
N LEU A 33 1.99 -6.78 3.54
CA LEU A 33 1.51 -5.61 4.29
C LEU A 33 0.59 -4.74 3.40
N ALA A 34 -0.19 -3.80 3.96
CA ALA A 34 -1.23 -3.15 3.16
C ALA A 34 -1.85 -1.85 3.70
N CYS A 35 -2.17 -0.97 2.76
CA CYS A 35 -3.00 0.22 2.98
C CYS A 35 -4.38 -0.11 2.37
N ASP A 36 -5.36 -0.48 3.19
CA ASP A 36 -6.66 -1.01 2.75
C ASP A 36 -7.55 0.05 2.06
N ALA A 37 -7.30 0.26 0.77
CA ALA A 37 -8.08 1.11 -0.11
C ALA A 37 -9.24 0.35 -0.75
N ASP A 38 -10.32 1.06 -0.98
CA ASP A 38 -11.52 0.64 -1.72
C ASP A 38 -12.29 1.88 -2.20
N GLY A 39 -13.04 1.76 -3.28
CA GLY A 39 -13.82 2.84 -3.88
C GLY A 39 -14.44 2.42 -5.24
N PHE A 40 -15.17 3.34 -5.87
CA PHE A 40 -15.76 3.11 -7.19
C PHE A 40 -16.03 4.44 -7.95
N PRO A 41 -15.62 4.59 -9.22
CA PRO A 41 -14.77 3.66 -9.98
C PRO A 41 -13.37 3.50 -9.37
N GLU A 42 -12.73 2.37 -9.71
CA GLU A 42 -11.39 1.93 -9.32
C GLU A 42 -10.38 3.08 -8.99
N PRO A 43 -10.05 3.29 -7.71
CA PRO A 43 -9.16 4.38 -7.30
C PRO A 43 -7.74 4.35 -7.88
N THR A 44 -7.16 5.55 -7.93
CA THR A 44 -5.72 5.76 -8.23
C THR A 44 -5.00 5.97 -6.91
N MET A 45 -3.82 5.38 -6.68
CA MET A 45 -3.13 5.47 -5.38
C MET A 45 -1.63 5.15 -5.45
N THR A 46 -0.86 5.68 -4.51
CA THR A 46 0.59 5.39 -4.33
C THR A 46 1.00 5.54 -2.86
N TRP A 47 2.26 5.19 -2.55
CA TRP A 47 2.83 5.19 -1.20
C TRP A 47 4.37 5.31 -1.21
N THR A 48 5.01 5.43 -0.04
CA THR A 48 6.45 5.78 0.08
C THR A 48 7.29 4.77 0.90
N LYS A 49 8.58 4.67 0.56
CA LYS A 49 9.59 3.80 1.19
C LYS A 49 10.56 4.67 2.02
N ASP A 50 10.03 5.50 2.92
CA ASP A 50 10.74 6.49 3.77
C ASP A 50 11.24 7.75 3.02
N GLY A 51 11.37 7.70 1.69
CA GLY A 51 11.89 8.81 0.87
C GLY A 51 11.88 8.61 -0.65
N GLU A 52 11.11 7.65 -1.18
CA GLU A 52 10.98 7.32 -2.60
C GLU A 52 9.68 6.55 -2.86
N PRO A 53 9.10 6.58 -4.08
CA PRO A 53 7.75 6.06 -4.33
C PRO A 53 7.68 4.54 -4.55
N ILE A 54 6.72 3.91 -3.88
CA ILE A 54 6.27 2.53 -4.04
C ILE A 54 5.15 2.52 -5.11
N GLU A 55 5.56 2.85 -6.34
CA GLU A 55 4.78 2.75 -7.59
C GLU A 55 4.54 1.29 -8.01
N GLN A 56 3.83 0.54 -7.17
CA GLN A 56 3.48 -0.89 -7.34
C GLN A 56 3.06 -1.36 -8.74
N GLU A 57 2.51 -0.44 -9.55
CA GLU A 57 2.03 -0.70 -10.92
C GLU A 57 3.14 -0.68 -11.98
N ASP A 58 4.31 -0.12 -11.65
CA ASP A 58 5.47 0.07 -12.53
C ASP A 58 6.77 -0.49 -11.94
N ASN A 59 6.92 -0.55 -10.61
CA ASN A 59 8.06 -1.23 -9.97
C ASN A 59 7.82 -2.76 -9.80
N GLU A 60 8.89 -3.52 -9.61
CA GLU A 60 8.86 -5.00 -9.60
C GLU A 60 10.10 -5.70 -9.01
N GLU A 61 11.06 -4.95 -8.49
CA GLU A 61 12.40 -5.47 -8.10
C GLU A 61 12.42 -6.57 -7.02
N LYS A 62 11.43 -6.59 -6.12
CA LYS A 62 11.21 -7.68 -5.13
C LYS A 62 9.79 -7.62 -4.54
N TYR A 63 8.78 -7.50 -5.40
CA TYR A 63 7.41 -7.26 -4.95
C TYR A 63 6.33 -7.37 -6.05
N SER A 64 5.07 -7.54 -5.59
CA SER A 64 3.81 -7.68 -6.36
C SER A 64 2.61 -7.51 -5.43
N PHE A 65 1.42 -7.22 -5.96
CA PHE A 65 0.25 -6.82 -5.16
C PHE A 65 -1.12 -7.36 -5.65
N ASN A 66 -2.20 -7.07 -4.92
CA ASN A 66 -3.55 -7.60 -5.09
C ASN A 66 -4.45 -6.80 -6.08
N TYR A 67 -5.70 -7.23 -6.27
CA TYR A 67 -6.67 -6.64 -7.22
C TYR A 67 -7.43 -5.40 -6.67
N ASP A 68 -7.37 -5.17 -5.36
CA ASP A 68 -7.89 -3.95 -4.70
C ASP A 68 -6.88 -2.78 -4.70
N GLY A 69 -5.61 -3.07 -5.00
CA GLY A 69 -4.50 -2.10 -5.03
C GLY A 69 -3.89 -1.86 -3.64
N SER A 70 -4.27 -2.67 -2.65
CA SER A 70 -3.95 -2.43 -1.23
C SER A 70 -2.82 -3.32 -0.66
N GLU A 71 -2.90 -4.64 -0.89
CA GLU A 71 -1.98 -5.61 -0.29
C GLU A 71 -0.74 -5.78 -1.17
N LEU A 72 0.39 -5.24 -0.68
CA LEU A 72 1.71 -5.37 -1.26
C LEU A 72 2.50 -6.50 -0.60
N ILE A 73 3.02 -7.40 -1.43
CA ILE A 73 3.80 -8.56 -1.00
C ILE A 73 5.26 -8.29 -1.37
N ILE A 74 6.17 -8.35 -0.39
CA ILE A 74 7.61 -8.14 -0.55
C ILE A 74 8.31 -9.49 -0.36
N LYS A 75 9.07 -9.92 -1.36
CA LYS A 75 9.92 -11.11 -1.25
C LYS A 75 11.35 -10.75 -0.81
N LYS A 76 12.08 -11.76 -0.33
CA LYS A 76 13.49 -11.72 0.11
C LYS A 76 13.84 -10.49 0.97
N VAL A 77 13.01 -10.19 1.96
CA VAL A 77 13.18 -9.09 2.91
C VAL A 77 14.56 -9.09 3.60
N ASP A 78 15.13 -7.90 3.77
CA ASP A 78 16.31 -7.64 4.59
C ASP A 78 16.26 -6.21 5.15
N LYS A 79 17.29 -5.74 5.86
CA LYS A 79 17.26 -4.40 6.51
C LYS A 79 17.18 -3.22 5.54
N SER A 80 17.38 -3.44 4.24
CA SER A 80 17.12 -2.46 3.17
C SER A 80 15.62 -2.21 2.93
N ASP A 81 14.72 -3.01 3.53
CA ASP A 81 13.27 -2.85 3.49
C ASP A 81 12.67 -2.11 4.70
N GLU A 82 13.48 -1.82 5.73
CA GLU A 82 13.08 -0.94 6.84
C GLU A 82 12.54 0.40 6.28
N ALA A 83 11.31 0.79 6.63
CA ALA A 83 10.62 1.92 5.99
C ALA A 83 9.49 2.55 6.82
N GLU A 84 9.18 3.81 6.51
CA GLU A 84 8.03 4.54 7.00
C GLU A 84 7.19 5.00 5.80
N TYR A 85 5.93 4.58 5.75
CA TYR A 85 5.06 4.72 4.59
C TYR A 85 3.95 5.73 4.83
N ILE A 86 3.70 6.60 3.84
CA ILE A 86 2.53 7.47 3.79
C ILE A 86 1.82 7.15 2.47
N CYS A 87 0.58 6.64 2.56
CA CYS A 87 -0.20 6.13 1.45
C CYS A 87 -1.41 7.03 1.16
N ILE A 88 -1.62 7.32 -0.13
CA ILE A 88 -2.61 8.31 -0.60
C ILE A 88 -3.44 7.67 -1.72
N ALA A 89 -4.75 7.87 -1.72
CA ALA A 89 -5.67 7.40 -2.75
C ALA A 89 -6.63 8.51 -3.19
N GLU A 90 -7.02 8.48 -4.47
CA GLU A 90 -7.80 9.53 -5.13
C GLU A 90 -8.66 8.94 -6.26
N ASN A 91 -9.87 9.48 -6.47
CA ASN A 91 -10.70 9.17 -7.63
C ASN A 91 -11.70 10.33 -7.95
N LYS A 92 -12.68 10.10 -8.85
CA LYS A 92 -13.72 11.10 -9.20
C LYS A 92 -14.74 11.39 -8.09
N ALA A 93 -14.88 10.48 -7.13
CA ALA A 93 -15.77 10.62 -5.97
C ALA A 93 -15.12 11.28 -4.75
N GLY A 94 -13.80 11.20 -4.56
CA GLY A 94 -13.13 11.76 -3.38
C GLY A 94 -11.59 11.57 -3.33
N GLU A 95 -11.04 11.66 -2.13
CA GLU A 95 -9.60 11.57 -1.82
C GLU A 95 -9.41 11.11 -0.36
N GLN A 96 -8.36 10.35 -0.04
CA GLN A 96 -8.02 9.93 1.32
C GLN A 96 -6.55 9.51 1.48
N ASP A 97 -6.11 9.20 2.71
CA ASP A 97 -4.71 8.86 3.07
C ASP A 97 -4.56 8.16 4.44
N ALA A 98 -3.49 7.36 4.61
CA ALA A 98 -3.08 6.69 5.86
C ALA A 98 -1.55 6.46 5.98
N THR A 99 -1.07 5.86 7.09
CA THR A 99 0.35 5.74 7.47
C THR A 99 0.69 4.36 8.05
N ILE A 100 1.88 3.81 7.75
CA ILE A 100 2.40 2.50 8.21
C ILE A 100 3.91 2.61 8.49
N HIS A 101 4.46 1.67 9.27
CA HIS A 101 5.90 1.47 9.47
C HIS A 101 6.29 -0.02 9.34
N LEU A 102 7.51 -0.33 8.89
CA LEU A 102 8.10 -1.66 8.87
C LEU A 102 9.49 -1.61 9.54
N LYS A 103 9.61 -2.26 10.70
CA LYS A 103 10.89 -2.49 11.39
C LYS A 103 11.45 -3.90 11.13
N VAL A 104 12.51 -3.99 10.34
CA VAL A 104 13.17 -5.28 10.00
C VAL A 104 14.38 -5.51 10.91
N PHE A 105 14.44 -6.63 11.61
CA PHE A 105 15.51 -6.97 12.56
C PHE A 105 16.45 -8.06 12.02
N ALA A 106 17.72 -7.99 12.43
CA ALA A 106 18.80 -8.91 12.02
C ALA A 106 18.92 -10.14 12.95
N LYS A 107 17.78 -10.81 13.19
CA LYS A 107 17.59 -12.03 14.04
C LYS A 107 17.70 -11.74 15.54
#